data_8WGC
#
_entry.id   8WGC
#
loop_
_entity.id
_entity.type
_entity.pdbx_description
1 polymer 'Metabotropic glutamate receptor 2'
2 polymer 'Metabotropic glutamate receptor 4'
3 non-polymer '(1R,4R,5S,6R)-4-azanyl-2-oxabicyclo[3.1.0]hexane-4,6-dicarboxylic acid'
#
loop_
_entity_poly.entity_id
_entity_poly.type
_entity_poly.pdbx_seq_one_letter_code
_entity_poly.pdbx_strand_id
1 'polypeptide(L)'
;EGPAKKVLTLEGDLVLGGLFPVHQKGGPAEDCGPVNEHRGIQRLEAMLFALDRINRDPHLLPGVRLGAHILDSCSKDTHA
LEQALDFVRASLSRGADGSRHICPDGSYATHGDAPTAITGVIGGSYSDVSIQVANLLRLFQIPQISYASTSAKLSDKSRY
DYFARTVPPDFFQAKAMAEILRFFNWTYVSTVASEGDYGETGIEAFELEARARNICVATSEKVGRAMSRAAFEGVVRALL
QKPSARVAVLFTRSEDARELLAASQRLNASFTWVASDGWGALESVVAGSEGAAEGAITIELASYPISDFASYFQSLDPWN
NSRNPWFREFWEQRFRCSFRQRDCAAHSLRAVPFEQESKIMFVVNAVYAMAHALHNMHRALCPNTTRLCDAMRPVNGRRL
YKDFVLNVKFDAPFRPADTHNEVRFDRFGDGIGRYNIFTYLRAGSGRYRYQKVGYWAEGLTLDTSLIPWASPSAGPLPAS
RCSEPCLQNEVKSVQPGEVCCWLCIPCQPYEYRLDEFTCADCGLGYWPNASLTGCFELPQEYIRWGDAWAVGPVTIACLG
ALATLFVLGVFVRHNATPVVKASGRELCYILLGGVFLCYCMTFIFIAKPSTAVCTLRRLGLGTAFSVCYSALLTKTNRIA
RIFGGAREGAQRPRFISPASQVAICLALISGQLLIVVAWLVVEAPGTGKETAPERREVVTLRCNHRDASMLGSLAYNVLL
IALCTLYAFKTRKCPENFNEAKFIGFTMYTTCIIWLAFLPIFYVTSSDYRVQTTTMCVSVSLSGSVVLGCLFAPKLHIIL
FQPQKNVVSHRAPTSRFGSAAARASSSLGQGSGSQFVPTVCNGREVVDSTTSSL
;
D
2 'polypeptide(L)'
;KPKGHPHMNSIRIDGDITLGGLFPVHGRGSEGKPCGELKKEKGIHRLEAMLFALDRINNDPDLLPNITLGARILDTCSRD
THALEQSLTFVQALIEKDGTEVRCGSGGPPIITKPERVVGVIGASGSSVSIMVANILRLFKIPQISYASTAPDLSDNSRY
DFFSRVVPSDTYQAQAMVDIVRALKWNYVSTVASEGSYGESGVEAFIQKSREDGGVCIAQSVKIPREPKAGEFDKIIRRL
LETSNARAVIIFANEDDIRRVLEAARRANQTGHFFWMGSDSWGSKIAPVLHLEEVAEGAVTILPKRMSVRGFDRYFSSRT
LDNNRRNIWFAEFWEDNFHCKLSRHALKKGSHVKKCTNRERIGQDSAYEQEGKVQFVIDAVYAMGHALHAMHRDLCPGRV
GLCPRMDPVDGTQLLKYIRNVNFSGIAGNPVTFNENGDAPGRYDIYQYQLRNDSAEYKVIGSWTDHLHLRIERMHWPGSG
QQLPRSICSLPCQPGERKKTVKGMPCCWHCEPCTGYQYQVDRYTCKTCPYDMRPTENRTGCRPIPIIKLEWGSPWAVLPL
FLAVVGIAATLFVVITFVRYNDTPIVKASGRELSYVLLAGIFLCYATTFLMIAEPDLGTCSLRRIFLGLGMSISYAALLT
KTNRIYRIFEQGKRSVSAPRFISPASQLAITFSLISLQLLGICVWFVVDPSHSVVDFQDQRTLDPRFARGVLKCDISDLS
LICLLGYSMLLMVTCTVYAIKTRGVPETFNEAKPIGFTMYTTCIVWLAFIPIFFGTSQSADKLYIQTTTLTVSVSLSASV
SLGMLYMPKVYIILFHPEQNVPKRKRSLKAVVTAATMSNKFTQKGNFRPNGEAKSELCENLEAPALATKQTYVTYTNHAI
;
A
#
loop_
_chem_comp.id
_chem_comp.type
_chem_comp.name
_chem_comp.formula
W92 non-polymer '(1R,4R,5S,6R)-4-azanyl-2-oxabicyclo[3.1.0]hexane-4,6-dicarboxylic acid' 'C7 H9 N O5'
#
# COMPACT_ATOMS: atom_id res chain seq x y z
N LYS A 5 23.65 -51.02 27.26
CA LYS A 5 24.54 -52.16 27.33
C LYS A 5 25.79 -51.84 28.14
N LYS A 6 26.59 -50.91 27.62
CA LYS A 6 27.84 -50.54 28.27
C LYS A 6 27.92 -49.03 28.45
N VAL A 7 28.53 -48.62 29.56
CA VAL A 7 28.76 -47.21 29.86
C VAL A 7 30.17 -47.04 30.39
N LEU A 8 30.78 -45.89 30.11
CA LEU A 8 32.11 -45.57 30.59
C LEU A 8 31.97 -44.85 31.94
N THR A 9 32.57 -45.34 33.02
CA THR A 9 32.51 -44.62 34.30
C THR A 9 33.86 -44.53 34.97
N LEU A 10 34.13 -43.37 35.56
CA LEU A 10 35.34 -43.09 36.33
C LEU A 10 35.01 -42.49 37.69
N GLU A 11 35.80 -42.81 38.71
CA GLU A 11 35.85 -42.01 39.92
C GLU A 11 36.35 -40.59 39.64
N GLY A 12 35.92 -39.63 40.47
CA GLY A 12 36.36 -38.26 40.34
C GLY A 12 36.02 -37.43 41.58
N ASP A 13 36.96 -36.58 41.96
CA ASP A 13 36.82 -35.49 42.93
C ASP A 13 35.84 -34.41 42.41
N LEU A 14 35.65 -34.35 41.09
CA LEU A 14 34.42 -33.87 40.44
C LEU A 14 34.13 -34.81 39.27
N VAL A 15 32.84 -35.00 38.94
CA VAL A 15 32.42 -35.76 37.76
C VAL A 15 31.67 -34.87 36.75
N LEU A 16 32.20 -34.80 35.53
CA LEU A 16 31.78 -33.92 34.42
C LEU A 16 31.47 -34.80 33.22
N GLY A 17 30.26 -35.38 33.17
CA GLY A 17 30.02 -36.47 32.24
C GLY A 17 29.98 -36.04 30.78
N GLY A 18 30.03 -37.01 29.87
CA GLY A 18 29.95 -36.75 28.44
C GLY A 18 29.05 -37.71 27.68
N LEU A 19 28.93 -37.55 26.36
CA LEU A 19 28.03 -38.33 25.50
C LEU A 19 28.45 -38.22 24.03
N PHE A 20 28.63 -39.33 23.34
CA PHE A 20 29.28 -39.37 22.02
C PHE A 20 28.57 -40.30 21.03
N PRO A 21 28.76 -40.16 19.72
CA PRO A 21 28.33 -41.15 18.74
C PRO A 21 29.37 -42.25 18.61
N VAL A 22 29.65 -42.93 19.71
CA VAL A 22 30.62 -44.00 19.71
C VAL A 22 30.13 -45.07 18.78
N HIS A 23 28.89 -45.51 18.94
CA HIS A 23 28.20 -46.22 17.87
C HIS A 23 27.46 -45.27 16.94
N GLN A 24 27.40 -45.68 15.68
CA GLN A 24 26.51 -45.13 14.67
C GLN A 24 25.11 -45.67 14.86
N LYS A 25 24.17 -45.13 14.09
CA LYS A 25 22.78 -45.59 14.14
C LYS A 25 22.68 -47.01 13.59
N GLY A 26 22.00 -47.87 14.33
CA GLY A 26 21.76 -49.22 13.88
C GLY A 26 20.47 -49.34 13.08
N GLY A 27 20.01 -50.58 12.95
CA GLY A 27 18.81 -50.87 12.20
C GLY A 27 17.55 -50.51 12.94
N PRO A 28 16.40 -50.97 12.43
CA PRO A 28 15.12 -50.68 13.10
C PRO A 28 15.01 -51.31 14.48
N ALA A 29 15.82 -52.31 14.79
CA ALA A 29 15.79 -52.91 16.11
C ALA A 29 16.38 -51.95 17.15
N GLU A 30 16.00 -52.17 18.41
CA GLU A 30 16.45 -51.32 19.52
C GLU A 30 17.88 -51.67 19.89
N ASP A 31 18.80 -51.39 18.96
CA ASP A 31 20.21 -51.68 19.15
C ASP A 31 21.03 -50.62 18.43
N CYS A 32 22.35 -50.75 18.54
CA CYS A 32 23.27 -49.76 18.00
C CYS A 32 23.96 -50.32 16.75
N GLY A 33 24.45 -49.40 15.92
CA GLY A 33 25.18 -49.77 14.73
C GLY A 33 26.67 -49.91 14.97
N PRO A 34 27.41 -50.00 13.88
CA PRO A 34 28.85 -50.12 13.98
C PRO A 34 29.43 -48.93 14.71
N VAL A 35 30.64 -49.08 15.19
CA VAL A 35 31.40 -47.96 15.74
C VAL A 35 31.51 -46.87 14.68
N ASN A 36 31.30 -45.61 15.05
CA ASN A 36 31.86 -44.52 14.27
C ASN A 36 33.31 -44.32 14.74
N GLU A 37 34.30 -44.49 13.87
CA GLU A 37 35.65 -44.15 14.29
C GLU A 37 35.79 -42.64 14.51
N HIS A 38 35.70 -41.87 13.44
CA HIS A 38 36.26 -40.53 13.41
C HIS A 38 35.48 -39.59 14.32
N ARG A 39 34.18 -39.47 14.04
CA ARG A 39 33.27 -38.64 14.80
C ARG A 39 32.85 -39.30 16.10
N GLY A 40 32.93 -40.62 16.19
CA GLY A 40 32.72 -41.36 17.41
C GLY A 40 34.00 -41.48 18.22
N ILE A 41 34.64 -42.63 18.10
CA ILE A 41 35.62 -43.05 19.09
C ILE A 41 36.76 -42.05 19.24
N GLN A 42 37.28 -41.45 18.18
CA GLN A 42 38.43 -40.57 18.34
C GLN A 42 38.07 -39.42 19.26
N ARG A 43 36.89 -38.86 19.04
CA ARG A 43 36.39 -37.78 19.89
C ARG A 43 36.27 -38.25 21.32
N LEU A 44 35.69 -39.41 21.54
CA LEU A 44 35.58 -39.93 22.88
C LEU A 44 36.97 -40.04 23.51
N GLU A 45 37.93 -40.61 22.80
CA GLU A 45 39.26 -40.85 23.35
C GLU A 45 39.99 -39.54 23.61
N ALA A 46 39.74 -38.53 22.80
CA ALA A 46 40.30 -37.21 23.07
C ALA A 46 39.84 -36.74 24.43
N MET A 47 38.57 -36.90 24.76
CA MET A 47 38.07 -36.47 26.06
C MET A 47 38.85 -37.13 27.19
N LEU A 48 39.08 -38.43 27.08
CA LEU A 48 39.79 -39.18 28.12
C LEU A 48 41.20 -38.64 28.32
N PHE A 49 41.89 -38.32 27.22
CA PHE A 49 43.21 -37.72 27.32
C PHE A 49 43.15 -36.30 27.87
N ALA A 50 42.17 -35.52 27.41
CA ALA A 50 42.00 -34.17 27.93
C ALA A 50 41.78 -34.18 29.43
N LEU A 51 41.03 -35.16 29.95
CA LEU A 51 40.87 -35.29 31.38
C LEU A 51 42.20 -35.60 32.04
N ASP A 52 42.97 -36.53 31.48
CA ASP A 52 44.30 -36.80 32.00
C ASP A 52 45.18 -35.56 31.96
N ARG A 53 45.06 -34.76 30.89
CA ARG A 53 45.88 -33.56 30.78
C ARG A 53 45.48 -32.51 31.80
N ILE A 54 44.18 -32.32 32.06
CA ILE A 54 43.68 -31.38 33.07
C ILE A 54 44.01 -31.91 34.47
N ASN A 55 43.86 -33.21 34.71
CA ASN A 55 44.20 -33.83 35.98
C ASN A 55 45.67 -33.65 36.31
N ARG A 56 46.55 -33.70 35.30
CA ARG A 56 47.98 -33.57 35.50
C ARG A 56 48.42 -32.10 35.47
N ASP A 57 47.63 -31.24 34.85
CA ASP A 57 47.97 -29.82 34.76
C ASP A 57 48.22 -29.23 36.15
N PRO A 58 49.36 -28.59 36.38
CA PRO A 58 49.66 -28.08 37.73
C PRO A 58 48.97 -26.77 38.06
N HIS A 59 48.15 -26.23 37.16
CA HIS A 59 47.48 -24.95 37.37
C HIS A 59 45.96 -25.09 37.41
N LEU A 60 45.40 -26.09 36.74
CA LEU A 60 43.95 -26.19 36.62
C LEU A 60 43.44 -27.16 37.68
N LEU A 61 42.82 -26.61 38.73
CA LEU A 61 42.28 -27.34 39.88
C LEU A 61 43.19 -28.53 40.32
N PRO A 62 44.49 -28.31 40.59
CA PRO A 62 45.44 -29.42 40.71
C PRO A 62 45.09 -30.40 41.81
N GLY A 63 44.36 -29.93 42.84
CA GLY A 63 44.04 -30.70 44.04
C GLY A 63 42.97 -31.77 43.83
N VAL A 64 42.51 -31.97 42.59
CA VAL A 64 41.34 -32.79 42.23
C VAL A 64 41.70 -33.73 41.09
N ARG A 65 41.32 -35.01 41.21
CA ARG A 65 41.18 -35.94 40.09
C ARG A 65 39.80 -35.74 39.47
N LEU A 66 39.66 -35.01 38.38
CA LEU A 66 38.38 -34.95 37.68
C LEU A 66 38.11 -36.27 36.94
N GLY A 67 36.86 -36.71 36.99
CA GLY A 67 36.39 -37.91 36.33
C GLY A 67 35.26 -37.57 35.38
N ALA A 68 34.86 -38.57 34.61
CA ALA A 68 33.72 -38.48 33.73
C ALA A 68 32.99 -39.80 33.61
N HIS A 69 31.77 -39.66 33.16
CA HIS A 69 30.77 -40.67 33.01
C HIS A 69 30.28 -40.45 31.62
N ILE A 70 30.60 -41.32 30.68
CA ILE A 70 30.46 -40.99 29.27
C ILE A 70 29.48 -41.94 28.62
N LEU A 71 28.52 -41.40 27.88
CA LEU A 71 27.46 -42.23 27.33
C LEU A 71 27.64 -42.38 25.82
N ASP A 72 27.16 -43.49 25.30
CA ASP A 72 27.08 -43.72 23.86
C ASP A 72 25.69 -43.34 23.38
N SER A 73 25.59 -42.35 22.52
CA SER A 73 24.34 -41.91 21.93
C SER A 73 23.77 -42.93 20.96
N CYS A 74 24.63 -43.71 20.33
CA CYS A 74 24.27 -44.61 19.23
C CYS A 74 23.51 -43.89 18.12
N SER A 75 23.58 -42.56 18.04
CA SER A 75 22.83 -41.74 17.05
C SER A 75 21.31 -41.98 17.00
N LYS A 76 20.68 -42.42 18.09
CA LYS A 76 19.23 -42.49 18.22
C LYS A 76 18.82 -41.56 19.35
N ASP A 77 17.94 -40.60 19.08
CA ASP A 77 17.55 -39.64 20.13
C ASP A 77 16.83 -40.31 21.28
N THR A 78 16.04 -41.38 21.03
CA THR A 78 15.42 -42.02 22.18
C THR A 78 16.46 -42.65 23.08
N HIS A 79 17.45 -43.33 22.49
CA HIS A 79 18.51 -43.93 23.29
C HIS A 79 19.29 -42.87 24.07
N ALA A 80 19.67 -41.80 23.39
CA ALA A 80 20.42 -40.76 24.05
C ALA A 80 19.60 -40.13 25.17
N LEU A 81 18.29 -39.94 24.98
CA LEU A 81 17.46 -39.33 26.01
C LEU A 81 17.40 -40.21 27.27
N GLU A 82 17.26 -41.53 27.08
CA GLU A 82 17.21 -42.43 28.23
C GLU A 82 18.57 -42.52 28.92
N GLN A 83 19.65 -42.64 28.15
CA GLN A 83 20.98 -42.75 28.75
C GLN A 83 21.36 -41.48 29.50
N ALA A 84 20.99 -40.31 28.97
CA ALA A 84 21.33 -39.04 29.58
C ALA A 84 20.73 -38.86 30.96
N LEU A 85 19.76 -39.69 31.34
CA LEU A 85 19.14 -39.51 32.65
C LEU A 85 20.14 -39.70 33.79
N ASP A 86 21.23 -40.42 33.55
CA ASP A 86 22.20 -40.69 34.61
C ASP A 86 22.66 -39.40 35.29
N PHE A 87 22.58 -38.29 34.59
CA PHE A 87 23.01 -37.01 35.07
C PHE A 87 22.06 -36.45 36.13
N VAL A 88 20.81 -36.90 36.17
CA VAL A 88 19.80 -36.35 37.07
C VAL A 88 19.19 -37.40 37.96
N ARG A 89 19.43 -38.69 37.70
CA ARG A 89 18.83 -39.75 38.51
C ARG A 89 19.06 -39.53 40.00
N ALA A 90 20.18 -38.91 40.37
CA ALA A 90 20.49 -38.72 41.79
C ALA A 90 19.57 -37.71 42.45
N SER A 91 18.89 -36.88 41.67
CA SER A 91 18.04 -35.83 42.24
C SER A 91 16.67 -36.37 42.61
N THR A 116 24.13 -40.92 40.64
CA THR A 116 25.09 -39.82 40.82
C THR A 116 24.56 -38.49 40.27
N ALA A 117 24.78 -37.38 40.99
CA ALA A 117 24.44 -36.04 40.51
C ALA A 117 25.64 -35.48 39.75
N ILE A 118 25.45 -35.14 38.47
CA ILE A 118 26.56 -34.91 37.55
C ILE A 118 26.61 -33.44 37.12
N THR A 119 27.79 -32.85 37.24
CA THR A 119 27.98 -31.39 37.27
C THR A 119 28.11 -30.68 35.92
N GLY A 120 28.07 -31.39 34.78
CA GLY A 120 27.73 -30.77 33.49
C GLY A 120 28.07 -31.57 32.25
N VAL A 121 27.11 -31.81 31.36
CA VAL A 121 27.27 -32.66 30.16
C VAL A 121 28.19 -32.05 29.11
N ILE A 122 29.26 -32.74 28.75
CA ILE A 122 30.13 -32.33 27.67
C ILE A 122 29.74 -33.11 26.44
N GLY A 123 29.68 -32.42 25.33
CA GLY A 123 29.40 -33.02 24.03
C GLY A 123 27.94 -33.08 23.70
N GLY A 124 27.32 -34.21 23.98
CA GLY A 124 26.03 -34.52 23.37
C GLY A 124 26.11 -34.73 21.86
N SER A 125 27.27 -35.09 21.29
CA SER A 125 27.32 -35.55 19.90
C SER A 125 26.76 -34.52 18.90
N TYR A 126 26.06 -34.98 17.87
CA TYR A 126 25.38 -34.14 16.89
C TYR A 126 24.07 -33.51 17.38
N SER A 127 23.53 -32.58 16.61
CA SER A 127 22.48 -31.67 17.05
C SER A 127 21.26 -32.32 17.63
N ASP A 128 20.51 -33.16 16.95
CA ASP A 128 19.22 -33.58 17.52
C ASP A 128 19.40 -34.35 18.82
N VAL A 129 20.51 -35.08 19.00
CA VAL A 129 20.90 -35.61 20.32
C VAL A 129 21.20 -34.48 21.27
N SER A 130 22.09 -33.56 20.94
CA SER A 130 22.36 -32.42 21.81
C SER A 130 21.14 -31.58 22.10
N ILE A 131 20.16 -31.50 21.22
CA ILE A 131 18.99 -30.63 21.34
C ILE A 131 17.93 -31.34 22.14
N GLN A 132 17.63 -32.59 21.84
CA GLN A 132 16.72 -33.35 22.66
C GLN A 132 17.33 -33.54 24.05
N VAL A 133 18.65 -33.55 24.21
CA VAL A 133 19.29 -33.59 25.52
C VAL A 133 19.37 -32.20 26.14
N ALA A 134 19.70 -31.12 25.45
CA ALA A 134 19.57 -29.77 26.02
C ALA A 134 18.10 -29.44 26.26
N ASN A 135 17.20 -30.13 25.61
CA ASN A 135 15.79 -30.16 26.00
C ASN A 135 15.60 -31.02 27.25
N LEU A 136 16.13 -32.24 27.23
CA LEU A 136 15.96 -33.10 28.40
C LEU A 136 16.44 -32.43 29.67
N LEU A 137 17.64 -31.84 29.65
CA LEU A 137 18.29 -31.35 30.86
C LEU A 137 17.61 -30.13 31.46
N ARG A 138 16.69 -29.50 30.73
CA ARG A 138 16.16 -28.22 31.18
C ARG A 138 15.44 -28.33 32.51
N LEU A 139 14.86 -29.50 32.82
CA LEU A 139 14.02 -29.63 34.00
C LEU A 139 14.75 -29.22 35.27
N PHE A 140 16.06 -29.47 35.32
CA PHE A 140 16.88 -29.12 36.48
C PHE A 140 17.91 -28.04 36.15
N GLN A 141 17.85 -27.49 34.94
CA GLN A 141 18.87 -26.61 34.37
C GLN A 141 20.28 -27.19 34.50
N ILE A 142 20.47 -28.44 34.08
CA ILE A 142 21.79 -29.06 34.13
C ILE A 142 22.67 -28.48 33.03
N PRO A 143 23.89 -28.04 33.34
CA PRO A 143 24.71 -27.35 32.33
C PRO A 143 25.14 -28.32 31.24
N GLN A 144 25.38 -27.80 30.04
CA GLN A 144 25.74 -28.61 28.89
C GLN A 144 26.62 -27.81 27.96
N ILE A 145 27.74 -28.37 27.53
CA ILE A 145 28.61 -27.70 26.57
C ILE A 145 28.89 -28.63 25.42
N SER A 146 28.63 -28.21 24.19
CA SER A 146 28.78 -29.07 23.00
C SER A 146 29.94 -28.68 22.09
N TYR A 147 30.48 -29.71 21.43
CA TYR A 147 31.51 -29.64 20.41
C TYR A 147 31.02 -29.95 19.00
N ALA A 148 29.75 -30.31 18.78
CA ALA A 148 29.30 -30.80 17.48
C ALA A 148 27.86 -30.49 17.10
N SER A 149 27.00 -30.12 18.03
CA SER A 149 25.75 -29.49 17.65
C SER A 149 25.96 -28.04 17.21
N THR A 150 25.54 -27.68 16.01
CA THR A 150 25.77 -26.33 15.45
C THR A 150 24.53 -25.51 15.14
N SER A 151 23.34 -26.11 15.07
CA SER A 151 22.10 -25.40 14.66
C SER A 151 21.84 -24.12 15.47
N ALA A 152 21.39 -23.04 14.84
CA ALA A 152 20.92 -21.85 15.54
C ALA A 152 19.75 -22.12 16.48
N LYS A 153 19.09 -23.28 16.44
CA LYS A 153 17.92 -23.53 17.30
C LYS A 153 18.21 -23.27 18.78
N LEU A 154 19.38 -23.69 19.25
CA LEU A 154 19.82 -23.55 20.64
C LEU A 154 20.39 -22.15 20.98
N SER A 155 20.37 -21.21 20.06
CA SER A 155 20.77 -19.84 20.37
C SER A 155 19.70 -19.06 21.12
N ASP A 156 18.46 -19.53 21.13
CA ASP A 156 17.37 -18.86 21.82
C ASP A 156 17.36 -19.31 23.28
N LYS A 157 17.83 -18.45 24.18
CA LYS A 157 18.02 -18.84 25.56
C LYS A 157 16.73 -18.77 26.38
N SER A 158 15.60 -18.43 25.77
CA SER A 158 14.34 -18.53 26.48
C SER A 158 13.89 -19.97 26.63
N ARG A 159 14.46 -20.88 25.83
CA ARG A 159 14.20 -22.31 25.93
C ARG A 159 15.39 -23.08 26.46
N TYR A 160 16.61 -22.61 26.24
CA TYR A 160 17.82 -23.32 26.62
C TYR A 160 18.80 -22.38 27.32
N ASP A 161 18.46 -21.98 28.54
CA ASP A 161 19.12 -20.87 29.23
C ASP A 161 20.44 -21.25 29.88
N TYR A 162 20.89 -22.49 29.73
CA TYR A 162 22.09 -22.98 30.41
C TYR A 162 23.13 -23.45 29.41
N PHE A 163 22.74 -23.60 28.14
CA PHE A 163 23.50 -24.33 27.14
C PHE A 163 24.44 -23.42 26.37
N ALA A 164 25.68 -23.85 26.27
CA ALA A 164 26.78 -23.15 25.63
C ALA A 164 27.36 -24.03 24.54
N ARG A 165 28.14 -23.51 23.64
CA ARG A 165 28.79 -24.28 22.59
C ARG A 165 30.16 -23.73 22.34
N THR A 166 30.97 -24.62 21.84
CA THR A 166 32.27 -24.23 21.30
C THR A 166 32.26 -24.05 19.79
N VAL A 167 31.12 -24.21 19.14
CA VAL A 167 31.06 -24.16 17.68
C VAL A 167 30.15 -23.01 17.24
N PRO A 168 30.37 -22.44 16.06
CA PRO A 168 29.58 -21.29 15.64
C PRO A 168 28.19 -21.72 15.19
N PRO A 169 27.26 -20.77 15.07
CA PRO A 169 25.96 -21.10 14.47
C PRO A 169 26.11 -21.61 13.03
N ASP A 170 25.15 -22.45 12.64
CA ASP A 170 25.20 -23.07 11.31
C ASP A 170 24.85 -22.08 10.20
N PHE A 171 24.21 -20.96 10.52
CA PHE A 171 23.81 -20.01 9.48
C PHE A 171 25.03 -19.30 8.90
N PHE A 172 26.18 -19.43 9.56
CA PHE A 172 27.41 -18.92 8.96
C PHE A 172 27.83 -19.80 7.80
N GLN A 173 27.60 -21.10 7.87
CA GLN A 173 27.83 -21.92 6.70
C GLN A 173 26.87 -21.59 5.57
N ALA A 174 25.62 -21.25 5.89
CA ALA A 174 24.70 -20.76 4.86
C ALA A 174 25.22 -19.51 4.17
N LYS A 175 25.86 -18.61 4.92
CA LYS A 175 26.52 -17.47 4.28
C LYS A 175 27.66 -17.95 3.40
N ALA A 176 28.47 -18.87 3.91
CA ALA A 176 29.63 -19.34 3.15
C ALA A 176 29.17 -19.96 1.84
N MET A 177 28.13 -20.78 1.92
CA MET A 177 27.56 -21.47 0.76
C MET A 177 27.02 -20.50 -0.28
N ALA A 178 26.21 -19.55 0.17
CA ALA A 178 25.69 -18.53 -0.71
C ALA A 178 26.84 -17.75 -1.34
N GLU A 179 27.85 -17.40 -0.56
CA GLU A 179 28.97 -16.63 -1.07
C GLU A 179 29.80 -17.38 -2.10
N ILE A 180 29.99 -18.68 -1.90
CA ILE A 180 30.71 -19.56 -2.83
C ILE A 180 29.92 -19.72 -4.12
N LEU A 181 28.62 -19.86 -4.00
CA LEU A 181 27.77 -19.86 -5.16
C LEU A 181 27.88 -18.56 -5.93
N ARG A 182 27.72 -17.44 -5.25
CA ARG A 182 27.86 -16.13 -5.87
C ARG A 182 29.23 -15.98 -6.54
N PHE A 183 30.28 -16.56 -6.00
CA PHE A 183 31.62 -16.48 -6.55
C PHE A 183 31.68 -17.03 -7.97
N PHE A 184 31.15 -18.23 -8.16
CA PHE A 184 31.17 -18.89 -9.45
C PHE A 184 30.00 -18.45 -10.31
N ASN A 185 29.48 -17.27 -10.01
CA ASN A 185 28.30 -16.71 -10.64
C ASN A 185 27.16 -17.72 -10.66
N TRP A 186 27.09 -18.66 -9.71
CA TRP A 186 26.12 -19.74 -9.71
C TRP A 186 24.75 -19.27 -9.23
N THR A 187 24.06 -18.47 -10.04
CA THR A 187 22.78 -17.86 -9.66
C THR A 187 21.62 -18.83 -9.53
N TYR A 188 21.77 -20.13 -9.80
CA TYR A 188 20.63 -21.05 -9.74
C TYR A 188 21.05 -22.49 -9.53
N VAL A 189 20.50 -23.09 -8.48
CA VAL A 189 21.14 -24.21 -7.75
C VAL A 189 20.17 -25.10 -6.99
N SER A 190 20.57 -26.32 -6.67
CA SER A 190 19.74 -27.27 -5.95
C SER A 190 20.33 -27.68 -4.61
N THR A 191 19.50 -28.10 -3.65
CA THR A 191 19.93 -28.40 -2.29
C THR A 191 19.23 -29.61 -1.68
N VAL A 192 19.83 -30.19 -0.65
CA VAL A 192 19.32 -31.33 0.08
C VAL A 192 19.65 -31.12 1.53
N ALA A 193 18.60 -31.19 2.32
CA ALA A 193 18.63 -31.06 3.76
C ALA A 193 17.81 -32.19 4.34
N SER A 194 17.88 -32.33 5.64
CA SER A 194 17.27 -33.41 6.39
C SER A 194 16.12 -32.90 7.26
N GLU A 195 15.30 -33.82 7.71
CA GLU A 195 14.47 -33.56 8.87
C GLU A 195 15.38 -33.62 10.10
N GLY A 196 15.02 -32.90 11.15
CA GLY A 196 15.95 -32.58 12.23
C GLY A 196 16.58 -31.22 12.00
N ASP A 197 16.92 -30.53 13.09
CA ASP A 197 17.06 -29.08 13.01
C ASP A 197 18.16 -28.63 12.08
N TYR A 198 19.21 -29.44 11.93
CA TYR A 198 20.30 -29.13 11.02
C TYR A 198 19.78 -28.78 9.64
N GLY A 199 18.84 -29.58 9.16
CA GLY A 199 18.16 -29.27 7.93
C GLY A 199 17.40 -27.96 8.00
N GLU A 200 16.44 -27.76 8.91
CA GLU A 200 15.54 -26.63 8.71
C GLU A 200 16.25 -25.30 8.94
N THR A 201 17.08 -25.21 9.98
CA THR A 201 17.81 -23.98 10.24
C THR A 201 18.86 -23.73 9.16
N GLY A 202 19.52 -24.79 8.70
CA GLY A 202 20.51 -24.63 7.64
C GLY A 202 19.89 -24.16 6.35
N ILE A 203 18.81 -24.82 5.93
CA ILE A 203 18.22 -24.49 4.66
C ILE A 203 17.56 -23.12 4.72
N GLU A 204 16.87 -22.78 5.82
CA GLU A 204 16.22 -21.47 5.87
C GLU A 204 17.24 -20.35 5.78
N ALA A 205 18.37 -20.50 6.49
CA ALA A 205 19.44 -19.52 6.42
C ALA A 205 20.02 -19.44 5.01
N PHE A 206 20.28 -20.58 4.41
CA PHE A 206 20.90 -20.58 3.12
C PHE A 206 19.96 -19.96 2.08
N GLU A 207 18.65 -20.22 2.14
CA GLU A 207 17.70 -19.59 1.23
C GLU A 207 17.69 -18.07 1.35
N LEU A 208 17.66 -17.54 2.56
CA LEU A 208 17.74 -16.10 2.75
C LEU A 208 19.05 -15.54 2.21
N GLU A 209 20.17 -16.18 2.53
CA GLU A 209 21.46 -15.75 2.01
C GLU A 209 21.51 -15.87 0.48
N ALA A 210 20.84 -16.86 -0.10
CA ALA A 210 20.72 -17.02 -1.54
C ALA A 210 19.94 -15.85 -2.13
N ARG A 211 18.76 -15.55 -1.58
CA ARG A 211 17.95 -14.40 -1.98
C ARG A 211 18.75 -13.11 -1.89
N ALA A 212 19.51 -12.90 -0.82
CA ALA A 212 20.31 -11.69 -0.62
C ALA A 212 21.40 -11.48 -1.67
N ARG A 213 21.80 -12.54 -2.39
CA ARG A 213 22.77 -12.47 -3.50
C ARG A 213 22.14 -12.80 -4.85
N ASN A 214 20.82 -12.68 -4.93
CA ASN A 214 20.07 -12.86 -6.14
C ASN A 214 20.12 -14.30 -6.69
N ILE A 215 20.28 -15.29 -5.80
CA ILE A 215 20.46 -16.69 -6.17
C ILE A 215 19.13 -17.45 -6.09
N CYS A 216 18.62 -17.86 -7.24
CA CYS A 216 17.37 -18.58 -7.43
C CYS A 216 17.55 -20.06 -7.09
N VAL A 217 17.13 -20.50 -5.91
CA VAL A 217 17.17 -21.95 -5.65
C VAL A 217 16.25 -22.65 -6.64
N ALA A 218 16.81 -23.53 -7.46
CA ALA A 218 16.08 -24.33 -8.42
C ALA A 218 15.17 -25.35 -7.73
N THR A 219 15.67 -26.06 -6.71
CA THR A 219 14.87 -26.96 -5.88
C THR A 219 15.56 -27.35 -4.58
N SER A 220 14.80 -27.79 -3.57
CA SER A 220 15.34 -28.31 -2.31
C SER A 220 14.63 -29.56 -1.80
N GLU A 221 15.39 -30.53 -1.33
CA GLU A 221 14.92 -31.86 -0.95
C GLU A 221 15.12 -32.14 0.54
N LYS A 222 14.17 -32.84 1.15
CA LYS A 222 14.20 -33.20 2.57
C LYS A 222 14.32 -34.69 2.78
N VAL A 223 15.33 -35.10 3.55
CA VAL A 223 15.66 -36.51 3.79
C VAL A 223 15.40 -36.88 5.23
N GLY A 224 14.87 -38.06 5.50
CA GLY A 224 14.60 -38.45 6.87
C GLY A 224 15.82 -39.04 7.56
N ARG A 225 15.59 -39.46 8.82
CA ARG A 225 16.67 -40.04 9.62
C ARG A 225 16.85 -41.53 9.33
N ALA A 226 15.95 -42.12 8.54
CA ALA A 226 16.00 -43.54 8.24
C ALA A 226 15.52 -43.77 6.82
N MET A 227 16.24 -43.19 5.86
CA MET A 227 15.87 -43.19 4.46
C MET A 227 16.51 -44.40 3.76
N SER A 228 15.73 -45.05 2.87
CA SER A 228 16.22 -46.23 2.18
C SER A 228 17.17 -45.90 1.03
N ARG A 229 17.90 -46.94 0.59
CA ARG A 229 18.84 -46.81 -0.52
C ARG A 229 18.15 -46.36 -1.80
N ALA A 230 16.96 -46.91 -2.06
CA ALA A 230 16.18 -46.50 -3.23
C ALA A 230 15.79 -45.04 -3.16
N ALA A 231 15.46 -44.56 -1.97
CA ALA A 231 15.14 -43.16 -1.80
C ALA A 231 16.38 -42.28 -1.98
N PHE A 232 17.56 -42.74 -1.54
CA PHE A 232 18.79 -42.00 -1.87
C PHE A 232 18.95 -41.83 -3.37
N GLU A 233 18.72 -42.89 -4.15
CA GLU A 233 18.72 -42.73 -5.60
C GLU A 233 17.58 -41.83 -6.06
N GLY A 234 16.42 -41.92 -5.40
CA GLY A 234 15.32 -41.04 -5.75
C GLY A 234 15.67 -39.57 -5.62
N VAL A 235 16.38 -39.19 -4.56
CA VAL A 235 16.84 -37.82 -4.41
C VAL A 235 17.80 -37.48 -5.54
N VAL A 236 18.74 -38.35 -5.86
CA VAL A 236 19.61 -38.06 -7.01
C VAL A 236 18.82 -37.87 -8.29
N ARG A 237 17.82 -38.73 -8.56
CA ARG A 237 17.02 -38.53 -9.77
C ARG A 237 16.28 -37.19 -9.74
N ALA A 238 15.85 -36.75 -8.57
CA ALA A 238 15.22 -35.43 -8.46
C ALA A 238 16.24 -34.34 -8.81
N LEU A 239 17.44 -34.43 -8.27
CA LEU A 239 18.48 -33.47 -8.59
C LEU A 239 18.88 -33.53 -10.07
N LEU A 240 18.70 -34.66 -10.74
CA LEU A 240 19.04 -34.74 -12.17
C LEU A 240 17.94 -34.19 -13.07
N GLN A 241 16.81 -33.70 -12.52
CA GLN A 241 15.70 -33.19 -13.35
C GLN A 241 16.06 -31.93 -14.16
N LYS A 242 17.03 -31.11 -13.73
CA LYS A 242 17.55 -30.00 -14.52
C LYS A 242 19.07 -30.00 -14.43
N PRO A 243 19.76 -30.82 -15.25
CA PRO A 243 21.22 -30.97 -15.18
C PRO A 243 21.98 -29.66 -15.34
N SER A 244 21.31 -28.64 -15.86
CA SER A 244 21.66 -27.22 -15.94
C SER A 244 21.97 -26.53 -14.61
N ALA A 245 21.50 -27.06 -13.49
CA ALA A 245 21.97 -26.69 -12.17
C ALA A 245 23.02 -27.71 -11.70
N ARG A 246 24.31 -27.53 -12.05
CA ARG A 246 25.37 -28.51 -11.72
C ARG A 246 25.66 -28.68 -10.23
N VAL A 247 25.29 -27.71 -9.41
CA VAL A 247 25.60 -27.62 -7.99
C VAL A 247 24.48 -28.27 -7.20
N ALA A 248 24.83 -29.07 -6.19
CA ALA A 248 23.88 -29.68 -5.28
C ALA A 248 24.42 -29.50 -3.87
N VAL A 249 23.65 -28.81 -3.02
CA VAL A 249 24.09 -28.47 -1.68
C VAL A 249 23.62 -29.53 -0.68
N LEU A 250 24.52 -29.93 0.22
CA LEU A 250 24.25 -30.95 1.22
C LEU A 250 24.35 -30.37 2.63
N PHE A 251 23.27 -30.49 3.40
CA PHE A 251 23.23 -30.02 4.78
C PHE A 251 23.27 -31.17 5.77
N THR A 252 24.41 -31.87 5.78
CA THR A 252 24.70 -32.91 6.77
C THR A 252 23.77 -34.12 6.68
N ARG A 253 22.70 -34.08 5.87
CA ARG A 253 21.62 -35.06 5.95
C ARG A 253 21.32 -35.36 7.42
N SER A 254 21.17 -36.63 7.84
CA SER A 254 21.30 -36.97 9.26
C SER A 254 22.77 -36.90 9.68
N GLU A 255 23.66 -37.63 8.99
CA GLU A 255 25.13 -37.48 9.05
C GLU A 255 25.76 -37.92 7.70
N ASP A 256 26.05 -36.95 6.84
CA ASP A 256 26.58 -37.16 5.48
C ASP A 256 27.67 -38.20 5.44
N ALA A 257 28.57 -38.17 6.43
CA ALA A 257 29.74 -39.04 6.51
C ALA A 257 29.39 -40.53 6.35
N ARG A 258 28.23 -40.96 6.86
CA ARG A 258 27.66 -42.26 6.49
C ARG A 258 26.67 -42.14 5.36
N GLU A 259 25.75 -41.14 5.38
CA GLU A 259 24.63 -41.31 4.47
C GLU A 259 24.91 -40.90 3.03
N LEU A 260 25.80 -39.93 2.81
CA LEU A 260 26.07 -39.49 1.45
C LEU A 260 26.64 -40.62 0.59
N LEU A 261 27.31 -41.60 1.19
CA LEU A 261 27.82 -42.74 0.42
C LEU A 261 26.72 -43.37 -0.42
N ALA A 262 25.48 -43.33 0.05
CA ALA A 262 24.35 -43.93 -0.65
C ALA A 262 23.81 -43.07 -1.78
N ALA A 263 24.17 -41.79 -1.82
CA ALA A 263 23.68 -40.88 -2.85
C ALA A 263 24.72 -40.48 -3.87
N SER A 264 26.01 -40.49 -3.54
CA SER A 264 27.06 -40.08 -4.47
C SER A 264 27.29 -41.22 -5.46
N GLN A 265 26.24 -41.55 -6.21
CA GLN A 265 26.21 -42.73 -7.04
C GLN A 265 26.88 -42.43 -8.38
N ARG A 266 27.49 -43.46 -8.96
CA ARG A 266 28.02 -43.40 -10.33
C ARG A 266 27.03 -43.90 -11.37
N LEU A 267 25.76 -44.10 -10.98
CA LEU A 267 24.77 -44.63 -11.90
C LEU A 267 24.28 -43.55 -12.87
N ASN A 268 25.17 -43.13 -13.77
CA ASN A 268 24.93 -42.05 -14.73
C ASN A 268 24.53 -40.75 -14.05
N ALA A 269 25.23 -40.37 -12.97
CA ALA A 269 24.91 -39.17 -12.20
C ALA A 269 26.21 -38.46 -11.85
N SER A 270 26.16 -37.14 -11.80
CA SER A 270 27.27 -36.34 -11.28
C SER A 270 26.78 -34.94 -10.90
N PHE A 271 27.49 -34.33 -9.96
CA PHE A 271 27.21 -32.95 -9.57
C PHE A 271 28.51 -32.33 -9.06
N THR A 272 28.42 -31.05 -8.69
CA THR A 272 29.46 -30.36 -7.93
C THR A 272 28.89 -30.14 -6.53
N TRP A 273 29.15 -31.09 -5.63
CA TRP A 273 28.53 -31.06 -4.32
C TRP A 273 29.13 -29.94 -3.47
N VAL A 274 28.27 -29.29 -2.69
CA VAL A 274 28.68 -28.29 -1.71
C VAL A 274 28.09 -28.69 -0.37
N ALA A 275 28.93 -29.16 0.55
CA ALA A 275 28.44 -29.78 1.77
C ALA A 275 28.79 -28.96 3.00
N SER A 276 27.91 -29.02 4.00
CA SER A 276 28.14 -28.51 5.34
C SER A 276 29.09 -29.42 6.13
N ASP A 277 29.38 -29.05 7.37
CA ASP A 277 30.42 -29.72 8.15
C ASP A 277 30.05 -31.14 8.60
N GLY A 278 28.87 -31.63 8.25
CA GLY A 278 28.56 -33.06 8.20
C GLY A 278 29.44 -33.85 7.24
N TRP A 279 30.12 -33.20 6.28
CA TRP A 279 31.15 -33.80 5.47
C TRP A 279 32.36 -32.86 5.43
N GLY A 280 33.56 -33.34 5.67
CA GLY A 280 34.75 -32.51 5.62
C GLY A 280 36.00 -33.37 5.68
N ALA A 281 36.75 -33.43 4.57
CA ALA A 281 37.98 -34.24 4.48
C ALA A 281 37.77 -35.70 4.85
N LEU A 282 36.63 -36.33 4.47
CA LEU A 282 36.30 -37.72 4.81
C LEU A 282 36.31 -38.67 3.61
N GLU A 283 37.06 -39.77 3.68
CA GLU A 283 36.98 -40.87 2.71
C GLU A 283 35.62 -41.59 2.71
N SER A 284 34.88 -41.44 3.80
CA SER A 284 33.76 -42.30 4.15
C SER A 284 32.56 -42.17 3.22
N VAL A 285 32.58 -41.23 2.26
CA VAL A 285 31.48 -41.05 1.32
C VAL A 285 31.90 -41.08 -0.14
N VAL A 286 33.19 -41.28 -0.43
CA VAL A 286 33.65 -41.28 -1.80
C VAL A 286 34.18 -42.64 -2.24
N ALA A 287 34.67 -43.46 -1.33
CA ALA A 287 35.26 -44.74 -1.70
C ALA A 287 34.17 -45.71 -2.15
N GLY A 288 34.12 -45.99 -3.45
CA GLY A 288 33.05 -46.78 -4.02
C GLY A 288 31.81 -46.00 -4.42
N SER A 289 31.83 -44.67 -4.31
CA SER A 289 30.66 -43.85 -4.65
C SER A 289 31.17 -42.64 -5.44
N GLU A 290 31.54 -42.89 -6.71
CA GLU A 290 32.23 -41.89 -7.51
C GLU A 290 31.31 -40.76 -7.96
N GLY A 291 30.05 -40.76 -7.54
CA GLY A 291 29.20 -39.61 -7.83
C GLY A 291 29.68 -38.37 -7.10
N ALA A 292 30.57 -38.54 -6.13
CA ALA A 292 31.22 -37.44 -5.44
C ALA A 292 32.37 -36.93 -6.32
N ALA A 293 31.98 -36.30 -7.43
CA ALA A 293 32.89 -35.95 -8.49
C ALA A 293 33.97 -34.98 -7.99
N GLU A 294 35.15 -35.08 -8.60
CA GLU A 294 36.23 -34.15 -8.34
C GLU A 294 35.75 -32.71 -8.48
N GLY A 295 36.13 -31.88 -7.51
CA GLY A 295 35.61 -30.54 -7.42
C GLY A 295 34.53 -30.32 -6.38
N ALA A 296 34.01 -31.39 -5.77
CA ALA A 296 33.05 -31.22 -4.69
C ALA A 296 33.69 -30.38 -3.59
N ILE A 297 32.92 -29.45 -3.03
CA ILE A 297 33.43 -28.56 -2.00
C ILE A 297 32.79 -28.90 -0.67
N THR A 298 33.61 -29.03 0.36
CA THR A 298 33.15 -29.31 1.71
C THR A 298 33.54 -28.16 2.62
N ILE A 299 32.61 -27.76 3.48
CA ILE A 299 32.84 -26.71 4.45
C ILE A 299 32.92 -27.34 5.84
N GLU A 300 34.04 -27.12 6.52
CA GLU A 300 34.33 -27.68 7.82
C GLU A 300 34.75 -26.55 8.74
N LEU A 301 34.57 -26.76 10.05
CA LEU A 301 35.05 -25.78 11.01
C LEU A 301 36.58 -25.73 10.98
N ALA A 302 37.12 -24.51 11.05
CA ALA A 302 38.56 -24.34 11.08
C ALA A 302 39.13 -24.97 12.34
N SER A 303 40.20 -25.74 12.19
CA SER A 303 40.80 -26.45 13.30
C SER A 303 42.24 -26.78 12.96
N TYR A 304 42.93 -27.33 13.95
CA TYR A 304 44.31 -27.79 13.80
C TYR A 304 44.41 -29.19 14.40
N PRO A 305 45.26 -30.04 13.84
CA PRO A 305 45.53 -31.33 14.49
C PRO A 305 46.42 -31.14 15.71
N ILE A 306 46.33 -32.09 16.65
CA ILE A 306 47.21 -32.08 17.81
C ILE A 306 47.93 -33.42 17.89
N SER A 307 49.26 -33.37 17.92
CA SER A 307 50.06 -34.58 17.93
C SER A 307 49.99 -35.31 19.26
N ASP A 308 49.65 -34.59 20.34
CA ASP A 308 49.56 -35.23 21.65
C ASP A 308 48.26 -36.02 21.79
N PHE A 309 47.15 -35.52 21.25
CA PHE A 309 45.94 -36.33 21.23
C PHE A 309 46.03 -37.44 20.19
N ALA A 310 46.60 -37.17 19.03
CA ALA A 310 46.81 -38.22 18.03
C ALA A 310 47.74 -39.29 18.58
N SER A 311 48.79 -38.87 19.28
CA SER A 311 49.72 -39.83 19.87
C SER A 311 49.02 -40.75 20.86
N TYR A 312 48.20 -40.17 21.74
CA TYR A 312 47.45 -40.99 22.69
C TYR A 312 46.59 -42.02 21.97
N PHE A 313 45.84 -41.57 20.96
CA PHE A 313 44.90 -42.45 20.26
C PHE A 313 45.62 -43.54 19.49
N GLN A 314 46.64 -43.16 18.74
CA GLN A 314 47.31 -44.13 17.87
C GLN A 314 48.15 -45.12 18.67
N SER A 315 48.46 -44.80 19.92
CA SER A 315 49.28 -45.66 20.77
C SER A 315 48.46 -46.62 21.63
N LEU A 316 47.15 -46.58 21.53
CA LEU A 316 46.29 -47.39 22.39
C LEU A 316 46.48 -48.87 22.11
N ASP A 317 46.65 -49.66 23.18
CA ASP A 317 46.76 -51.11 23.15
C ASP A 317 45.41 -51.75 23.44
N PRO A 318 44.83 -52.48 22.49
CA PRO A 318 43.49 -53.06 22.72
C PRO A 318 43.40 -53.90 23.98
N TRP A 319 44.51 -54.47 24.44
CA TRP A 319 44.48 -55.30 25.63
C TRP A 319 44.50 -54.48 26.92
N ASN A 320 45.08 -53.27 26.86
CA ASN A 320 45.27 -52.49 28.08
C ASN A 320 44.20 -51.42 28.23
N ASN A 321 43.57 -51.03 27.12
CA ASN A 321 42.56 -49.96 27.13
C ASN A 321 41.23 -50.52 27.65
N SER A 322 41.21 -50.78 28.96
CA SER A 322 39.97 -51.17 29.62
C SER A 322 39.08 -49.98 29.95
N ARG A 323 39.65 -48.78 29.99
CA ARG A 323 38.87 -47.58 30.29
C ARG A 323 37.78 -47.36 29.26
N ASN A 324 38.10 -47.54 27.99
CA ASN A 324 37.11 -47.46 26.94
C ASN A 324 36.45 -48.83 26.75
N PRO A 325 35.18 -49.01 27.11
CA PRO A 325 34.59 -50.34 27.02
C PRO A 325 34.21 -50.72 25.60
N TRP A 326 34.36 -49.85 24.61
CA TRP A 326 34.14 -50.21 23.20
C TRP A 326 35.42 -50.40 22.39
N PHE A 327 36.59 -50.03 22.92
CA PHE A 327 37.78 -50.01 22.10
C PHE A 327 38.11 -51.36 21.53
N ARG A 328 37.85 -52.45 22.26
CA ARG A 328 38.16 -53.76 21.72
C ARG A 328 37.20 -54.13 20.60
N GLU A 329 35.93 -53.74 20.71
CA GLU A 329 35.01 -53.96 19.60
C GLU A 329 35.34 -53.08 18.41
N PHE A 330 35.75 -51.82 18.63
CA PHE A 330 36.26 -50.98 17.55
C PHE A 330 37.45 -51.63 16.85
N TRP A 331 38.38 -52.17 17.62
CA TRP A 331 39.49 -52.93 17.03
C TRP A 331 39.02 -54.05 16.10
N GLU A 332 38.06 -54.87 16.55
CA GLU A 332 37.51 -55.90 15.67
C GLU A 332 36.89 -55.30 14.42
N GLN A 333 36.28 -54.12 14.46
CA GLN A 333 35.72 -53.52 13.25
C GLN A 333 36.80 -52.88 12.37
N ARG A 334 37.94 -52.47 12.93
CA ARG A 334 39.08 -51.94 12.17
C ARG A 334 40.09 -53.00 11.78
N PHE A 335 40.28 -54.01 12.60
CA PHE A 335 41.19 -55.11 12.36
C PHE A 335 40.39 -56.40 12.47
N ARG A 336 40.74 -57.39 11.63
CA ARG A 336 39.98 -58.62 11.51
C ARG A 336 40.31 -59.64 12.59
N CYS A 337 41.30 -59.38 13.43
CA CYS A 337 41.66 -60.32 14.49
C CYS A 337 41.00 -59.92 15.81
N SER A 338 39.90 -60.61 16.14
CA SER A 338 39.04 -60.20 17.23
C SER A 338 39.74 -60.52 18.55
N PHE A 339 39.48 -59.71 19.58
CA PHE A 339 40.11 -59.97 20.87
C PHE A 339 39.73 -61.33 21.44
N ARG A 340 38.66 -61.94 20.91
CA ARG A 340 38.29 -63.28 21.35
C ARG A 340 39.18 -64.35 20.72
N GLN A 341 40.00 -63.97 19.74
CA GLN A 341 40.83 -64.91 18.99
C GLN A 341 42.26 -64.83 19.49
N ARG A 342 43.11 -65.71 18.95
CA ARG A 342 44.48 -65.86 19.43
C ARG A 342 45.42 -65.00 18.57
N ASP A 343 46.51 -64.55 19.19
CA ASP A 343 47.59 -63.75 18.60
C ASP A 343 47.04 -62.47 17.97
N CYS A 344 46.12 -61.80 18.66
CA CYS A 344 45.50 -60.58 18.16
C CYS A 344 46.09 -59.37 18.85
N ALA A 345 45.90 -58.21 18.23
CA ALA A 345 46.43 -56.90 18.64
C ALA A 345 47.94 -56.83 18.51
N ALA A 346 48.54 -57.60 17.60
CA ALA A 346 49.94 -57.39 17.23
C ALA A 346 50.11 -56.07 16.49
N HIS A 347 49.11 -55.65 15.73
CA HIS A 347 49.15 -54.36 15.06
C HIS A 347 48.86 -53.24 16.04
N SER A 348 48.93 -52.01 15.54
CA SER A 348 48.60 -50.84 16.34
C SER A 348 47.97 -49.79 15.43
N LEU A 349 47.27 -48.85 16.04
CA LEU A 349 46.67 -47.74 15.34
C LEU A 349 47.71 -46.74 14.83
N ARG A 350 48.92 -46.71 15.39
CA ARG A 350 50.04 -45.97 14.81
C ARG A 350 50.71 -46.75 13.68
N ALA A 351 50.69 -48.08 13.75
CA ALA A 351 51.32 -48.88 12.70
C ALA A 351 50.61 -48.68 11.36
N VAL A 352 49.30 -48.51 11.39
CA VAL A 352 48.51 -48.31 10.18
C VAL A 352 48.17 -46.83 10.03
N PRO A 353 48.09 -46.28 8.82
CA PRO A 353 47.71 -44.88 8.67
C PRO A 353 46.34 -44.61 9.27
N PHE A 354 46.14 -43.37 9.72
CA PHE A 354 44.86 -42.85 10.24
C PHE A 354 44.83 -41.32 10.08
N GLU A 355 43.65 -40.72 10.17
CA GLU A 355 43.51 -39.26 10.29
C GLU A 355 42.68 -38.88 11.51
N GLN A 356 43.11 -37.82 12.17
CA GLN A 356 42.42 -37.16 13.26
C GLN A 356 41.14 -36.48 12.76
N GLU A 357 40.00 -36.79 13.36
CA GLU A 357 38.74 -36.15 12.97
C GLU A 357 38.77 -34.64 13.23
N SER A 358 38.16 -33.87 12.34
CA SER A 358 38.38 -32.43 12.26
C SER A 358 37.95 -31.67 13.50
N LYS A 359 36.91 -32.17 14.20
CA LYS A 359 36.29 -31.53 15.35
C LYS A 359 36.94 -31.85 16.70
N ILE A 360 37.97 -32.67 16.72
CA ILE A 360 38.72 -33.02 17.95
C ILE A 360 39.14 -31.78 18.75
N MET A 361 39.63 -30.75 18.07
CA MET A 361 39.94 -29.48 18.72
C MET A 361 38.74 -28.90 19.44
N PHE A 362 37.55 -29.03 18.85
CA PHE A 362 36.37 -28.49 19.51
C PHE A 362 35.94 -29.39 20.66
N VAL A 363 36.18 -30.70 20.55
CA VAL A 363 35.82 -31.60 21.63
C VAL A 363 36.62 -31.27 22.89
N VAL A 364 37.93 -31.12 22.72
CA VAL A 364 38.79 -30.88 23.89
C VAL A 364 38.51 -29.50 24.48
N ASN A 365 38.11 -28.55 23.64
CA ASN A 365 37.69 -27.24 24.12
C ASN A 365 36.45 -27.36 25.01
N ALA A 366 35.50 -28.19 24.60
CA ALA A 366 34.27 -28.40 25.38
C ALA A 366 34.59 -29.10 26.70
N VAL A 367 35.59 -29.97 26.72
CA VAL A 367 36.04 -30.60 27.93
C VAL A 367 36.65 -29.58 28.86
N TYR A 368 37.60 -28.79 28.36
CA TYR A 368 38.26 -27.80 29.19
C TYR A 368 37.28 -26.73 29.68
N ALA A 369 36.39 -26.29 28.79
CA ALA A 369 35.44 -25.23 29.10
C ALA A 369 34.56 -25.64 30.27
N MET A 370 34.07 -26.89 30.30
CA MET A 370 33.23 -27.38 31.38
C MET A 370 34.03 -27.40 32.67
N ALA A 371 35.28 -27.88 32.60
CA ALA A 371 36.18 -27.86 33.72
C ALA A 371 36.44 -26.44 34.25
N HIS A 372 36.74 -25.46 33.39
CA HIS A 372 37.03 -24.08 33.79
C HIS A 372 35.87 -23.45 34.54
N ALA A 373 34.65 -23.62 34.02
CA ALA A 373 33.48 -23.05 34.69
C ALA A 373 33.30 -23.65 36.08
N LEU A 374 33.57 -24.95 36.21
CA LEU A 374 33.50 -25.66 37.47
C LEU A 374 34.72 -25.39 38.36
N HIS A 375 35.89 -25.05 37.82
CA HIS A 375 37.03 -24.55 38.61
C HIS A 375 36.67 -23.24 39.29
N ASN A 376 36.01 -22.34 38.57
CA ASN A 376 35.64 -21.06 39.15
C ASN A 376 34.46 -21.20 40.09
N MET A 377 33.51 -22.10 39.79
CA MET A 377 32.38 -22.46 40.68
C MET A 377 32.89 -23.05 41.99
N HIS A 378 33.87 -23.95 41.91
CA HIS A 378 34.53 -24.51 43.08
C HIS A 378 35.18 -23.41 43.91
N ARG A 379 36.02 -22.56 43.30
CA ARG A 379 36.68 -21.49 44.04
C ARG A 379 35.65 -20.53 44.62
N ALA A 380 34.60 -20.24 43.87
CA ALA A 380 33.58 -19.30 44.32
C ALA A 380 32.87 -19.82 45.57
N LEU A 381 32.55 -21.12 45.62
CA LEU A 381 31.81 -21.71 46.74
C LEU A 381 32.70 -22.06 47.94
N CYS A 382 33.94 -22.47 47.69
CA CYS A 382 34.75 -23.16 48.70
C CYS A 382 36.26 -23.00 48.45
N PRO A 383 36.79 -21.76 48.44
CA PRO A 383 38.17 -21.53 48.00
C PRO A 383 39.23 -22.08 48.94
N ASN A 384 38.87 -22.49 50.15
CA ASN A 384 39.84 -22.95 51.13
C ASN A 384 40.02 -24.47 51.13
N THR A 385 39.39 -25.22 50.22
CA THR A 385 39.29 -26.70 50.32
C THR A 385 39.48 -27.38 48.97
N THR A 386 39.70 -28.70 48.97
CA THR A 386 40.05 -29.46 47.76
C THR A 386 38.88 -29.65 46.81
N ARG A 387 37.66 -29.82 47.32
CA ARG A 387 36.50 -30.38 46.62
C ARG A 387 35.19 -29.69 46.95
N LEU A 388 34.19 -29.81 46.06
CA LEU A 388 32.80 -29.42 46.32
C LEU A 388 32.16 -30.32 47.38
N CYS A 389 31.24 -29.76 48.16
CA CYS A 389 30.33 -30.56 48.99
C CYS A 389 29.26 -31.24 48.12
N ASP A 390 28.67 -32.35 48.57
CA ASP A 390 27.52 -32.98 47.87
C ASP A 390 26.26 -32.09 47.87
N ALA A 391 26.17 -31.10 48.76
CA ALA A 391 25.16 -30.04 48.71
C ALA A 391 25.46 -28.95 47.66
N MET A 392 26.71 -28.84 47.20
CA MET A 392 27.13 -27.88 46.19
C MET A 392 27.04 -28.44 44.78
N ARG A 393 27.45 -29.70 44.61
CA ARG A 393 27.47 -30.38 43.31
C ARG A 393 26.15 -30.39 42.53
N PRO A 394 24.94 -30.22 43.11
CA PRO A 394 23.80 -29.67 42.37
C PRO A 394 24.07 -28.21 41.97
N VAL A 395 25.06 -28.03 41.10
CA VAL A 395 25.40 -26.77 40.47
C VAL A 395 24.29 -26.43 39.47
N ASN A 396 23.52 -25.39 39.74
CA ASN A 396 22.50 -24.90 38.81
C ASN A 396 23.17 -24.43 37.52
N GLY A 397 22.73 -24.99 36.40
CA GLY A 397 23.39 -24.73 35.14
C GLY A 397 23.21 -23.32 34.63
N ARG A 398 22.10 -22.67 35.01
CA ARG A 398 21.90 -21.28 34.64
C ARG A 398 22.82 -20.35 35.42
N ARG A 399 22.99 -20.61 36.71
CA ARG A 399 23.98 -19.95 37.58
C ARG A 399 25.37 -20.11 36.99
N LEU A 400 25.74 -21.35 36.71
CA LEU A 400 27.04 -21.67 36.12
C LEU A 400 27.17 -21.07 34.72
N TYR A 401 26.11 -21.19 33.92
CA TYR A 401 26.18 -20.75 32.54
C TYR A 401 26.49 -19.25 32.45
N LYS A 402 25.66 -18.42 33.09
CA LYS A 402 25.71 -16.99 32.82
C LYS A 402 26.88 -16.33 33.54
N ASP A 403 27.27 -16.85 34.70
CA ASP A 403 28.32 -16.22 35.49
C ASP A 403 29.68 -16.87 35.30
N PHE A 404 29.73 -18.14 34.91
CA PHE A 404 30.98 -18.87 34.88
C PHE A 404 31.34 -19.40 33.50
N VAL A 405 30.40 -20.01 32.79
CA VAL A 405 30.72 -20.61 31.49
C VAL A 405 31.04 -19.54 30.47
N LEU A 406 30.18 -18.53 30.34
CA LEU A 406 30.38 -17.51 29.31
C LEU A 406 31.59 -16.63 29.60
N ASN A 407 32.16 -16.73 30.80
CA ASN A 407 33.32 -15.93 31.18
C ASN A 407 34.62 -16.74 31.21
N VAL A 408 34.63 -17.94 30.62
CA VAL A 408 35.86 -18.72 30.60
C VAL A 408 36.82 -18.15 29.57
N LYS A 409 38.06 -17.91 29.98
CA LYS A 409 39.11 -17.47 29.07
C LYS A 409 40.26 -18.45 29.17
N PHE A 410 40.50 -19.19 28.09
CA PHE A 410 41.55 -20.20 28.06
C PHE A 410 41.89 -20.53 26.62
N ASP A 411 43.19 -20.51 26.33
CA ASP A 411 43.66 -20.88 25.00
C ASP A 411 43.36 -22.35 24.71
N ALA A 412 43.01 -22.61 23.45
CA ALA A 412 42.74 -23.98 23.04
C ALA A 412 43.95 -24.87 23.31
N PRO A 413 43.71 -26.09 23.79
CA PRO A 413 44.84 -26.97 24.12
C PRO A 413 45.77 -27.16 22.94
N PHE A 414 47.08 -27.06 23.22
CA PHE A 414 48.12 -27.39 22.25
C PHE A 414 47.99 -26.58 20.96
N ARG A 415 47.38 -25.41 21.08
CA ARG A 415 47.17 -24.57 19.91
C ARG A 415 48.50 -24.02 19.41
N PRO A 416 48.71 -23.98 18.10
CA PRO A 416 49.91 -23.35 17.56
C PRO A 416 49.82 -21.85 17.75
N ALA A 417 50.98 -21.20 17.76
CA ALA A 417 51.01 -19.74 17.87
C ALA A 417 50.35 -19.05 16.68
N ASP A 418 50.12 -19.79 15.59
CA ASP A 418 49.62 -19.16 14.37
C ASP A 418 48.10 -19.19 14.28
N THR A 419 47.43 -19.67 15.34
CA THR A 419 45.98 -19.63 15.35
C THR A 419 45.45 -18.75 16.49
N HIS A 420 44.11 -18.65 16.54
CA HIS A 420 43.42 -17.90 17.57
C HIS A 420 42.30 -18.73 18.22
N ASN A 421 42.46 -20.05 18.23
CA ASN A 421 41.44 -20.92 18.82
C ASN A 421 41.47 -20.87 20.34
N GLU A 422 40.29 -20.82 20.94
CA GLU A 422 40.13 -20.70 22.38
C GLU A 422 38.77 -21.27 22.78
N VAL A 423 38.55 -21.35 24.09
CA VAL A 423 37.28 -21.85 24.61
C VAL A 423 36.34 -20.68 24.95
N ARG A 424 36.75 -19.46 24.60
CA ARG A 424 35.94 -18.28 24.92
C ARG A 424 34.57 -18.38 24.25
N PHE A 425 33.54 -17.99 25.00
CA PHE A 425 32.18 -18.05 24.50
C PHE A 425 31.70 -16.67 24.06
N ASP A 426 30.78 -16.68 23.10
CA ASP A 426 30.01 -15.48 22.76
C ASP A 426 28.85 -15.31 23.72
N ARG A 427 28.07 -14.23 23.52
CA ARG A 427 26.98 -13.89 24.42
C ARG A 427 25.88 -14.94 24.44
N PHE A 428 25.76 -15.74 23.39
CA PHE A 428 24.80 -16.83 23.30
C PHE A 428 25.47 -18.18 23.48
N GLY A 429 26.74 -18.16 23.90
CA GLY A 429 27.54 -19.37 23.97
C GLY A 429 28.02 -19.90 22.64
N ASP A 430 28.14 -19.04 21.63
CA ASP A 430 28.51 -19.46 20.29
C ASP A 430 30.03 -19.62 20.21
N GLY A 431 30.48 -20.42 19.24
CA GLY A 431 31.89 -20.57 18.97
C GLY A 431 32.39 -19.60 17.91
N ILE A 432 33.49 -20.00 17.27
CA ILE A 432 34.26 -19.13 16.37
C ILE A 432 33.87 -19.41 14.92
N GLY A 433 33.32 -18.39 14.27
CA GLY A 433 32.81 -18.54 12.91
C GLY A 433 33.84 -18.49 11.79
N ARG A 434 34.78 -19.44 11.81
CA ARG A 434 35.82 -19.55 10.78
C ARG A 434 35.80 -20.95 10.23
N TYR A 435 35.79 -21.08 8.90
CA TYR A 435 35.68 -22.36 8.24
C TYR A 435 36.84 -22.57 7.27
N ASN A 436 37.19 -23.85 7.06
CA ASN A 436 38.06 -24.27 5.99
C ASN A 436 37.22 -24.68 4.80
N ILE A 437 37.76 -24.50 3.59
CA ILE A 437 37.13 -24.94 2.35
C ILE A 437 38.03 -25.96 1.69
N PHE A 438 37.55 -27.20 1.57
CA PHE A 438 38.29 -28.27 0.93
C PHE A 438 37.64 -28.63 -0.39
N THR A 439 38.48 -29.10 -1.32
CA THR A 439 38.02 -29.61 -2.61
C THR A 439 38.38 -31.08 -2.73
N TYR A 440 37.45 -31.88 -3.21
CA TYR A 440 37.71 -33.29 -3.43
C TYR A 440 38.48 -33.46 -4.73
N LEU A 441 39.65 -34.10 -4.66
CA LEU A 441 40.50 -34.24 -5.83
C LEU A 441 40.77 -35.72 -6.08
N ARG A 442 41.12 -36.04 -7.33
CA ARG A 442 41.62 -37.35 -7.70
C ARG A 442 43.12 -37.40 -7.46
N ALA A 443 43.57 -38.47 -6.82
CA ALA A 443 44.97 -38.66 -6.44
C ALA A 443 45.50 -37.48 -5.63
N TYR A 448 42.55 -40.64 -4.79
CA TYR A 448 41.59 -39.61 -4.38
C TYR A 448 41.94 -39.06 -3.00
N ARG A 449 41.69 -37.78 -2.79
CA ARG A 449 42.04 -37.12 -1.55
C ARG A 449 41.34 -35.77 -1.46
N TYR A 450 41.50 -35.12 -0.32
CA TYR A 450 41.02 -33.75 -0.19
C TYR A 450 42.19 -32.79 -0.04
N GLN A 451 41.99 -31.56 -0.48
CA GLN A 451 42.97 -30.50 -0.26
C GLN A 451 42.24 -29.22 0.12
N LYS A 452 42.80 -28.47 1.06
CA LYS A 452 42.29 -27.14 1.40
C LYS A 452 42.58 -26.18 0.25
N VAL A 453 41.54 -25.50 -0.24
CA VAL A 453 41.69 -24.57 -1.34
C VAL A 453 41.40 -23.14 -0.89
N GLY A 454 40.78 -22.98 0.25
CA GLY A 454 40.50 -21.66 0.76
C GLY A 454 39.82 -21.71 2.11
N TYR A 455 39.20 -20.59 2.47
CA TYR A 455 38.55 -20.47 3.78
C TYR A 455 37.46 -19.41 3.74
N TRP A 456 36.67 -19.39 4.80
CA TRP A 456 35.59 -18.41 4.97
C TRP A 456 35.61 -17.92 6.42
N ALA A 457 35.53 -16.61 6.59
CA ALA A 457 35.53 -15.99 7.92
C ALA A 457 34.85 -14.63 7.79
N GLU A 458 33.52 -14.65 7.70
CA GLU A 458 32.74 -13.48 7.30
C GLU A 458 33.24 -12.92 5.97
N GLY A 459 33.46 -13.80 5.00
CA GLY A 459 33.99 -13.43 3.71
C GLY A 459 34.73 -14.59 3.07
N LEU A 460 34.62 -14.72 1.75
CA LEU A 460 35.14 -15.88 1.05
C LEU A 460 36.50 -15.56 0.46
N THR A 461 37.46 -16.44 0.70
CA THR A 461 38.75 -16.42 0.02
C THR A 461 39.00 -17.79 -0.58
N LEU A 462 39.35 -17.82 -1.87
CA LEU A 462 39.66 -19.06 -2.58
C LEU A 462 40.96 -18.88 -3.34
N ASP A 463 41.82 -19.90 -3.28
CA ASP A 463 42.90 -20.06 -4.26
C ASP A 463 42.44 -21.05 -5.32
N THR A 464 41.85 -20.50 -6.39
CA THR A 464 41.14 -21.33 -7.36
C THR A 464 42.09 -22.18 -8.20
N SER A 465 43.40 -21.94 -8.14
CA SER A 465 44.33 -22.73 -8.92
C SER A 465 44.34 -24.18 -8.49
N LEU A 466 43.81 -24.48 -7.31
CA LEU A 466 43.66 -25.83 -6.80
C LEU A 466 42.30 -26.44 -7.07
N ILE A 467 41.40 -25.74 -7.76
CA ILE A 467 40.07 -26.26 -8.02
C ILE A 467 39.96 -26.62 -9.49
N PRO A 468 39.43 -27.81 -9.80
CA PRO A 468 39.35 -28.24 -11.20
C PRO A 468 38.59 -27.28 -12.11
N TRP A 469 37.89 -26.30 -11.55
CA TRP A 469 37.09 -25.38 -12.36
C TRP A 469 37.87 -24.14 -12.75
N ALA A 470 39.11 -24.01 -12.30
CA ALA A 470 39.87 -22.84 -12.71
C ALA A 470 40.56 -23.12 -14.05
N SER A 471 40.58 -22.11 -14.91
CA SER A 471 41.20 -22.22 -16.23
C SER A 471 40.85 -23.61 -16.77
N PRO A 472 39.57 -23.87 -17.05
CA PRO A 472 39.14 -25.21 -17.47
C PRO A 472 39.92 -25.71 -18.68
N SER A 473 40.37 -26.97 -18.58
CA SER A 473 41.12 -27.60 -19.67
C SER A 473 40.33 -28.69 -20.37
N ALA A 474 39.07 -28.91 -20.00
CA ALA A 474 38.23 -29.99 -20.51
C ALA A 474 36.80 -29.50 -20.65
N GLY A 475 36.63 -28.43 -21.42
CA GLY A 475 35.32 -27.89 -21.70
C GLY A 475 35.07 -26.72 -20.78
N PRO A 476 33.90 -26.09 -20.89
CA PRO A 476 33.64 -24.92 -20.10
C PRO A 476 33.58 -25.15 -18.59
N LEU A 477 33.62 -24.04 -17.86
CA LEU A 477 33.37 -23.93 -16.42
C LEU A 477 31.98 -24.51 -16.03
N PRO A 478 31.78 -25.07 -14.82
CA PRO A 478 30.48 -25.55 -14.42
C PRO A 478 29.37 -24.50 -14.51
N ALA A 479 28.28 -24.90 -15.14
CA ALA A 479 27.07 -24.10 -15.28
C ALA A 479 26.13 -24.25 -14.07
N SER A 480 25.72 -23.14 -13.46
CA SER A 480 24.60 -23.17 -12.52
C SER A 480 23.94 -21.79 -12.41
N ARG A 481 23.50 -21.23 -13.55
CA ARG A 481 22.96 -19.87 -13.66
C ARG A 481 21.93 -19.72 -14.78
N CYS A 482 20.80 -19.13 -14.42
CA CYS A 482 19.53 -19.42 -15.09
C CYS A 482 19.31 -18.52 -16.31
N SER A 483 19.58 -17.23 -16.15
CA SER A 483 19.54 -16.22 -17.20
C SER A 483 20.69 -15.26 -16.99
N GLU A 484 21.01 -14.52 -18.04
CA GLU A 484 21.74 -13.28 -17.87
C GLU A 484 21.03 -12.34 -16.86
N PRO A 485 21.79 -11.57 -16.07
CA PRO A 485 21.21 -10.43 -15.38
C PRO A 485 20.78 -9.37 -16.39
N CYS A 486 19.56 -8.86 -16.26
CA CYS A 486 18.94 -7.96 -17.24
C CYS A 486 19.58 -6.56 -17.30
N LEU A 487 19.49 -5.89 -18.45
CA LEU A 487 19.78 -4.47 -18.58
C LEU A 487 18.59 -3.63 -18.13
N GLN A 488 18.88 -2.35 -17.82
CA GLN A 488 17.86 -1.48 -17.25
C GLN A 488 16.80 -1.11 -18.27
N ASN A 489 16.99 -1.38 -19.57
CA ASN A 489 16.02 -1.12 -20.64
C ASN A 489 15.20 -2.36 -21.02
N GLU A 490 15.32 -3.47 -20.31
CA GLU A 490 14.75 -4.75 -20.70
C GLU A 490 13.79 -5.28 -19.65
N VAL A 491 12.82 -6.07 -20.08
CA VAL A 491 11.78 -6.60 -19.21
C VAL A 491 11.73 -8.12 -19.17
N LYS A 492 11.52 -8.64 -17.97
CA LYS A 492 11.53 -10.06 -17.62
C LYS A 492 10.54 -10.80 -18.49
N SER A 493 11.08 -11.73 -19.24
CA SER A 493 10.41 -12.32 -20.38
C SER A 493 11.08 -13.65 -20.74
N VAL A 494 10.36 -14.44 -21.55
CA VAL A 494 10.73 -15.78 -22.01
C VAL A 494 10.77 -16.84 -20.90
N GLN A 495 11.50 -16.61 -19.80
CA GLN A 495 11.98 -17.70 -18.96
C GLN A 495 11.54 -17.60 -17.50
N PRO A 496 10.40 -18.20 -17.12
CA PRO A 496 10.22 -18.60 -15.72
C PRO A 496 11.25 -19.69 -15.34
N GLY A 497 11.74 -20.45 -16.33
CA GLY A 497 12.69 -21.54 -16.17
C GLY A 497 12.17 -22.57 -15.18
N GLU A 498 13.01 -22.96 -14.23
CA GLU A 498 12.52 -23.52 -12.97
C GLU A 498 11.76 -22.44 -12.19
N VAL A 499 12.48 -21.44 -11.68
CA VAL A 499 11.95 -20.25 -11.00
C VAL A 499 12.90 -19.08 -11.19
N CYS A 500 12.43 -17.84 -11.04
CA CYS A 500 13.31 -16.67 -10.93
C CYS A 500 14.23 -16.48 -12.16
N CYS A 501 13.95 -17.19 -13.25
CA CYS A 501 14.93 -17.53 -14.27
C CYS A 501 14.95 -16.54 -15.45
N TRP A 502 14.37 -15.37 -15.27
CA TRP A 502 13.96 -14.53 -16.38
C TRP A 502 15.11 -14.01 -17.19
N LEU A 503 15.05 -14.29 -18.50
CA LEU A 503 15.69 -13.42 -19.45
C LEU A 503 15.02 -12.04 -19.36
N CYS A 504 15.60 -11.03 -19.99
CA CYS A 504 14.83 -9.84 -20.33
C CYS A 504 14.94 -9.43 -21.79
N ILE A 505 13.87 -8.85 -22.31
CA ILE A 505 13.77 -8.33 -23.68
C ILE A 505 13.73 -6.81 -23.63
N PRO A 506 14.54 -6.09 -24.41
CA PRO A 506 14.48 -4.64 -24.54
C PRO A 506 13.08 -4.09 -24.83
N CYS A 507 12.74 -2.98 -24.21
CA CYS A 507 11.63 -2.14 -24.63
C CYS A 507 11.93 -1.46 -25.98
N GLN A 508 10.89 -1.13 -26.77
CA GLN A 508 11.01 -0.40 -28.02
C GLN A 508 11.53 1.00 -27.73
N PRO A 509 12.10 1.74 -28.71
CA PRO A 509 12.59 3.10 -28.47
C PRO A 509 11.56 4.05 -27.86
N TYR A 510 10.29 3.87 -28.22
CA TYR A 510 9.15 4.68 -27.76
C TYR A 510 8.52 4.18 -26.44
N GLU A 511 9.01 3.07 -25.87
CA GLU A 511 8.48 2.46 -24.65
C GLU A 511 9.41 2.66 -23.45
N TYR A 512 8.88 2.80 -22.25
CA TYR A 512 9.66 2.98 -21.03
C TYR A 512 9.35 1.82 -20.10
N ARG A 513 9.71 1.86 -18.82
CA ARG A 513 9.73 0.64 -18.03
C ARG A 513 9.32 0.92 -16.60
N LEU A 514 8.02 1.00 -16.39
CA LEU A 514 7.47 1.15 -15.05
C LEU A 514 7.46 -0.16 -14.27
N ASP A 515 7.59 -1.29 -14.95
CA ASP A 515 7.77 -2.61 -14.34
C ASP A 515 8.96 -3.30 -15.00
N GLU A 516 9.91 -3.87 -14.25
CA GLU A 516 10.95 -4.68 -14.89
C GLU A 516 10.39 -6.00 -15.45
N PHE A 517 9.13 -6.34 -15.23
CA PHE A 517 8.45 -7.36 -16.01
C PHE A 517 7.73 -6.84 -17.26
N THR A 518 7.41 -5.54 -17.38
CA THR A 518 6.77 -5.03 -18.60
C THR A 518 7.00 -3.56 -18.90
N CYS A 519 7.18 -3.27 -20.19
CA CYS A 519 7.43 -1.94 -20.69
C CYS A 519 6.14 -1.12 -20.65
N ALA A 520 6.24 0.09 -20.12
CA ALA A 520 5.16 1.08 -20.19
C ALA A 520 5.17 1.81 -21.54
N ASP A 521 4.08 2.50 -21.90
CA ASP A 521 4.02 3.38 -23.07
C ASP A 521 3.04 4.57 -22.85
N CYS A 522 3.04 5.56 -23.75
CA CYS A 522 2.21 6.77 -23.76
C CYS A 522 1.68 7.08 -25.17
N GLY A 523 0.79 8.07 -25.30
CA GLY A 523 0.24 8.49 -26.58
C GLY A 523 1.24 9.16 -27.53
N LEU A 524 0.79 9.53 -28.72
CA LEU A 524 1.56 10.40 -29.62
C LEU A 524 1.84 11.77 -28.96
N GLY A 525 2.99 12.35 -29.25
CA GLY A 525 3.54 13.47 -28.47
C GLY A 525 4.33 13.02 -27.23
N TYR A 526 4.13 11.80 -26.73
CA TYR A 526 4.75 11.31 -25.51
C TYR A 526 5.78 10.23 -25.79
N TRP A 527 6.99 10.44 -25.27
CA TRP A 527 8.16 9.62 -25.55
C TRP A 527 8.95 9.33 -24.28
N PRO A 528 9.59 8.16 -24.14
CA PRO A 528 10.31 7.80 -22.92
C PRO A 528 11.27 8.85 -22.40
N ASN A 529 11.20 9.10 -21.10
CA ASN A 529 12.23 9.84 -20.41
C ASN A 529 13.47 8.96 -20.23
N ALA A 530 14.63 9.60 -20.06
CA ALA A 530 15.89 8.87 -19.91
C ALA A 530 15.83 7.90 -18.73
N SER A 531 15.10 8.26 -17.69
CA SER A 531 14.98 7.40 -16.52
C SER A 531 14.17 6.14 -16.81
N LEU A 532 13.41 6.14 -17.91
CA LEU A 532 12.47 5.08 -18.24
C LEU A 532 11.33 4.98 -17.24
N THR A 533 11.13 6.03 -16.45
CA THR A 533 10.03 6.09 -15.49
C THR A 533 8.85 6.92 -15.96
N GLY A 534 8.84 7.38 -17.21
CA GLY A 534 7.74 8.20 -17.67
C GLY A 534 7.96 8.68 -19.09
N CYS A 535 7.09 9.61 -19.50
CA CYS A 535 7.15 10.18 -20.85
C CYS A 535 7.31 11.69 -20.78
N PHE A 536 7.99 12.26 -21.77
CA PHE A 536 8.05 13.67 -22.08
C PHE A 536 7.09 13.85 -23.25
N GLU A 537 6.31 14.87 -23.03
CA GLU A 537 5.79 15.63 -24.12
C GLU A 537 7.00 16.21 -24.81
N LEU A 538 7.18 15.74 -26.03
CA LEU A 538 8.13 16.14 -27.05
C LEU A 538 8.16 17.67 -27.30
N PRO A 539 9.23 18.18 -27.94
CA PRO A 539 9.24 19.56 -28.41
C PRO A 539 8.45 19.68 -29.71
N GLN A 540 8.24 20.90 -30.17
CA GLN A 540 7.95 21.16 -31.58
C GLN A 540 9.16 20.79 -32.46
N GLU A 541 8.94 20.56 -33.75
CA GLU A 541 10.06 20.57 -34.73
C GLU A 541 10.80 21.92 -34.69
N TYR A 542 10.00 22.98 -34.56
CA TYR A 542 10.37 24.37 -34.26
C TYR A 542 11.11 25.16 -35.35
N ILE A 543 11.87 24.56 -36.28
CA ILE A 543 12.94 25.31 -36.96
C ILE A 543 12.36 26.51 -37.73
N ARG A 544 12.89 27.68 -37.40
CA ARG A 544 12.44 28.98 -37.91
C ARG A 544 10.92 29.20 -37.71
N TRP A 545 10.35 28.74 -36.58
CA TRP A 545 9.00 29.11 -36.09
C TRP A 545 9.05 30.35 -35.17
N GLY A 546 9.82 30.31 -34.08
CA GLY A 546 9.93 31.41 -33.12
C GLY A 546 10.67 32.59 -33.74
N ASP A 547 11.84 32.30 -34.31
CA ASP A 547 12.48 33.13 -35.32
C ASP A 547 11.81 32.86 -36.68
N ALA A 548 10.57 33.32 -36.86
CA ALA A 548 9.69 32.92 -37.96
C ALA A 548 10.32 33.14 -39.35
N TRP A 549 10.46 32.07 -40.15
CA TRP A 549 10.97 32.14 -41.53
C TRP A 549 10.19 33.18 -42.33
N ALA A 550 8.87 33.21 -42.13
CA ALA A 550 7.90 34.07 -42.79
C ALA A 550 8.37 35.52 -43.05
N VAL A 551 9.01 36.19 -42.09
CA VAL A 551 9.38 37.60 -42.25
C VAL A 551 10.29 37.85 -43.47
N GLY A 552 11.16 36.89 -43.82
CA GLY A 552 12.05 37.00 -44.97
C GLY A 552 11.30 37.02 -46.30
N PRO A 553 10.64 35.92 -46.70
CA PRO A 553 9.78 35.86 -47.89
C PRO A 553 8.70 36.94 -47.92
N VAL A 554 8.11 37.30 -46.77
CA VAL A 554 7.18 38.43 -46.68
C VAL A 554 7.90 39.69 -47.15
N THR A 555 9.04 40.01 -46.55
CA THR A 555 9.82 41.20 -46.92
C THR A 555 10.16 41.17 -48.42
N ILE A 556 10.59 40.01 -48.93
CA ILE A 556 10.92 39.83 -50.34
C ILE A 556 9.68 40.09 -51.21
N ALA A 557 8.50 39.63 -50.83
CA ALA A 557 7.26 39.98 -51.52
C ALA A 557 7.00 41.50 -51.46
N CYS A 558 7.24 42.13 -50.32
CA CYS A 558 7.13 43.58 -50.19
C CYS A 558 8.16 44.34 -51.04
N LEU A 559 9.31 43.76 -51.41
CA LEU A 559 10.21 44.41 -52.36
C LEU A 559 9.55 44.65 -53.71
N GLY A 560 8.54 43.83 -54.09
CA GLY A 560 7.92 43.94 -55.39
C GLY A 560 7.19 45.24 -55.20
N ALA A 561 6.44 45.27 -54.11
CA ALA A 561 5.62 46.42 -53.92
C ALA A 561 6.45 47.71 -53.89
N LEU A 562 7.61 47.68 -53.27
CA LEU A 562 8.52 48.89 -53.20
C LEU A 562 9.35 49.28 -54.40
N ALA A 563 9.61 48.28 -55.19
CA ALA A 563 10.41 48.57 -56.31
C ALA A 563 9.34 49.28 -57.03
N THR A 564 8.14 48.72 -57.00
CA THR A 564 7.09 49.28 -57.84
C THR A 564 6.93 50.71 -57.45
N LEU A 565 6.85 50.87 -56.17
CA LEU A 565 6.60 52.18 -55.64
C LEU A 565 7.60 53.22 -56.00
N PHE A 566 8.90 52.98 -55.90
CA PHE A 566 9.81 54.10 -56.13
C PHE A 566 9.81 54.42 -57.60
N VAL A 567 9.51 53.42 -58.45
CA VAL A 567 9.35 53.61 -59.89
C VAL A 567 8.16 54.50 -60.14
N LEU A 568 6.97 54.14 -59.63
CA LEU A 568 5.79 55.00 -59.70
C LEU A 568 6.06 56.38 -59.08
N GLY A 569 6.89 56.42 -58.03
CA GLY A 569 7.35 57.63 -57.34
C GLY A 569 8.20 58.57 -58.19
N VAL A 570 8.65 58.14 -59.37
CA VAL A 570 9.38 58.98 -60.32
C VAL A 570 8.93 58.80 -61.78
N PHE A 571 7.95 57.94 -62.07
CA PHE A 571 7.82 57.35 -63.42
C PHE A 571 7.67 58.36 -64.54
N VAL A 572 6.72 59.29 -64.41
CA VAL A 572 6.39 60.25 -65.48
C VAL A 572 7.55 61.21 -65.77
N ARG A 573 8.45 61.40 -64.79
CA ARG A 573 9.69 62.16 -64.90
C ARG A 573 10.79 61.44 -65.71
N HIS A 574 10.69 60.13 -65.95
CA HIS A 574 11.75 59.31 -66.57
C HIS A 574 11.33 58.40 -67.73
N ASN A 575 10.07 57.97 -67.84
CA ASN A 575 9.54 57.17 -68.96
C ASN A 575 8.14 57.65 -69.41
N ALA A 576 7.83 58.92 -69.13
CA ALA A 576 6.64 59.63 -69.59
C ALA A 576 5.35 58.82 -69.41
N THR A 577 4.75 58.38 -70.52
CA THR A 577 3.55 57.51 -70.59
C THR A 577 2.49 57.85 -69.51
N PRO A 578 2.02 59.11 -69.42
CA PRO A 578 1.37 59.65 -68.21
C PRO A 578 0.08 58.97 -67.76
N VAL A 579 -0.54 58.15 -68.62
CA VAL A 579 -1.62 57.21 -68.22
C VAL A 579 -1.20 56.32 -67.06
N VAL A 580 0.10 56.18 -66.77
CA VAL A 580 0.57 55.55 -65.55
C VAL A 580 -0.05 56.15 -64.28
N LYS A 581 -0.37 57.45 -64.21
CA LYS A 581 -0.99 58.03 -63.00
C LYS A 581 -2.38 57.45 -62.71
N ALA A 582 -3.13 57.13 -63.76
CA ALA A 582 -4.40 56.40 -63.67
C ALA A 582 -4.16 54.91 -63.95
N SER A 583 -4.21 54.51 -65.22
CA SER A 583 -4.05 53.14 -65.70
C SER A 583 -2.91 52.37 -65.03
N GLY A 584 -1.69 52.93 -65.00
CA GLY A 584 -0.54 52.22 -64.40
C GLY A 584 -0.65 52.02 -62.89
N ARG A 585 -1.07 53.05 -62.14
CA ARG A 585 -1.29 53.00 -60.69
C ARG A 585 -2.33 51.93 -60.34
N GLU A 586 -3.47 51.94 -61.02
CA GLU A 586 -4.53 50.95 -60.77
C GLU A 586 -4.15 49.54 -61.24
N LEU A 587 -3.47 49.37 -62.39
CA LEU A 587 -2.98 48.06 -62.86
C LEU A 587 -2.01 47.41 -61.86
N CYS A 588 -1.08 48.18 -61.30
CA CYS A 588 -0.18 47.70 -60.25
C CYS A 588 -0.95 47.39 -58.97
N TYR A 589 -1.82 48.30 -58.53
CA TYR A 589 -2.68 48.08 -57.36
C TYR A 589 -3.51 46.78 -57.49
N ILE A 590 -4.07 46.50 -58.67
CA ILE A 590 -4.77 45.25 -58.98
C ILE A 590 -3.88 44.05 -58.66
N LEU A 591 -2.66 44.02 -59.19
CA LEU A 591 -1.74 42.94 -58.92
C LEU A 591 -1.41 42.85 -57.42
N LEU A 592 -1.24 43.95 -56.69
CA LEU A 592 -0.65 43.80 -55.41
C LEU A 592 -1.72 43.49 -54.51
N GLY A 593 -2.94 43.62 -55.04
CA GLY A 593 -4.08 43.23 -54.22
C GLY A 593 -3.74 41.80 -54.03
N GLY A 594 -3.56 41.19 -55.16
CA GLY A 594 -3.18 39.86 -55.13
C GLY A 594 -2.01 39.31 -54.47
N VAL A 595 -0.96 40.05 -54.70
CA VAL A 595 0.25 39.61 -54.14
C VAL A 595 0.07 39.61 -52.67
N PHE A 596 -0.52 40.69 -52.20
CA PHE A 596 -0.75 40.75 -50.79
C PHE A 596 -1.54 39.63 -50.25
N LEU A 597 -2.67 39.38 -50.89
CA LEU A 597 -3.59 38.44 -50.34
C LEU A 597 -2.87 37.22 -50.19
N CYS A 598 -2.15 36.94 -51.23
CA CYS A 598 -1.46 35.73 -51.23
C CYS A 598 -0.49 35.53 -50.06
N TYR A 599 0.53 36.38 -50.04
CA TYR A 599 1.65 36.17 -49.11
C TYR A 599 1.15 36.39 -47.69
N CYS A 600 0.28 37.39 -47.50
CA CYS A 600 -0.32 37.69 -46.22
C CYS A 600 -0.86 36.40 -45.64
N MET A 601 -1.66 35.67 -46.41
CA MET A 601 -2.18 34.44 -45.88
C MET A 601 -1.33 33.21 -45.74
N THR A 602 -0.48 32.96 -46.70
CA THR A 602 0.27 31.73 -46.49
C THR A 602 1.23 31.88 -45.38
N PHE A 603 1.67 33.12 -45.17
CA PHE A 603 2.54 33.46 -44.08
C PHE A 603 1.72 33.76 -42.82
N ILE A 604 0.43 33.38 -42.77
CA ILE A 604 -0.18 33.25 -41.46
C ILE A 604 0.52 31.97 -40.88
N PHE A 605 1.00 31.01 -41.70
CA PHE A 605 2.16 30.14 -41.36
C PHE A 605 2.01 29.16 -40.16
N ILE A 606 3.05 28.34 -39.93
CA ILE A 606 3.13 27.30 -38.88
C ILE A 606 3.85 27.78 -37.60
N ALA A 607 4.25 29.06 -37.52
CA ALA A 607 4.65 29.64 -36.24
C ALA A 607 3.45 29.70 -35.29
N LYS A 608 3.66 29.51 -33.97
CA LYS A 608 2.60 29.54 -32.95
C LYS A 608 1.26 28.85 -33.34
N PRO A 609 1.21 27.58 -33.80
CA PRO A 609 0.01 26.94 -34.38
C PRO A 609 -1.29 26.97 -33.55
N SER A 610 -2.38 26.47 -34.14
CA SER A 610 -3.78 26.82 -33.76
C SER A 610 -3.99 28.33 -33.96
N THR A 611 -4.56 29.07 -33.00
CA THR A 611 -4.40 30.54 -32.94
C THR A 611 -5.02 31.30 -34.14
N ALA A 612 -4.67 32.59 -34.29
CA ALA A 612 -4.92 33.43 -35.46
C ALA A 612 -4.38 32.82 -36.76
N VAL A 613 -3.50 31.83 -36.67
CA VAL A 613 -2.89 31.25 -37.87
C VAL A 613 -3.73 30.13 -38.47
N CYS A 614 -4.27 29.19 -37.69
CA CYS A 614 -4.80 27.92 -38.24
C CYS A 614 -6.04 28.09 -39.13
N THR A 615 -6.89 29.06 -38.83
CA THR A 615 -8.16 29.28 -39.55
C THR A 615 -7.93 29.75 -40.99
N LEU A 616 -6.93 30.60 -41.22
CA LEU A 616 -6.84 31.42 -42.42
C LEU A 616 -5.57 31.23 -43.26
N ARG A 617 -4.67 30.31 -42.90
CA ARG A 617 -3.49 30.04 -43.76
C ARG A 617 -3.84 29.26 -45.05
N ARG A 618 -4.36 28.03 -44.93
CA ARG A 618 -4.49 27.11 -46.09
C ARG A 618 -5.73 27.37 -46.93
N LEU A 619 -6.92 27.35 -46.33
CA LEU A 619 -8.23 27.57 -46.98
C LEU A 619 -8.39 26.81 -48.32
N GLY A 620 -7.93 25.55 -48.37
CA GLY A 620 -8.01 24.70 -49.56
C GLY A 620 -7.04 25.02 -50.71
N LEU A 621 -5.93 25.73 -50.45
CA LEU A 621 -4.92 26.16 -51.44
C LEU A 621 -5.51 27.04 -52.57
N GLY A 622 -6.05 28.18 -52.18
CA GLY A 622 -6.75 29.10 -53.07
C GLY A 622 -6.03 30.41 -53.23
N THR A 623 -4.71 30.40 -53.07
CA THR A 623 -3.85 31.63 -53.30
C THR A 623 -3.20 31.91 -54.57
N ALA A 624 -3.54 31.12 -55.54
CA ALA A 624 -2.89 31.28 -56.71
C ALA A 624 -4.04 32.08 -57.28
N PHE A 625 -5.34 31.85 -56.97
CA PHE A 625 -6.38 32.77 -57.33
C PHE A 625 -6.01 34.18 -56.84
N SER A 626 -5.35 34.32 -55.67
CA SER A 626 -5.04 35.65 -55.23
C SER A 626 -4.14 36.34 -56.17
N VAL A 627 -3.12 35.61 -56.60
CA VAL A 627 -2.34 36.42 -57.56
C VAL A 627 -2.59 36.30 -58.91
N CYS A 628 -2.55 35.06 -59.36
CA CYS A 628 -2.40 35.17 -60.76
C CYS A 628 -3.69 35.47 -61.34
N TYR A 629 -4.63 35.01 -60.59
CA TYR A 629 -5.80 35.34 -61.25
C TYR A 629 -6.53 36.54 -60.93
N SER A 630 -6.14 37.17 -59.88
CA SER A 630 -6.89 38.31 -59.53
C SER A 630 -6.38 39.16 -60.63
N ALA A 631 -5.06 39.10 -60.77
CA ALA A 631 -4.43 40.00 -61.67
C ALA A 631 -4.91 39.80 -63.04
N LEU A 632 -4.97 38.52 -63.34
CA LEU A 632 -5.34 38.46 -64.73
C LEU A 632 -6.77 38.69 -65.10
N LEU A 633 -7.70 38.45 -64.24
CA LEU A 633 -9.08 38.62 -64.58
C LEU A 633 -9.41 40.03 -64.71
N THR A 634 -8.78 40.78 -63.84
CA THR A 634 -9.18 42.12 -63.90
C THR A 634 -8.42 42.86 -64.93
N LYS A 635 -7.18 42.46 -65.16
CA LYS A 635 -6.48 43.32 -66.11
C LYS A 635 -7.15 43.01 -67.41
N THR A 636 -7.67 41.81 -67.53
CA THR A 636 -8.47 41.45 -68.68
C THR A 636 -9.76 42.13 -68.85
N ASN A 637 -10.52 42.27 -67.79
CA ASN A 637 -11.81 42.83 -68.07
C ASN A 637 -11.45 44.23 -68.44
N ARG A 638 -10.47 44.88 -67.76
CA ARG A 638 -10.07 46.27 -68.01
C ARG A 638 -9.72 46.48 -69.47
N ILE A 639 -8.75 45.75 -69.99
CA ILE A 639 -8.39 45.92 -71.40
C ILE A 639 -9.55 45.56 -72.32
N ALA A 640 -10.58 44.82 -71.84
CA ALA A 640 -11.51 44.27 -72.75
C ALA A 640 -12.24 45.49 -73.06
N ARG A 641 -12.45 46.18 -71.98
CA ARG A 641 -13.40 47.20 -72.12
C ARG A 641 -12.70 48.27 -72.94
N ILE A 642 -11.43 48.52 -72.63
CA ILE A 642 -10.63 49.60 -73.23
C ILE A 642 -10.45 49.38 -74.72
N PHE A 643 -9.82 48.27 -75.11
CA PHE A 643 -9.25 48.12 -76.46
C PHE A 643 -9.21 49.25 -77.47
N PHE A 655 -17.80 50.28 -68.57
CA PHE A 655 -17.45 51.32 -67.61
C PHE A 655 -15.94 51.34 -67.37
N ILE A 656 -15.27 52.37 -67.84
CA ILE A 656 -13.82 52.51 -67.71
C ILE A 656 -13.52 53.71 -66.83
N SER A 657 -12.87 53.45 -65.69
CA SER A 657 -12.51 54.48 -64.73
C SER A 657 -11.59 53.85 -63.69
N PRO A 658 -10.77 54.67 -63.00
CA PRO A 658 -9.99 54.21 -61.87
C PRO A 658 -10.85 53.42 -60.88
N ALA A 659 -12.07 53.92 -60.60
CA ALA A 659 -12.99 53.22 -59.72
C ALA A 659 -13.43 51.88 -60.31
N SER A 660 -13.59 51.80 -61.63
CA SER A 660 -13.96 50.53 -62.24
C SER A 660 -12.88 49.48 -62.04
N GLN A 661 -11.62 49.88 -62.13
CA GLN A 661 -10.50 48.98 -61.89
C GLN A 661 -10.47 48.52 -60.42
N VAL A 662 -10.53 49.45 -59.47
CA VAL A 662 -10.61 49.10 -58.05
C VAL A 662 -11.81 48.20 -57.76
N ALA A 663 -12.95 48.52 -58.31
CA ALA A 663 -14.21 47.86 -57.94
C ALA A 663 -14.26 46.44 -58.48
N ILE A 664 -13.76 46.22 -59.70
CA ILE A 664 -13.82 44.89 -60.31
C ILE A 664 -12.95 43.92 -59.52
N CYS A 665 -11.71 44.32 -59.23
CA CYS A 665 -10.79 43.43 -58.54
C CYS A 665 -11.28 43.11 -57.14
N LEU A 666 -11.88 44.09 -56.47
CA LEU A 666 -12.41 43.88 -55.13
C LEU A 666 -13.61 42.93 -55.16
N ALA A 667 -14.49 43.07 -56.15
CA ALA A 667 -15.60 42.14 -56.28
C ALA A 667 -15.11 40.72 -56.50
N LEU A 668 -14.07 40.55 -57.32
CA LEU A 668 -13.53 39.21 -57.53
C LEU A 668 -12.81 38.70 -56.29
N ILE A 669 -12.08 39.58 -55.61
CA ILE A 669 -11.40 39.18 -54.38
C ILE A 669 -12.40 38.76 -53.32
N SER A 670 -13.47 39.54 -53.13
CA SER A 670 -14.49 39.20 -52.15
C SER A 670 -15.17 37.87 -52.49
N GLY A 671 -15.44 37.64 -53.78
CA GLY A 671 -16.00 36.38 -54.27
C GLY A 671 -15.08 35.19 -53.98
N GLN A 672 -13.80 35.31 -54.32
CA GLN A 672 -12.81 34.28 -54.00
C GLN A 672 -12.68 34.07 -52.49
N LEU A 673 -12.45 35.15 -51.75
CA LEU A 673 -12.21 35.12 -50.32
C LEU A 673 -13.42 34.57 -49.60
N LEU A 674 -14.60 35.04 -49.96
CA LEU A 674 -15.76 34.73 -49.14
C LEU A 674 -16.10 33.24 -49.19
N ILE A 675 -16.06 32.62 -50.37
CA ILE A 675 -16.50 31.22 -50.51
C ILE A 675 -15.52 30.23 -49.86
N VAL A 676 -14.23 30.54 -49.79
CA VAL A 676 -13.28 29.70 -49.04
C VAL A 676 -13.41 29.92 -47.52
N VAL A 677 -13.54 31.17 -47.06
CA VAL A 677 -13.69 31.42 -45.62
C VAL A 677 -15.05 30.93 -45.12
N ALA A 678 -16.11 30.96 -45.95
CA ALA A 678 -17.43 30.43 -45.61
C ALA A 678 -17.46 28.92 -45.31
N TRP A 679 -16.42 28.14 -45.65
CA TRP A 679 -16.35 26.75 -45.19
C TRP A 679 -16.18 26.64 -43.65
N LEU A 680 -15.75 27.72 -43.00
CA LEU A 680 -15.76 27.86 -41.55
C LEU A 680 -17.18 28.16 -40.98
N VAL A 681 -18.24 28.27 -41.81
CA VAL A 681 -19.63 28.11 -41.33
C VAL A 681 -19.83 26.67 -40.83
N VAL A 682 -19.13 25.71 -41.44
CA VAL A 682 -19.10 24.31 -41.03
C VAL A 682 -17.96 24.07 -40.01
N GLU A 683 -16.75 24.53 -40.36
CA GLU A 683 -15.50 24.12 -39.71
C GLU A 683 -14.87 25.19 -38.79
N ALA A 684 -13.76 24.83 -38.15
CA ALA A 684 -13.01 25.64 -37.17
C ALA A 684 -11.49 25.34 -37.24
N PRO A 685 -10.60 26.21 -36.71
CA PRO A 685 -9.18 25.88 -36.55
C PRO A 685 -9.01 24.70 -35.58
N GLY A 686 -8.11 23.77 -35.89
CA GLY A 686 -7.84 22.61 -35.04
C GLY A 686 -6.62 21.81 -35.48
N THR A 687 -6.56 20.53 -35.11
CA THR A 687 -5.44 19.61 -35.37
C THR A 687 -4.08 20.23 -35.08
N GLY A 688 -4.03 21.10 -34.06
CA GLY A 688 -2.82 21.71 -33.55
C GLY A 688 -1.93 20.74 -32.78
N LYS A 689 -2.04 19.42 -33.04
CA LYS A 689 -1.20 18.35 -32.50
C LYS A 689 -1.33 17.06 -33.32
N GLU A 690 -0.20 16.54 -33.73
CA GLU A 690 0.05 15.25 -34.34
C GLU A 690 1.54 14.93 -34.27
N THR A 691 1.92 13.71 -34.60
CA THR A 691 3.27 13.37 -35.08
C THR A 691 3.18 12.00 -35.77
N ALA A 692 4.17 11.61 -36.55
CA ALA A 692 4.23 10.23 -37.01
C ALA A 692 4.43 9.30 -35.80
N PRO A 693 3.58 8.28 -35.58
CA PRO A 693 3.90 7.18 -34.68
C PRO A 693 5.28 6.58 -34.97
N GLU A 694 5.63 6.53 -36.26
CA GLU A 694 6.89 6.06 -36.79
C GLU A 694 8.06 7.01 -36.49
N ARG A 695 7.78 8.16 -35.88
CA ARG A 695 8.77 9.07 -35.31
C ARG A 695 8.62 9.19 -33.79
N ARG A 696 7.56 9.87 -33.31
CA ARG A 696 7.50 10.41 -31.94
C ARG A 696 8.83 11.07 -31.50
N GLU A 697 9.52 11.71 -32.44
CA GLU A 697 10.77 12.44 -32.17
C GLU A 697 10.49 13.90 -31.78
N VAL A 698 9.38 14.44 -32.26
CA VAL A 698 8.85 15.79 -32.02
C VAL A 698 7.33 15.70 -32.08
N VAL A 699 6.62 16.64 -31.47
CA VAL A 699 5.24 16.95 -31.84
C VAL A 699 5.23 17.95 -33.01
N THR A 700 4.18 17.94 -33.82
CA THR A 700 3.89 18.99 -34.79
C THR A 700 2.40 19.24 -34.86
N LEU A 701 1.97 20.38 -35.39
CA LEU A 701 0.69 20.98 -35.02
C LEU A 701 -0.16 21.28 -36.27
N ARG A 702 -0.25 20.33 -37.20
CA ARG A 702 -0.80 20.57 -38.54
C ARG A 702 -2.33 20.47 -38.64
N CYS A 703 -2.99 21.62 -38.78
CA CYS A 703 -4.40 21.79 -39.18
C CYS A 703 -4.75 20.98 -40.45
N ASN A 704 -5.95 20.39 -40.55
CA ASN A 704 -6.34 19.51 -41.68
C ASN A 704 -7.87 19.38 -41.86
N HIS A 705 -8.56 20.52 -41.89
CA HIS A 705 -10.00 20.59 -41.64
C HIS A 705 -10.86 20.22 -42.86
N ARG A 706 -10.96 18.91 -43.12
CA ARG A 706 -11.72 18.34 -44.25
C ARG A 706 -11.34 19.01 -45.57
N ASP A 707 -10.04 19.09 -45.84
CA ASP A 707 -9.49 19.99 -46.86
C ASP A 707 -10.12 19.77 -48.24
N ALA A 708 -10.28 18.52 -48.69
CA ALA A 708 -10.95 18.22 -49.96
C ALA A 708 -12.42 18.69 -49.99
N SER A 709 -13.09 18.70 -48.84
CA SER A 709 -14.43 19.28 -48.71
C SER A 709 -14.37 20.80 -48.80
N MET A 710 -13.40 21.44 -48.14
CA MET A 710 -13.14 22.87 -48.32
C MET A 710 -12.80 23.23 -49.76
N LEU A 711 -12.06 22.40 -50.49
CA LEU A 711 -11.83 22.60 -51.93
C LEU A 711 -13.17 22.63 -52.69
N GLY A 712 -14.20 21.96 -52.19
CA GLY A 712 -15.57 22.06 -52.68
C GLY A 712 -16.13 23.49 -52.73
N SER A 713 -15.52 24.44 -52.03
CA SER A 713 -15.80 25.88 -52.20
C SER A 713 -15.57 26.39 -53.63
N LEU A 714 -14.68 25.76 -54.41
CA LEU A 714 -14.25 26.27 -55.70
C LEU A 714 -14.12 25.17 -56.78
N ALA A 715 -14.27 23.89 -56.40
CA ALA A 715 -13.76 22.73 -57.15
C ALA A 715 -14.19 22.62 -58.63
N TYR A 716 -15.37 23.11 -59.01
CA TYR A 716 -15.87 23.03 -60.39
C TYR A 716 -15.55 24.30 -61.24
N ASN A 717 -15.17 25.43 -60.63
CA ASN A 717 -15.24 26.76 -61.28
C ASN A 717 -13.92 27.27 -61.90
N VAL A 718 -12.76 27.01 -61.28
CA VAL A 718 -11.46 27.60 -61.69
C VAL A 718 -10.96 27.20 -63.08
N LEU A 719 -11.48 26.11 -63.64
CA LEU A 719 -11.18 25.77 -65.03
C LEU A 719 -11.82 26.78 -66.01
N LEU A 720 -13.01 27.38 -65.74
CA LEU A 720 -13.48 28.47 -66.61
C LEU A 720 -12.60 29.73 -66.43
N ILE A 721 -11.98 29.97 -65.26
CA ILE A 721 -10.97 31.04 -65.05
C ILE A 721 -9.71 30.80 -65.92
N ALA A 722 -9.27 29.56 -66.00
CA ALA A 722 -8.23 29.12 -66.93
C ALA A 722 -8.56 29.25 -68.39
N LEU A 723 -9.81 29.00 -68.67
CA LEU A 723 -10.15 29.15 -70.07
C LEU A 723 -10.22 30.63 -70.40
N CYS A 724 -10.67 31.39 -69.42
CA CYS A 724 -10.83 32.79 -69.70
C CYS A 724 -9.46 33.25 -69.98
N THR A 725 -8.56 32.74 -69.18
CA THR A 725 -7.21 33.13 -69.33
C THR A 725 -6.68 32.79 -70.67
N LEU A 726 -6.95 31.60 -71.13
CA LEU A 726 -6.52 31.29 -72.48
C LEU A 726 -7.15 32.16 -73.58
N TYR A 727 -8.41 32.52 -73.44
CA TYR A 727 -9.02 33.50 -74.37
C TYR A 727 -8.37 34.87 -74.31
N ALA A 728 -8.16 35.25 -73.08
CA ALA A 728 -7.70 36.60 -72.88
C ALA A 728 -6.37 36.59 -73.55
N PHE A 729 -5.67 35.47 -73.40
CA PHE A 729 -4.35 35.38 -73.98
C PHE A 729 -4.52 35.72 -75.45
N LYS A 730 -5.46 35.04 -76.08
CA LYS A 730 -5.71 35.36 -77.47
C LYS A 730 -6.06 36.83 -77.73
N THR A 731 -6.87 37.53 -76.94
CA THR A 731 -7.32 38.87 -77.33
C THR A 731 -6.25 39.95 -77.10
N ARG A 732 -5.59 40.40 -78.18
CA ARG A 732 -4.49 41.40 -78.17
C ARG A 732 -4.59 42.47 -79.28
N LYS A 733 -5.80 42.73 -79.79
CA LYS A 733 -6.07 43.53 -81.00
C LYS A 733 -5.61 44.99 -80.97
N CYS A 734 -5.51 45.60 -79.78
CA CYS A 734 -5.00 46.96 -79.59
C CYS A 734 -3.76 46.93 -78.66
N PRO A 735 -2.54 46.66 -79.17
CA PRO A 735 -1.33 46.65 -78.35
C PRO A 735 -0.99 48.08 -77.89
N GLU A 736 -0.96 48.30 -76.57
CA GLU A 736 -0.67 49.60 -75.97
C GLU A 736 0.81 50.02 -76.20
N ASN A 737 1.22 51.17 -75.64
CA ASN A 737 2.62 51.55 -75.63
C ASN A 737 3.49 50.41 -75.06
N PHE A 738 4.74 50.34 -75.50
CA PHE A 738 5.65 49.21 -75.27
C PHE A 738 5.09 47.84 -75.70
N ASN A 739 3.98 47.79 -76.44
CA ASN A 739 3.27 46.58 -76.84
C ASN A 739 2.86 45.72 -75.65
N GLU A 740 2.46 46.34 -74.54
CA GLU A 740 2.16 45.65 -73.27
C GLU A 740 1.23 44.44 -73.43
N ALA A 741 0.33 44.45 -74.41
CA ALA A 741 -0.52 43.29 -74.71
C ALA A 741 0.27 42.00 -74.93
N LYS A 742 1.43 42.10 -75.57
CA LYS A 742 2.36 40.98 -75.75
C LYS A 742 2.95 40.56 -74.40
N PHE A 743 3.33 41.50 -73.55
CA PHE A 743 3.83 41.21 -72.21
C PHE A 743 2.77 40.58 -71.30
N ILE A 744 1.51 40.97 -71.45
CA ILE A 744 0.36 40.33 -70.79
C ILE A 744 0.21 38.88 -71.27
N GLY A 745 0.19 38.64 -72.58
CA GLY A 745 0.14 37.28 -73.13
C GLY A 745 1.31 36.43 -72.63
N PHE A 746 2.54 36.94 -72.72
CA PHE A 746 3.72 36.29 -72.16
C PHE A 746 3.55 35.95 -70.68
N THR A 747 2.95 36.86 -69.90
CA THR A 747 2.77 36.65 -68.50
C THR A 747 1.94 35.46 -68.31
N MET A 748 0.81 35.46 -68.95
CA MET A 748 -0.15 34.43 -68.77
C MET A 748 0.47 33.05 -68.96
N TYR A 749 1.20 32.89 -70.05
CA TYR A 749 1.79 31.57 -70.37
C TYR A 749 2.67 31.06 -69.26
N THR A 750 3.63 31.89 -68.87
CA THR A 750 4.64 31.43 -67.93
C THR A 750 4.19 31.38 -66.49
N THR A 751 3.25 32.25 -66.19
CA THR A 751 2.72 32.26 -64.86
C THR A 751 1.85 31.07 -64.57
N CYS A 752 1.12 30.63 -65.56
CA CYS A 752 0.24 29.55 -65.31
C CYS A 752 1.17 28.49 -64.86
N ILE A 753 2.26 28.39 -65.59
CA ILE A 753 3.21 27.34 -65.25
C ILE A 753 3.87 27.37 -63.89
N ILE A 754 4.33 28.54 -63.53
CA ILE A 754 5.14 28.61 -62.37
C ILE A 754 4.32 28.30 -61.19
N TRP A 755 3.09 28.69 -61.34
CA TRP A 755 2.21 28.45 -60.26
C TRP A 755 1.84 27.01 -60.13
N LEU A 756 1.58 26.41 -61.26
CA LEU A 756 1.10 25.07 -61.21
C LEU A 756 2.22 24.21 -60.72
N ALA A 757 3.41 24.68 -61.02
CA ALA A 757 4.59 23.92 -60.70
C ALA A 757 4.75 23.57 -59.24
N PHE A 758 4.11 24.33 -58.35
CA PHE A 758 4.24 24.07 -56.91
C PHE A 758 3.49 22.84 -56.46
N LEU A 759 2.33 22.55 -57.03
CA LEU A 759 1.48 21.49 -56.52
C LEU A 759 2.11 20.09 -56.64
N PRO A 760 2.85 19.73 -57.72
CA PRO A 760 3.72 18.55 -57.76
C PRO A 760 4.71 18.44 -56.60
N ILE A 761 5.06 19.56 -56.00
CA ILE A 761 5.90 19.62 -54.80
C ILE A 761 5.04 19.52 -53.53
N PHE A 762 4.02 20.37 -53.40
CA PHE A 762 3.23 20.50 -52.18
C PHE A 762 2.48 19.22 -51.78
N TYR A 763 1.85 18.53 -52.75
CA TYR A 763 0.73 17.61 -52.49
C TYR A 763 1.04 16.56 -51.42
N VAL A 764 2.26 16.02 -51.41
CA VAL A 764 2.78 15.18 -50.32
C VAL A 764 3.75 15.93 -49.39
N THR A 765 4.81 16.54 -49.96
CA THR A 765 5.96 17.03 -49.16
C THR A 765 5.62 18.18 -48.21
N SER A 766 4.46 18.81 -48.38
CA SER A 766 3.94 19.76 -47.39
C SER A 766 3.81 19.19 -45.98
N SER A 767 3.80 17.87 -45.85
CA SER A 767 3.85 17.16 -44.57
C SER A 767 5.22 17.19 -43.86
N ASP A 768 6.34 17.46 -44.55
CA ASP A 768 7.67 17.41 -43.92
C ASP A 768 8.35 18.79 -43.88
N TYR A 769 8.75 19.20 -42.68
CA TYR A 769 9.13 20.58 -42.36
C TYR A 769 10.07 21.24 -43.36
N ARG A 770 11.26 20.68 -43.61
CA ARG A 770 12.33 21.44 -44.27
C ARG A 770 11.94 21.69 -45.71
N VAL A 771 11.43 20.67 -46.36
CA VAL A 771 10.94 20.75 -47.75
C VAL A 771 9.69 21.62 -47.78
N GLN A 772 8.68 21.39 -46.95
CA GLN A 772 7.49 22.23 -46.87
C GLN A 772 7.89 23.70 -46.75
N THR A 773 8.71 24.03 -45.77
CA THR A 773 9.01 25.42 -45.46
C THR A 773 9.80 26.05 -46.59
N THR A 774 10.90 25.42 -47.00
CA THR A 774 11.74 25.93 -48.08
C THR A 774 10.92 26.10 -49.35
N THR A 775 10.24 25.04 -49.79
CA THR A 775 9.48 25.05 -51.05
C THR A 775 8.31 26.01 -50.99
N MET A 776 7.53 26.07 -49.91
CA MET A 776 6.44 27.05 -49.82
C MET A 776 6.97 28.47 -49.87
N CYS A 777 7.97 28.78 -49.05
CA CYS A 777 8.52 30.12 -48.96
C CYS A 777 8.98 30.60 -50.34
N VAL A 778 9.84 29.82 -50.99
CA VAL A 778 10.35 30.20 -52.30
C VAL A 778 9.25 30.12 -53.35
N SER A 779 8.35 29.14 -53.27
CA SER A 779 7.25 29.00 -54.23
C SER A 779 6.42 30.26 -54.29
N VAL A 780 5.95 30.69 -53.14
CA VAL A 780 5.09 31.87 -53.04
C VAL A 780 5.86 33.06 -53.58
N SER A 781 7.06 33.27 -53.04
CA SER A 781 7.92 34.37 -53.46
C SER A 781 8.14 34.38 -54.97
N LEU A 782 8.44 33.22 -55.54
CA LEU A 782 8.80 33.08 -56.90
C LEU A 782 7.67 33.19 -57.83
N SER A 783 6.59 32.55 -57.52
CA SER A 783 5.55 32.52 -58.48
C SER A 783 4.97 33.90 -58.68
N GLY A 784 4.88 34.55 -57.52
CA GLY A 784 4.42 35.91 -57.59
C GLY A 784 5.35 36.84 -58.31
N SER A 785 6.62 36.56 -58.17
CA SER A 785 7.59 37.39 -58.83
C SER A 785 7.57 37.20 -60.33
N VAL A 786 7.16 36.05 -60.79
CA VAL A 786 7.03 35.86 -62.22
C VAL A 786 5.89 36.70 -62.65
N VAL A 787 4.82 36.65 -61.90
CA VAL A 787 3.74 37.45 -62.44
C VAL A 787 4.16 38.89 -62.62
N LEU A 788 4.81 39.36 -61.59
CA LEU A 788 5.31 40.71 -61.62
C LEU A 788 6.39 40.98 -62.63
N GLY A 789 7.37 40.12 -62.70
CA GLY A 789 8.51 40.47 -63.50
C GLY A 789 7.99 40.58 -64.90
N CYS A 790 7.16 39.63 -65.22
CA CYS A 790 6.70 39.58 -66.57
C CYS A 790 6.15 40.88 -67.12
N LEU A 791 5.32 41.64 -66.38
CA LEU A 791 4.85 42.93 -66.90
C LEU A 791 5.58 44.17 -66.34
N PHE A 792 6.22 44.10 -65.16
CA PHE A 792 6.84 45.25 -64.52
C PHE A 792 8.28 45.47 -64.92
N ALA A 793 9.01 44.41 -65.28
CA ALA A 793 10.43 44.55 -65.59
C ALA A 793 10.72 45.63 -66.64
N PRO A 794 9.94 45.77 -67.74
CA PRO A 794 10.22 46.82 -68.74
C PRO A 794 10.26 48.21 -68.10
N LYS A 795 9.21 48.59 -67.37
CA LYS A 795 9.15 49.87 -66.66
C LYS A 795 10.28 50.02 -65.64
N LEU A 796 10.61 48.97 -64.88
CA LEU A 796 11.68 49.02 -63.88
C LEU A 796 13.03 49.24 -64.53
N HIS A 797 13.38 48.39 -65.51
CA HIS A 797 14.73 48.38 -66.04
C HIS A 797 14.97 49.56 -66.97
N ILE A 798 13.94 49.99 -67.72
CA ILE A 798 14.00 51.19 -68.57
C ILE A 798 14.39 52.39 -67.69
N ILE A 799 13.63 52.69 -66.64
CA ILE A 799 13.94 53.80 -65.72
C ILE A 799 15.23 53.55 -64.93
N LEU A 800 15.46 52.31 -64.46
CA LEU A 800 16.57 52.05 -63.56
C LEU A 800 17.94 52.16 -64.23
N PHE A 801 18.04 51.71 -65.48
CA PHE A 801 19.31 51.74 -66.19
C PHE A 801 19.40 52.82 -67.25
N GLN A 802 18.27 53.36 -67.72
CA GLN A 802 18.25 54.45 -68.69
C GLN A 802 17.21 55.48 -68.29
N PRO A 803 17.44 56.26 -67.20
CA PRO A 803 16.49 57.23 -66.67
C PRO A 803 16.01 58.31 -67.65
N GLN A 804 16.77 58.55 -68.71
CA GLN A 804 16.43 59.49 -69.78
C GLN A 804 15.35 58.93 -70.72
N LYS A 805 15.12 57.61 -70.73
CA LYS A 805 14.22 56.91 -71.65
C LYS A 805 12.77 57.01 -71.20
N MET B 8 9.18 -43.99 49.11
CA MET B 8 8.08 -44.52 49.95
C MET B 8 6.90 -43.54 50.15
N ASN B 9 7.07 -42.22 50.10
CA ASN B 9 6.01 -41.24 50.32
C ASN B 9 5.16 -41.01 49.05
N SER B 10 4.33 -41.97 48.67
CA SER B 10 3.47 -41.86 47.49
C SER B 10 2.38 -42.90 47.51
N ILE B 11 1.35 -42.77 46.68
CA ILE B 11 0.32 -43.81 46.55
C ILE B 11 0.51 -44.58 45.26
N ARG B 12 0.50 -45.90 45.33
CA ARG B 12 0.46 -46.78 44.17
C ARG B 12 -0.86 -47.49 44.19
N ILE B 13 -1.64 -47.32 43.14
CA ILE B 13 -2.76 -48.19 42.82
C ILE B 13 -2.29 -49.07 41.69
N ASP B 14 -2.33 -50.39 41.88
CA ASP B 14 -1.92 -51.35 40.87
C ASP B 14 -2.82 -51.26 39.62
N GLY B 15 -2.29 -51.58 38.44
CA GLY B 15 -3.12 -51.58 37.24
C GLY B 15 -2.28 -51.90 36.02
N ASP B 16 -2.89 -52.10 34.87
CA ASP B 16 -2.19 -52.40 33.63
C ASP B 16 -1.54 -51.14 33.07
N ILE B 17 -2.36 -50.10 33.08
CA ILE B 17 -2.06 -48.75 32.63
C ILE B 17 -1.87 -47.97 33.91
N THR B 18 -0.73 -47.31 34.12
CA THR B 18 -0.61 -46.51 35.33
C THR B 18 -0.74 -45.07 34.95
N LEU B 19 -1.71 -44.42 35.54
CA LEU B 19 -1.93 -42.99 35.50
C LEU B 19 -0.93 -42.30 36.45
N GLY B 20 -0.29 -41.22 36.05
CA GLY B 20 0.45 -40.40 37.02
C GLY B 20 -0.45 -39.36 37.64
N GLY B 21 -0.12 -38.83 38.79
CA GLY B 21 -0.90 -37.74 39.38
C GLY B 21 -0.15 -36.97 40.44
N LEU B 22 -0.60 -35.76 40.75
CA LEU B 22 0.05 -34.84 41.68
C LEU B 22 -0.93 -33.91 42.40
N PHE B 23 -0.70 -33.69 43.69
CA PHE B 23 -1.47 -32.73 44.48
C PHE B 23 -0.53 -32.06 45.46
N PRO B 24 -0.80 -30.82 45.89
CA PRO B 24 -0.11 -30.24 47.01
C PRO B 24 -0.71 -30.79 48.28
N VAL B 25 -0.49 -32.07 48.60
CA VAL B 25 -1.04 -32.64 49.82
C VAL B 25 -0.50 -31.90 51.01
N HIS B 26 0.75 -31.43 50.94
CA HIS B 26 1.21 -30.41 51.88
C HIS B 26 1.38 -29.04 51.24
N GLY B 27 1.40 -28.01 52.08
CA GLY B 27 2.05 -26.75 51.75
C GLY B 27 3.57 -26.88 51.77
N ARG B 28 4.24 -25.75 51.63
CA ARG B 28 5.68 -25.67 51.84
C ARG B 28 6.04 -25.80 53.32
N GLY B 29 7.04 -26.62 53.63
CA GLY B 29 7.77 -26.52 54.89
C GLY B 29 8.78 -25.37 54.88
N SER B 30 9.68 -25.30 55.87
CA SER B 30 10.62 -24.21 56.04
C SER B 30 11.93 -24.72 56.57
N GLU B 31 12.94 -23.86 56.52
CA GLU B 31 14.28 -24.17 57.06
C GLU B 31 14.83 -25.48 56.49
N GLY B 32 14.65 -25.67 55.19
CA GLY B 32 15.15 -26.84 54.49
C GLY B 32 14.12 -27.97 54.35
N LYS B 33 13.02 -27.92 55.10
CA LYS B 33 12.04 -28.98 54.98
C LYS B 33 11.09 -28.64 53.85
N PRO B 34 10.85 -29.56 52.91
CA PRO B 34 10.01 -29.27 51.74
C PRO B 34 8.53 -29.11 52.08
N CYS B 35 8.02 -29.85 53.06
CA CYS B 35 6.59 -30.06 53.26
C CYS B 35 6.08 -29.49 54.58
N GLY B 36 5.01 -28.71 54.52
CA GLY B 36 4.42 -28.00 55.64
C GLY B 36 3.25 -28.75 56.24
N GLU B 37 2.22 -27.99 56.59
CA GLU B 37 0.90 -28.48 56.95
C GLU B 37 0.20 -29.20 55.79
N LEU B 38 -0.80 -30.01 56.07
CA LEU B 38 -1.62 -30.61 55.02
C LEU B 38 -2.53 -29.55 54.40
N LYS B 39 -2.49 -29.36 53.08
CA LYS B 39 -3.57 -28.64 52.39
C LYS B 39 -4.73 -29.59 52.30
N LYS B 40 -5.65 -29.48 53.25
CA LYS B 40 -6.76 -30.41 53.27
C LYS B 40 -7.51 -30.31 51.97
N GLU B 41 -8.06 -29.15 51.72
CA GLU B 41 -8.85 -28.99 50.53
C GLU B 41 -8.04 -29.02 49.26
N LYS B 42 -7.06 -28.14 49.11
CA LYS B 42 -6.39 -28.12 47.79
C LYS B 42 -5.62 -29.41 47.54
N GLY B 43 -5.05 -29.97 48.58
CA GLY B 43 -4.31 -31.21 48.53
C GLY B 43 -5.28 -32.37 48.62
N ILE B 44 -5.48 -32.87 49.83
CA ILE B 44 -6.02 -34.22 49.97
C ILE B 44 -7.44 -34.35 49.45
N HIS B 45 -8.22 -33.29 49.53
CA HIS B 45 -9.55 -33.31 48.94
C HIS B 45 -9.46 -33.57 47.44
N ARG B 46 -8.54 -32.89 46.75
CA ARG B 46 -8.39 -33.08 45.31
C ARG B 46 -7.82 -34.46 45.03
N LEU B 47 -6.79 -34.83 45.75
CA LEU B 47 -6.22 -36.15 45.64
C LEU B 47 -7.28 -37.21 45.76
N GLU B 48 -8.18 -37.12 46.73
CA GLU B 48 -9.13 -38.18 46.84
C GLU B 48 -10.09 -38.09 45.67
N ALA B 49 -10.41 -36.88 45.20
CA ALA B 49 -11.26 -36.78 44.03
C ALA B 49 -10.63 -37.49 42.83
N MET B 50 -9.31 -37.46 42.72
CA MET B 50 -8.64 -38.22 41.69
C MET B 50 -8.95 -39.70 41.85
N LEU B 51 -8.69 -40.27 43.03
CA LEU B 51 -8.97 -41.68 43.26
C LEU B 51 -10.44 -41.97 43.12
N PHE B 52 -11.30 -41.02 43.47
CA PHE B 52 -12.72 -41.16 43.30
C PHE B 52 -13.06 -41.38 41.85
N ALA B 53 -12.58 -40.48 40.98
CA ALA B 53 -12.79 -40.67 39.57
C ALA B 53 -12.08 -41.91 39.08
N LEU B 54 -10.91 -42.25 39.59
CA LEU B 54 -10.19 -43.43 39.16
C LEU B 54 -11.00 -44.68 39.46
N ASP B 55 -11.59 -44.78 40.66
CA ASP B 55 -12.37 -45.95 40.97
C ASP B 55 -13.54 -46.05 40.03
N ARG B 56 -14.14 -44.91 39.72
CA ARG B 56 -15.28 -44.93 38.83
C ARG B 56 -14.89 -45.42 37.46
N ILE B 57 -13.74 -44.98 36.95
CA ILE B 57 -13.24 -45.41 35.65
C ILE B 57 -13.09 -46.92 35.65
N ASN B 58 -12.45 -47.48 36.67
CA ASN B 58 -12.22 -48.91 36.69
C ASN B 58 -13.54 -49.66 36.81
N ASN B 59 -14.50 -49.05 37.52
CA ASN B 59 -15.82 -49.62 37.65
C ASN B 59 -16.70 -49.43 36.41
N ASP B 60 -16.46 -48.37 35.63
CA ASP B 60 -17.25 -47.98 34.47
C ASP B 60 -17.13 -48.95 33.28
N PRO B 61 -18.21 -49.62 32.86
CA PRO B 61 -18.26 -50.56 31.74
C PRO B 61 -17.88 -49.94 30.39
N ASP B 62 -17.91 -48.62 30.28
CA ASP B 62 -17.60 -47.98 29.02
C ASP B 62 -16.15 -47.60 28.79
N LEU B 63 -15.33 -47.51 29.83
CA LEU B 63 -13.97 -47.02 29.63
C LEU B 63 -12.98 -48.09 29.99
N LEU B 64 -12.07 -48.43 29.08
CA LEU B 64 -11.02 -49.44 29.34
C LEU B 64 -11.60 -50.79 29.87
N PRO B 65 -12.55 -51.45 29.18
CA PRO B 65 -13.24 -52.63 29.70
C PRO B 65 -12.30 -53.73 30.24
N ASN B 66 -12.47 -54.09 31.51
CA ASN B 66 -11.64 -55.08 32.23
C ASN B 66 -10.12 -54.78 32.24
N ILE B 67 -9.70 -53.55 31.93
CA ILE B 67 -8.31 -53.06 32.00
C ILE B 67 -8.20 -52.16 33.22
N THR B 68 -7.28 -52.43 34.13
CA THR B 68 -7.23 -51.66 35.36
C THR B 68 -6.35 -50.44 35.21
N LEU B 69 -6.94 -49.25 35.33
CA LEU B 69 -6.17 -48.02 35.38
C LEU B 69 -5.65 -47.90 36.81
N GLY B 70 -4.40 -48.29 36.98
CA GLY B 70 -3.67 -48.04 38.20
C GLY B 70 -3.25 -46.59 38.23
N ALA B 71 -2.62 -46.15 39.30
CA ALA B 71 -2.05 -44.83 39.31
C ALA B 71 -0.91 -44.72 40.29
N ARG B 72 0.06 -43.87 40.00
CA ARG B 72 1.07 -43.49 40.96
C ARG B 72 0.86 -42.03 41.25
N ILE B 73 0.64 -41.68 42.51
CA ILE B 73 0.23 -40.32 42.89
C ILE B 73 1.18 -39.68 43.87
N LEU B 74 1.40 -38.38 43.72
CA LEU B 74 2.55 -37.70 44.27
C LEU B 74 2.18 -36.37 44.93
N ASP B 75 3.00 -35.92 45.86
CA ASP B 75 2.72 -34.75 46.69
C ASP B 75 3.70 -33.63 46.43
N THR B 76 3.25 -32.58 45.75
CA THR B 76 4.10 -31.49 45.32
C THR B 76 4.72 -30.69 46.46
N CYS B 77 4.17 -30.75 47.68
CA CYS B 77 4.45 -29.80 48.77
C CYS B 77 4.46 -28.34 48.32
N SER B 78 3.77 -28.03 47.23
CA SER B 78 3.74 -26.69 46.65
C SER B 78 5.15 -26.15 46.32
N ARG B 79 6.14 -27.02 46.12
CA ARG B 79 7.52 -26.64 45.76
C ARG B 79 7.89 -27.17 44.39
N ASP B 80 8.40 -26.34 43.51
CA ASP B 80 8.73 -26.81 42.17
C ASP B 80 9.86 -27.85 42.20
N THR B 81 10.92 -27.67 42.98
CA THR B 81 11.99 -28.63 43.04
C THR B 81 11.52 -29.93 43.63
N HIS B 82 10.70 -29.91 44.68
CA HIS B 82 10.23 -31.17 45.26
C HIS B 82 9.21 -31.87 44.37
N ALA B 83 8.26 -31.12 43.84
CA ALA B 83 7.33 -31.67 42.86
C ALA B 83 8.08 -32.26 41.67
N LEU B 84 9.16 -31.62 41.26
CA LEU B 84 9.81 -32.05 40.03
C LEU B 84 10.65 -33.27 40.29
N GLU B 85 11.42 -33.25 41.38
CA GLU B 85 12.25 -34.39 41.68
C GLU B 85 11.49 -35.68 41.90
N GLN B 86 10.32 -35.66 42.51
CA GLN B 86 9.50 -36.88 42.56
C GLN B 86 8.81 -37.20 41.24
N SER B 87 8.53 -36.21 40.38
CA SER B 87 7.84 -36.50 39.13
C SER B 87 8.68 -37.37 38.18
N LEU B 88 10.00 -37.20 38.25
CA LEU B 88 10.96 -37.99 37.50
C LEU B 88 10.70 -39.49 37.64
N THR B 89 10.18 -39.92 38.79
CA THR B 89 10.01 -41.33 39.07
C THR B 89 9.15 -42.05 38.04
N PHE B 90 8.26 -41.35 37.34
CA PHE B 90 7.49 -41.90 36.22
C PHE B 90 8.37 -42.35 35.04
N VAL B 91 9.49 -41.68 34.85
CA VAL B 91 10.48 -41.90 33.80
C VAL B 91 11.60 -42.80 34.25
N GLN B 92 12.00 -42.75 35.52
CA GLN B 92 12.84 -43.81 36.07
C GLN B 92 12.14 -45.16 35.93
N ALA B 93 10.81 -45.19 36.03
CA ALA B 93 10.03 -46.37 35.72
C ALA B 93 10.04 -46.74 34.22
N LEU B 94 10.32 -45.79 33.32
CA LEU B 94 10.76 -46.09 31.95
C LEU B 94 12.28 -46.04 31.86
N PRO B 115 9.11 -51.71 37.43
CA PRO B 115 8.29 -50.58 37.89
C PRO B 115 7.12 -50.26 36.93
N GLU B 116 6.13 -49.52 37.43
CA GLU B 116 4.87 -49.23 36.74
C GLU B 116 5.03 -48.47 35.41
N ARG B 117 4.20 -48.74 34.40
CA ARG B 117 4.14 -47.93 33.18
C ARG B 117 3.26 -46.68 33.35
N VAL B 118 3.86 -45.55 33.68
CA VAL B 118 3.17 -44.28 33.88
C VAL B 118 2.92 -43.61 32.54
N VAL B 119 1.74 -43.85 31.96
CA VAL B 119 1.42 -43.56 30.55
C VAL B 119 1.12 -42.09 30.24
N GLY B 120 0.66 -41.33 31.22
CA GLY B 120 0.06 -40.02 31.07
C GLY B 120 -0.41 -39.51 32.43
N VAL B 121 -0.46 -38.20 32.62
CA VAL B 121 -0.41 -37.61 33.96
C VAL B 121 -1.49 -36.58 34.18
N ILE B 122 -2.09 -36.59 35.36
CA ILE B 122 -3.02 -35.57 35.81
C ILE B 122 -2.29 -34.49 36.58
N GLY B 123 -2.77 -33.26 36.45
CA GLY B 123 -2.62 -32.28 37.49
C GLY B 123 -1.39 -31.43 37.36
N ALA B 124 -0.46 -31.72 38.25
CA ALA B 124 0.53 -30.75 38.70
C ALA B 124 -0.07 -29.47 39.28
N SER B 125 -1.31 -29.51 39.78
CA SER B 125 -1.93 -28.43 40.54
C SER B 125 -1.91 -27.08 39.82
N GLY B 126 -1.62 -26.00 40.55
CA GLY B 126 -1.50 -24.64 40.02
C GLY B 126 -0.35 -24.46 39.05
N SER B 127 -0.25 -23.25 38.50
CA SER B 127 0.64 -22.95 37.40
C SER B 127 2.11 -23.12 37.73
N SER B 128 2.57 -22.60 38.87
CA SER B 128 4.00 -22.57 39.20
C SER B 128 4.62 -23.95 39.28
N VAL B 129 3.84 -24.97 39.63
CA VAL B 129 4.27 -26.36 39.59
C VAL B 129 3.95 -27.00 38.25
N SER B 130 2.80 -26.70 37.66
CA SER B 130 2.45 -27.25 36.36
C SER B 130 3.45 -26.91 35.28
N ILE B 131 4.14 -25.77 35.31
CA ILE B 131 5.21 -25.51 34.35
C ILE B 131 6.37 -26.49 34.44
N MET B 132 6.69 -27.02 35.62
CA MET B 132 7.78 -27.97 35.74
C MET B 132 7.36 -29.35 35.32
N VAL B 133 6.17 -29.78 35.69
CA VAL B 133 5.69 -31.07 35.20
C VAL B 133 5.40 -31.03 33.70
N ALA B 134 4.88 -29.91 33.20
CA ALA B 134 4.75 -29.73 31.77
C ALA B 134 6.13 -29.71 31.16
N ASN B 135 7.14 -29.24 31.90
CA ASN B 135 8.47 -29.23 31.32
C ASN B 135 9.04 -30.64 31.20
N ILE B 136 8.97 -31.41 32.27
CA ILE B 136 9.57 -32.73 32.28
C ILE B 136 8.80 -33.73 31.46
N LEU B 137 7.47 -33.73 31.46
CA LEU B 137 6.80 -34.83 30.79
C LEU B 137 6.79 -34.68 29.31
N ARG B 138 6.86 -33.44 28.78
CA ARG B 138 6.99 -33.35 27.34
C ARG B 138 8.33 -33.89 26.85
N LEU B 139 9.30 -34.06 27.73
CA LEU B 139 10.63 -34.44 27.29
C LEU B 139 10.61 -35.86 26.79
N PHE B 140 9.61 -36.63 27.21
CA PHE B 140 9.41 -38.04 26.91
C PHE B 140 8.11 -38.27 26.15
N LYS B 141 7.53 -37.18 25.63
CA LYS B 141 6.25 -37.21 24.92
C LYS B 141 5.12 -37.78 25.77
N ILE B 142 5.15 -37.49 27.07
CA ILE B 142 4.13 -37.92 28.01
C ILE B 142 3.18 -36.76 28.25
N PRO B 143 1.87 -36.95 28.11
CA PRO B 143 0.91 -35.86 28.23
C PRO B 143 0.54 -35.54 29.67
N GLN B 144 0.14 -34.29 29.91
CA GLN B 144 -0.35 -33.77 31.17
C GLN B 144 -1.73 -33.14 31.08
N ILE B 145 -2.62 -33.43 32.02
CA ILE B 145 -3.94 -32.82 32.10
C ILE B 145 -4.11 -32.09 33.42
N SER B 146 -3.79 -30.80 33.50
CA SER B 146 -3.96 -30.07 34.77
C SER B 146 -5.42 -29.74 35.07
N TYR B 147 -5.86 -29.99 36.31
CA TYR B 147 -7.19 -29.58 36.79
C TYR B 147 -7.23 -28.19 37.40
N ALA B 148 -6.10 -27.52 37.59
CA ALA B 148 -6.04 -26.30 38.40
C ALA B 148 -5.23 -25.17 37.78
N SER B 149 -4.09 -25.45 37.17
CA SER B 149 -3.29 -24.42 36.52
C SER B 149 -4.08 -23.71 35.42
N THR B 150 -4.15 -22.37 35.43
CA THR B 150 -4.90 -21.57 34.44
C THR B 150 -4.05 -20.68 33.55
N ALA B 151 -2.83 -20.37 33.95
CA ALA B 151 -2.05 -19.31 33.30
C ALA B 151 -1.79 -19.58 31.79
N PRO B 152 -1.89 -18.56 30.95
CA PRO B 152 -1.77 -18.61 29.50
C PRO B 152 -0.37 -19.01 29.09
N ASP B 153 0.59 -18.85 29.97
CA ASP B 153 1.96 -19.16 29.66
C ASP B 153 2.16 -20.65 29.40
N LEU B 154 1.15 -21.48 29.68
CA LEU B 154 1.07 -22.88 29.30
C LEU B 154 0.24 -23.14 28.04
N SER B 155 -0.26 -22.10 27.36
CA SER B 155 -1.07 -22.28 26.13
C SER B 155 -0.11 -22.22 24.94
N ASP B 156 1.15 -22.00 25.25
CA ASP B 156 2.18 -21.92 24.24
C ASP B 156 2.76 -23.29 23.87
N ASN B 157 2.32 -23.77 22.72
CA ASN B 157 2.69 -25.10 22.26
C ASN B 157 4.14 -25.21 21.83
N SER B 158 4.89 -24.11 21.76
CA SER B 158 6.28 -24.22 21.34
C SER B 158 7.12 -24.71 22.51
N ARG B 159 6.57 -24.60 23.72
CA ARG B 159 7.27 -24.96 24.93
C ARG B 159 6.56 -26.02 25.71
N TYR B 160 5.24 -26.08 25.57
CA TYR B 160 4.45 -26.97 26.38
C TYR B 160 3.45 -27.65 25.46
N ASP B 161 3.96 -28.32 24.45
CA ASP B 161 3.14 -28.94 23.43
C ASP B 161 2.28 -30.04 23.98
N PHE B 162 2.83 -30.82 24.91
CA PHE B 162 2.17 -31.92 25.60
C PHE B 162 1.24 -31.44 26.72
N PHE B 163 1.12 -30.12 26.98
CA PHE B 163 0.24 -29.62 28.01
C PHE B 163 -1.22 -29.64 27.61
N SER B 164 -2.09 -29.89 28.57
CA SER B 164 -3.50 -29.58 28.43
C SER B 164 -4.09 -29.28 29.79
N ARG B 165 -5.19 -28.55 29.80
CA ARG B 165 -5.93 -28.28 31.01
C ARG B 165 -7.41 -28.44 30.76
N VAL B 166 -8.16 -28.84 31.76
CA VAL B 166 -9.61 -28.92 31.61
C VAL B 166 -10.33 -27.74 32.24
N VAL B 167 -9.58 -26.71 32.55
CA VAL B 167 -10.12 -25.48 33.07
C VAL B 167 -9.76 -24.38 32.06
N PRO B 168 -10.53 -23.31 31.96
CA PRO B 168 -10.29 -22.23 31.03
C PRO B 168 -9.13 -21.43 31.53
N SER B 169 -8.46 -20.73 30.64
CA SER B 169 -7.48 -19.73 31.01
C SER B 169 -8.15 -18.41 31.39
N ASP B 170 -7.38 -17.49 31.91
CA ASP B 170 -7.87 -16.16 32.31
C ASP B 170 -8.35 -15.28 31.16
N THR B 171 -7.91 -15.62 29.96
CA THR B 171 -8.19 -14.84 28.79
C THR B 171 -9.64 -15.00 28.36
N TYR B 172 -10.32 -15.99 28.93
CA TYR B 172 -11.72 -16.15 28.62
C TYR B 172 -12.52 -15.06 29.32
N GLN B 173 -12.00 -14.51 30.43
CA GLN B 173 -12.75 -13.47 31.08
C GLN B 173 -12.67 -12.26 30.18
N ALA B 174 -11.54 -12.13 29.49
CA ALA B 174 -11.39 -10.97 28.63
C ALA B 174 -12.42 -11.01 27.51
N GLN B 175 -12.67 -12.19 26.94
CA GLN B 175 -13.68 -12.25 25.90
C GLN B 175 -15.04 -11.94 26.47
N ALA B 176 -15.33 -12.45 27.66
CA ALA B 176 -16.60 -12.12 28.28
C ALA B 176 -16.68 -10.61 28.52
N MET B 177 -15.58 -10.00 28.93
CA MET B 177 -15.61 -8.57 29.19
C MET B 177 -15.92 -7.80 27.94
N VAL B 178 -15.29 -8.19 26.84
CA VAL B 178 -15.53 -7.49 25.59
C VAL B 178 -16.98 -7.68 25.20
N ASP B 179 -17.49 -8.90 25.34
CA ASP B 179 -18.87 -9.16 24.97
C ASP B 179 -19.81 -8.30 25.78
N ILE B 180 -19.50 -8.10 27.08
CA ILE B 180 -20.37 -7.34 27.95
C ILE B 180 -20.33 -5.86 27.62
N VAL B 181 -19.14 -5.32 27.40
CA VAL B 181 -19.05 -3.91 27.09
C VAL B 181 -19.89 -3.68 25.84
N ARG B 182 -19.83 -4.58 24.87
CA ARG B 182 -20.68 -4.42 23.72
C ARG B 182 -22.17 -4.57 24.08
N ALA B 183 -22.50 -5.51 24.97
CA ALA B 183 -23.88 -5.74 25.40
C ALA B 183 -24.51 -4.50 26.01
N LEU B 184 -23.70 -3.73 26.70
CA LEU B 184 -24.15 -2.50 27.34
C LEU B 184 -24.11 -1.32 26.39
N LYS B 185 -23.73 -1.57 25.13
CA LYS B 185 -23.64 -0.59 24.06
C LYS B 185 -22.70 0.55 24.41
N TRP B 186 -21.60 0.22 25.06
CA TRP B 186 -20.58 1.18 25.44
C TRP B 186 -19.54 1.23 24.34
N ASN B 187 -18.96 2.40 24.08
CA ASN B 187 -17.85 2.39 23.11
C ASN B 187 -16.66 3.25 23.47
N TYR B 188 -16.64 3.80 24.67
CA TYR B 188 -15.58 4.71 25.05
C TYR B 188 -15.20 4.42 26.47
N VAL B 189 -14.30 3.48 26.66
CA VAL B 189 -14.07 3.00 28.03
C VAL B 189 -12.62 3.09 28.47
N SER B 190 -12.42 3.00 29.76
CA SER B 190 -11.06 3.04 30.26
C SER B 190 -10.74 1.67 30.83
N THR B 191 -9.51 1.22 30.64
CA THR B 191 -9.11 -0.07 31.16
C THR B 191 -8.10 0.14 32.26
N VAL B 192 -8.34 -0.45 33.40
CA VAL B 192 -7.51 -0.26 34.55
C VAL B 192 -7.08 -1.61 35.14
N ALA B 193 -5.79 -1.77 35.39
CA ALA B 193 -5.37 -3.05 35.94
C ALA B 193 -4.11 -2.97 36.71
N SER B 194 -3.86 -4.00 37.49
CA SER B 194 -2.61 -4.10 38.21
C SER B 194 -1.46 -4.52 37.34
N GLU B 195 -0.28 -4.22 37.81
CA GLU B 195 0.93 -4.76 37.23
C GLU B 195 1.02 -6.21 37.66
N GLY B 196 1.60 -7.04 36.81
CA GLY B 196 1.77 -8.46 37.11
C GLY B 196 1.06 -9.22 36.02
N SER B 197 1.33 -10.51 35.87
CA SER B 197 0.71 -11.20 34.76
C SER B 197 -0.80 -11.29 34.83
N TYR B 198 -1.39 -11.32 36.02
CA TYR B 198 -2.85 -11.42 36.05
C TYR B 198 -3.51 -10.23 35.38
N GLY B 199 -3.11 -9.05 35.84
CA GLY B 199 -3.63 -7.81 35.32
C GLY B 199 -3.26 -7.63 33.87
N GLU B 200 -1.98 -7.78 33.57
CA GLU B 200 -1.53 -7.55 32.22
C GLU B 200 -2.13 -8.51 31.21
N SER B 201 -2.32 -9.77 31.60
CA SER B 201 -2.93 -10.73 30.71
C SER B 201 -4.36 -10.35 30.44
N GLY B 202 -5.12 -10.02 31.48
CA GLY B 202 -6.52 -9.66 31.31
C GLY B 202 -6.64 -8.45 30.41
N VAL B 203 -5.76 -7.47 30.61
CA VAL B 203 -5.79 -6.27 29.82
C VAL B 203 -5.41 -6.49 28.41
N GLU B 204 -4.33 -7.21 28.17
CA GLU B 204 -3.94 -7.37 26.81
C GLU B 204 -4.93 -8.23 26.07
N ALA B 205 -5.44 -9.28 26.71
CA ALA B 205 -6.44 -10.06 26.05
C ALA B 205 -7.67 -9.21 25.79
N PHE B 206 -8.04 -8.36 26.75
CA PHE B 206 -9.19 -7.50 26.60
C PHE B 206 -9.02 -6.53 25.47
N ILE B 207 -7.88 -5.84 25.44
CA ILE B 207 -7.69 -4.83 24.43
C ILE B 207 -7.65 -5.44 23.07
N GLN B 208 -6.91 -6.53 22.92
CA GLN B 208 -6.82 -7.10 21.61
C GLN B 208 -8.14 -7.71 21.17
N LYS B 209 -8.85 -8.36 22.09
CA LYS B 209 -10.12 -8.93 21.71
C LYS B 209 -11.13 -7.83 21.44
N SER B 210 -11.06 -6.72 22.18
CA SER B 210 -11.94 -5.60 21.94
C SER B 210 -11.69 -5.07 20.53
N ARG B 211 -10.40 -4.90 20.19
CA ARG B 211 -10.05 -4.43 18.86
C ARG B 211 -10.57 -5.36 17.79
N GLU B 212 -10.38 -6.66 18.00
CA GLU B 212 -10.82 -7.66 17.05
C GLU B 212 -12.33 -7.74 16.88
N ASP B 213 -13.08 -7.61 17.97
CA ASP B 213 -14.53 -7.63 17.81
C ASP B 213 -15.04 -6.30 17.28
N GLY B 214 -14.44 -5.20 17.70
CA GLY B 214 -14.87 -3.91 17.23
C GLY B 214 -16.08 -3.42 18.00
N GLY B 215 -16.47 -2.17 17.77
CA GLY B 215 -17.65 -1.61 18.41
C GLY B 215 -17.31 -0.90 19.70
N VAL B 216 -16.11 -1.15 20.19
CA VAL B 216 -15.63 -0.58 21.42
C VAL B 216 -14.26 0.00 21.17
N CYS B 217 -14.05 1.25 21.60
CA CYS B 217 -12.78 1.94 21.58
C CYS B 217 -12.39 2.24 23.02
N ILE B 218 -11.11 2.27 23.28
CA ILE B 218 -10.68 2.48 24.63
C ILE B 218 -10.13 3.86 24.80
N ALA B 219 -10.78 4.61 25.69
CA ALA B 219 -10.45 5.97 26.03
C ALA B 219 -9.06 6.06 26.60
N GLN B 220 -8.71 5.08 27.41
CA GLN B 220 -7.37 5.05 28.00
C GLN B 220 -7.06 3.73 28.67
N SER B 221 -5.78 3.49 28.93
CA SER B 221 -5.30 2.31 29.61
C SER B 221 -4.35 2.72 30.72
N VAL B 222 -4.73 2.37 31.95
CA VAL B 222 -4.01 2.77 33.16
C VAL B 222 -3.59 1.57 34.02
N LYS B 223 -2.38 1.61 34.56
CA LYS B 223 -1.96 0.55 35.46
C LYS B 223 -1.89 0.99 36.92
N ILE B 224 -2.09 0.01 37.79
CA ILE B 224 -1.91 0.13 39.22
C ILE B 224 -0.59 -0.58 39.56
N PRO B 225 0.41 0.13 40.07
CA PRO B 225 1.73 -0.37 40.38
C PRO B 225 1.68 -1.51 41.36
N ARG B 226 2.69 -2.39 41.33
CA ARG B 226 2.76 -3.44 42.33
C ARG B 226 2.87 -2.81 43.72
N GLU B 227 3.53 -1.65 43.79
CA GLU B 227 3.66 -0.87 45.02
C GLU B 227 3.17 0.56 44.77
N PRO B 228 1.85 0.83 44.83
CA PRO B 228 1.22 2.10 44.54
C PRO B 228 1.71 3.15 45.50
N LYS B 229 1.74 4.39 45.07
CA LYS B 229 2.12 5.45 45.99
C LYS B 229 0.89 6.05 46.63
N ALA B 230 1.06 6.69 47.77
CA ALA B 230 -0.08 7.31 48.42
C ALA B 230 -0.68 8.34 47.48
N GLY B 231 -1.98 8.26 47.28
CA GLY B 231 -2.73 9.21 46.48
C GLY B 231 -2.74 8.81 45.01
N GLU B 232 -2.02 7.73 44.66
CA GLU B 232 -1.93 7.33 43.26
C GLU B 232 -3.29 6.99 42.72
N PHE B 233 -4.13 6.45 43.57
CA PHE B 233 -5.46 6.06 43.20
C PHE B 233 -6.36 7.25 42.96
N ASP B 234 -6.04 8.39 43.56
CA ASP B 234 -6.82 9.58 43.33
C ASP B 234 -6.35 10.08 41.99
N LYS B 235 -5.05 9.88 41.72
CA LYS B 235 -4.44 10.26 40.45
C LYS B 235 -5.02 9.38 39.35
N ILE B 236 -5.30 8.10 39.69
CA ILE B 236 -5.93 7.21 38.74
C ILE B 236 -7.28 7.77 38.40
N ILE B 237 -8.05 8.18 39.40
CA ILE B 237 -9.31 8.80 39.09
C ILE B 237 -9.16 10.06 38.31
N ARG B 238 -8.22 10.91 38.67
CA ARG B 238 -8.11 12.12 37.90
C ARG B 238 -7.80 11.77 36.45
N ARG B 239 -6.90 10.79 36.21
CA ARG B 239 -6.60 10.40 34.85
C ARG B 239 -7.83 9.81 34.15
N LEU B 240 -8.64 9.04 34.86
CA LEU B 240 -9.87 8.52 34.28
C LEU B 240 -10.84 9.65 33.94
N LEU B 241 -10.74 10.77 34.63
CA LEU B 241 -11.55 11.93 34.37
C LEU B 241 -10.99 12.85 33.30
N GLU B 242 -9.83 12.51 32.72
CA GLU B 242 -9.27 13.27 31.59
C GLU B 242 -10.10 12.97 30.35
N THR B 243 -10.80 11.86 30.41
CA THR B 243 -11.69 11.36 29.39
C THR B 243 -12.96 11.04 30.15
N SER B 244 -13.54 12.05 30.79
CA SER B 244 -14.59 11.89 31.80
C SER B 244 -15.87 11.26 31.31
N ASN B 245 -16.13 11.30 30.00
CA ASN B 245 -17.31 10.64 29.49
C ASN B 245 -17.10 9.12 29.49
N ALA B 246 -15.86 8.68 29.71
CA ALA B 246 -15.55 7.25 29.78
C ALA B 246 -15.92 6.74 31.15
N ARG B 247 -17.21 6.68 31.40
CA ARG B 247 -17.71 6.34 32.71
C ARG B 247 -17.42 4.89 33.04
N ALA B 248 -17.27 4.04 32.03
CA ALA B 248 -16.93 2.65 32.30
C ALA B 248 -15.45 2.46 32.61
N VAL B 249 -15.17 1.67 33.64
CA VAL B 249 -13.84 1.26 34.05
C VAL B 249 -13.75 -0.25 34.08
N ILE B 250 -12.79 -0.83 33.38
CA ILE B 250 -12.62 -2.26 33.39
C ILE B 250 -11.49 -2.64 34.33
N ILE B 251 -11.74 -3.49 35.34
CA ILE B 251 -10.68 -3.84 36.27
C ILE B 251 -10.20 -5.28 36.33
N PHE B 252 -8.87 -5.41 36.20
CA PHE B 252 -8.15 -6.67 36.40
C PHE B 252 -7.08 -6.37 37.45
N ALA B 253 -7.47 -6.39 38.71
CA ALA B 253 -6.60 -6.01 39.82
C ALA B 253 -7.03 -6.74 41.07
N ASN B 254 -6.24 -6.73 42.14
CA ASN B 254 -6.62 -7.56 43.28
C ASN B 254 -7.62 -6.86 44.22
N GLU B 255 -7.99 -7.52 45.31
CA GLU B 255 -9.02 -7.03 46.21
C GLU B 255 -8.75 -5.65 46.79
N ASP B 256 -7.48 -5.40 47.07
CA ASP B 256 -7.11 -4.15 47.72
C ASP B 256 -6.98 -3.05 46.70
N ASP B 257 -6.62 -3.42 45.49
CA ASP B 257 -6.47 -2.44 44.45
C ASP B 257 -7.86 -1.96 44.10
N ILE B 258 -8.81 -2.90 44.10
CA ILE B 258 -10.19 -2.58 43.79
C ILE B 258 -10.72 -1.67 44.87
N ARG B 259 -10.49 -2.06 46.13
CA ARG B 259 -10.96 -1.26 47.23
C ARG B 259 -10.41 0.14 47.12
N ARG B 260 -9.11 0.28 46.86
CA ARG B 260 -8.51 1.60 46.81
C ARG B 260 -9.00 2.45 45.63
N VAL B 261 -9.31 1.84 44.48
CA VAL B 261 -9.88 2.61 43.39
C VAL B 261 -11.23 3.14 43.81
N LEU B 262 -12.03 2.28 44.44
CA LEU B 262 -13.33 2.69 44.90
C LEU B 262 -13.23 3.78 45.98
N GLU B 263 -12.23 3.69 46.87
CA GLU B 263 -12.03 4.72 47.89
C GLU B 263 -11.67 6.02 47.22
N ALA B 264 -10.87 5.94 46.17
CA ALA B 264 -10.49 7.13 45.46
C ALA B 264 -11.72 7.76 44.83
N ALA B 265 -12.60 6.95 44.24
CA ALA B 265 -13.82 7.47 43.65
C ALA B 265 -14.69 8.09 44.73
N ARG B 266 -14.68 7.49 45.91
CA ARG B 266 -15.44 8.06 47.01
C ARG B 266 -14.85 9.42 47.36
N ARG B 267 -13.53 9.49 47.53
CA ARG B 267 -12.88 10.73 47.93
C ARG B 267 -13.03 11.81 46.88
N ALA B 268 -13.01 11.38 45.63
CA ALA B 268 -13.14 12.24 44.48
C ALA B 268 -14.57 12.62 44.19
N ASN B 269 -15.53 12.10 44.98
CA ASN B 269 -16.94 12.36 44.79
C ASN B 269 -17.42 11.99 43.40
N GLN B 270 -16.95 10.84 42.90
CA GLN B 270 -17.34 10.36 41.58
C GLN B 270 -18.36 9.26 41.70
N THR B 271 -18.89 9.13 42.89
CA THR B 271 -19.91 8.17 43.17
C THR B 271 -21.05 8.48 42.23
N GLY B 272 -21.49 7.48 41.47
CA GLY B 272 -22.57 7.63 40.51
C GLY B 272 -22.10 8.03 39.10
N HIS B 273 -20.82 8.41 38.96
CA HIS B 273 -20.30 8.81 37.67
C HIS B 273 -19.64 7.63 37.04
N PHE B 274 -18.74 7.04 37.78
CA PHE B 274 -18.06 5.87 37.26
C PHE B 274 -18.80 4.61 37.54
N PHE B 275 -18.70 3.71 36.61
CA PHE B 275 -19.26 2.41 36.78
C PHE B 275 -18.17 1.38 36.59
N TRP B 276 -18.15 0.37 37.44
CA TRP B 276 -17.07 -0.58 37.32
C TRP B 276 -17.46 -1.94 36.77
N MET B 277 -16.55 -2.51 36.01
CA MET B 277 -16.63 -3.87 35.51
C MET B 277 -15.37 -4.59 35.93
N GLY B 278 -15.44 -5.88 36.21
CA GLY B 278 -14.16 -6.51 36.50
C GLY B 278 -14.14 -8.02 36.62
N SER B 279 -12.92 -8.49 36.82
CA SER B 279 -12.59 -9.90 36.88
C SER B 279 -13.03 -10.60 38.16
N ASP B 280 -12.74 -11.89 38.16
CA ASP B 280 -13.01 -12.81 39.25
C ASP B 280 -12.24 -12.47 40.52
N SER B 281 -11.25 -11.57 40.41
CA SER B 281 -10.47 -11.10 41.55
C SER B 281 -11.35 -10.27 42.48
N TRP B 282 -12.45 -9.80 41.92
CA TRP B 282 -13.45 -9.03 42.62
C TRP B 282 -14.46 -10.07 42.98
N GLY B 283 -14.91 -10.73 41.92
CA GLY B 283 -15.87 -11.78 42.04
C GLY B 283 -17.13 -11.24 42.67
N SER B 284 -17.63 -11.97 43.66
CA SER B 284 -18.82 -11.59 44.39
C SER B 284 -18.45 -11.32 45.82
N LYS B 285 -17.19 -11.03 46.06
CA LYS B 285 -16.78 -10.84 47.41
C LYS B 285 -17.30 -9.51 47.86
N ILE B 286 -17.78 -9.43 49.08
CA ILE B 286 -18.21 -8.16 49.64
C ILE B 286 -17.01 -7.40 50.19
N ALA B 287 -15.93 -8.12 50.41
CA ALA B 287 -14.74 -7.55 50.99
C ALA B 287 -14.24 -6.26 50.29
N PRO B 288 -14.07 -6.18 48.95
CA PRO B 288 -13.53 -5.02 48.27
C PRO B 288 -14.47 -3.83 48.26
N VAL B 289 -15.74 -4.03 48.65
CA VAL B 289 -16.71 -2.96 48.57
C VAL B 289 -17.22 -2.56 49.94
N LEU B 290 -16.59 -3.02 51.00
CA LEU B 290 -17.09 -2.63 52.30
C LEU B 290 -16.81 -1.17 52.53
N HIS B 291 -17.84 -0.47 53.00
CA HIS B 291 -17.85 0.96 53.28
C HIS B 291 -17.76 1.79 52.00
N LEU B 292 -17.87 1.11 50.88
CA LEU B 292 -17.85 1.67 49.55
C LEU B 292 -19.03 1.11 48.80
N GLU B 293 -20.07 0.74 49.53
CA GLU B 293 -21.19 0.08 48.91
C GLU B 293 -21.83 0.94 47.85
N GLU B 294 -21.93 2.24 48.11
CA GLU B 294 -22.55 3.17 47.20
C GLU B 294 -21.68 3.46 46.00
N VAL B 295 -20.41 3.09 46.08
CA VAL B 295 -19.48 3.40 45.04
C VAL B 295 -19.52 2.27 44.07
N ALA B 296 -19.43 1.07 44.63
CA ALA B 296 -19.44 -0.15 43.88
C ALA B 296 -20.80 -0.51 43.29
N GLU B 297 -21.92 -0.04 43.86
CA GLU B 297 -23.20 -0.40 43.29
C GLU B 297 -23.24 -0.17 41.79
N GLY B 298 -23.76 -1.19 41.12
CA GLY B 298 -23.88 -1.29 39.68
C GLY B 298 -22.66 -2.00 39.09
N ALA B 299 -21.66 -2.28 39.89
CA ALA B 299 -20.49 -2.93 39.36
C ALA B 299 -20.78 -4.33 38.84
N VAL B 300 -20.14 -4.65 37.72
CA VAL B 300 -20.34 -5.95 37.09
C VAL B 300 -19.11 -6.82 37.13
N THR B 301 -19.25 -8.01 37.69
CA THR B 301 -18.11 -8.87 37.80
C THR B 301 -18.33 -10.23 37.17
N ILE B 302 -17.21 -10.80 36.76
CA ILE B 302 -17.16 -12.10 36.13
C ILE B 302 -16.68 -13.19 37.06
N LEU B 303 -17.51 -14.19 37.29
CA LEU B 303 -17.14 -15.22 38.21
C LEU B 303 -16.95 -16.56 37.55
N PRO B 304 -16.02 -17.39 37.97
CA PRO B 304 -15.84 -18.71 37.44
C PRO B 304 -17.12 -19.45 37.67
N LYS B 305 -17.53 -20.24 36.69
CA LYS B 305 -18.68 -21.08 36.90
C LYS B 305 -18.24 -22.42 37.43
N ARG B 306 -18.90 -22.89 38.48
CA ARG B 306 -18.60 -24.18 39.10
C ARG B 306 -19.76 -24.74 39.87
N MET B 307 -19.71 -26.04 40.10
CA MET B 307 -20.73 -26.73 40.87
C MET B 307 -20.00 -27.75 41.74
N SER B 308 -20.59 -28.18 42.85
CA SER B 308 -19.99 -29.31 43.54
C SER B 308 -20.46 -30.65 43.02
N VAL B 309 -19.59 -31.64 43.15
CA VAL B 309 -19.86 -32.98 42.72
C VAL B 309 -20.45 -33.70 43.91
N ARG B 310 -21.72 -34.03 43.81
CA ARG B 310 -22.43 -34.61 44.95
C ARG B 310 -21.94 -36.00 45.24
N GLY B 311 -21.61 -36.73 44.19
CA GLY B 311 -21.10 -38.08 44.33
C GLY B 311 -19.83 -38.12 45.14
N PHE B 312 -18.98 -37.10 45.00
CA PHE B 312 -17.75 -37.08 45.76
C PHE B 312 -18.08 -36.82 47.17
N ASP B 313 -18.94 -35.85 47.46
CA ASP B 313 -19.18 -35.63 48.87
C ASP B 313 -19.78 -36.85 49.53
N ARG B 314 -20.68 -37.56 48.83
CA ARG B 314 -21.27 -38.71 49.47
C ARG B 314 -20.20 -39.73 49.78
N TYR B 315 -19.29 -39.94 48.84
CA TYR B 315 -18.17 -40.81 49.07
C TYR B 315 -17.19 -40.35 50.12
N PHE B 316 -16.71 -39.14 49.96
CA PHE B 316 -15.64 -38.60 50.78
C PHE B 316 -16.06 -38.48 52.21
N SER B 317 -17.28 -38.03 52.44
CA SER B 317 -17.77 -37.82 53.78
C SER B 317 -17.91 -39.10 54.57
N SER B 318 -17.82 -40.26 53.91
CA SER B 318 -17.94 -41.55 54.56
C SER B 318 -16.59 -42.14 54.88
N ARG B 319 -15.51 -41.44 54.53
CA ARG B 319 -14.22 -42.05 54.76
C ARG B 319 -13.65 -41.78 56.13
N THR B 320 -13.42 -42.86 56.85
CA THR B 320 -12.79 -42.85 58.15
C THR B 320 -11.43 -43.43 57.99
N LEU B 321 -10.70 -43.55 59.06
CA LEU B 321 -9.32 -43.99 58.93
C LEU B 321 -9.20 -45.32 58.25
N ASP B 322 -10.13 -46.20 58.53
CA ASP B 322 -10.08 -47.55 58.01
C ASP B 322 -10.78 -47.70 56.66
N ASN B 323 -11.34 -46.62 56.13
CA ASN B 323 -12.04 -46.70 54.84
C ASN B 323 -11.20 -46.13 53.71
N ASN B 324 -10.00 -45.66 54.03
CA ASN B 324 -9.12 -45.08 53.03
C ASN B 324 -7.66 -45.29 53.41
N ARG B 325 -7.29 -46.54 53.67
CA ARG B 325 -5.93 -46.80 54.14
C ARG B 325 -4.91 -46.82 53.02
N ARG B 326 -5.41 -46.78 51.79
CA ARG B 326 -4.54 -46.74 50.63
C ARG B 326 -3.99 -45.34 50.46
N ASN B 327 -4.57 -44.38 51.15
CA ASN B 327 -4.10 -43.02 51.07
C ASN B 327 -3.20 -42.78 52.25
N ILE B 328 -1.92 -42.80 51.99
CA ILE B 328 -0.91 -42.77 53.03
C ILE B 328 -0.87 -41.46 53.80
N TRP B 329 -1.56 -40.42 53.33
CA TRP B 329 -1.62 -39.14 54.00
C TRP B 329 -2.94 -38.93 54.73
N PHE B 330 -3.80 -39.95 54.76
CA PHE B 330 -5.14 -39.76 55.31
C PHE B 330 -5.06 -39.54 56.80
N ALA B 331 -4.08 -40.16 57.45
CA ALA B 331 -3.91 -40.00 58.87
C ALA B 331 -3.59 -38.54 59.24
N GLU B 332 -2.78 -37.88 58.41
CA GLU B 332 -2.42 -36.49 58.69
C GLU B 332 -3.65 -35.63 58.52
N PHE B 333 -4.42 -35.97 57.49
CA PHE B 333 -5.66 -35.31 57.20
C PHE B 333 -6.56 -35.38 58.40
N TRP B 334 -6.70 -36.56 58.98
CA TRP B 334 -7.45 -36.67 60.21
C TRP B 334 -6.91 -35.84 61.33
N GLU B 335 -5.60 -35.86 61.57
CA GLU B 335 -5.16 -35.06 62.69
C GLU B 335 -5.46 -33.59 62.52
N ASP B 336 -5.30 -33.06 61.32
CA ASP B 336 -5.63 -31.65 61.21
C ASP B 336 -7.11 -31.40 61.11
N ASN B 337 -7.85 -32.26 60.41
CA ASN B 337 -9.26 -32.04 60.17
C ASN B 337 -10.04 -31.92 61.45
N PHE B 338 -9.75 -32.81 62.37
CA PHE B 338 -10.49 -32.86 63.60
C PHE B 338 -9.74 -32.24 64.75
N HIS B 339 -8.63 -31.60 64.47
CA HIS B 339 -7.79 -31.05 65.53
C HIS B 339 -7.56 -32.06 66.65
N CYS B 340 -6.99 -33.26 66.34
CA CYS B 340 -6.82 -34.38 67.26
C CYS B 340 -5.51 -35.11 66.96
N LYS B 341 -4.99 -35.90 67.92
CA LYS B 341 -3.82 -36.70 67.61
C LYS B 341 -4.06 -38.20 67.55
N LEU B 342 -3.44 -38.82 66.57
CA LEU B 342 -3.56 -40.27 66.37
C LEU B 342 -2.48 -41.15 67.05
N SER B 343 -1.56 -40.54 67.84
CA SER B 343 -0.47 -41.18 68.58
C SER B 343 0.04 -40.22 69.66
N VAL B 353 -3.20 -30.40 72.09
CA VAL B 353 -4.19 -31.03 71.23
C VAL B 353 -4.61 -32.36 71.91
N LYS B 354 -5.91 -32.72 71.79
CA LYS B 354 -6.57 -33.90 72.36
C LYS B 354 -6.16 -35.19 71.66
N LYS B 355 -6.23 -36.29 72.40
CA LYS B 355 -6.00 -37.58 71.75
C LYS B 355 -7.29 -37.85 70.99
N CYS B 356 -7.16 -38.40 69.78
CA CYS B 356 -8.23 -38.69 68.84
C CYS B 356 -8.87 -40.04 69.17
N THR B 357 -10.20 -40.07 69.06
CA THR B 357 -10.98 -41.27 69.37
C THR B 357 -10.97 -42.25 68.23
N ASN B 358 -10.54 -41.77 67.08
CA ASN B 358 -10.53 -42.50 65.82
C ASN B 358 -11.94 -42.81 65.34
N ARG B 359 -12.93 -42.13 65.91
CA ARG B 359 -14.30 -42.28 65.43
C ARG B 359 -14.90 -41.05 64.76
N GLU B 360 -14.20 -39.92 64.80
CA GLU B 360 -14.77 -38.68 64.28
C GLU B 360 -15.06 -38.78 62.77
N ARG B 361 -16.20 -38.24 62.34
CA ARG B 361 -16.53 -38.22 60.92
C ARG B 361 -16.60 -36.82 60.32
N ILE B 362 -15.97 -36.64 59.17
CA ILE B 362 -15.91 -35.29 58.61
C ILE B 362 -17.30 -34.87 58.16
N GLY B 363 -17.66 -33.62 58.44
CA GLY B 363 -18.95 -33.06 58.11
C GLY B 363 -19.86 -33.12 59.32
N GLN B 364 -19.47 -33.91 60.32
CA GLN B 364 -20.26 -34.03 61.53
C GLN B 364 -19.45 -33.56 62.72
N ASP B 365 -18.23 -34.09 62.84
CA ASP B 365 -17.34 -33.79 63.94
C ASP B 365 -16.34 -32.68 63.57
N SER B 366 -16.46 -32.20 62.35
CA SER B 366 -15.64 -31.13 61.80
C SER B 366 -16.34 -30.63 60.54
N ALA B 367 -16.31 -29.34 60.30
CA ALA B 367 -17.03 -28.83 59.13
C ALA B 367 -16.41 -29.36 57.86
N TYR B 368 -17.26 -29.66 56.87
CA TYR B 368 -16.78 -30.08 55.57
C TYR B 368 -17.56 -29.49 54.43
N GLU B 369 -16.83 -29.03 53.42
CA GLU B 369 -17.40 -28.52 52.18
C GLU B 369 -16.50 -28.97 51.05
N GLN B 370 -17.03 -29.06 49.86
CA GLN B 370 -16.23 -29.45 48.72
C GLN B 370 -15.50 -28.30 48.06
N GLU B 371 -14.23 -28.52 47.75
CA GLU B 371 -13.45 -27.61 46.94
C GLU B 371 -13.96 -27.59 45.50
N GLY B 372 -14.25 -26.40 44.96
CA GLY B 372 -14.82 -26.27 43.63
C GLY B 372 -14.02 -26.98 42.54
N LYS B 373 -12.72 -26.99 42.67
CA LYS B 373 -11.88 -27.62 41.66
C LYS B 373 -12.01 -29.14 41.63
N VAL B 374 -12.74 -29.73 42.58
CA VAL B 374 -12.95 -31.17 42.58
C VAL B 374 -13.58 -31.55 41.25
N GLN B 375 -14.43 -30.65 40.74
CA GLN B 375 -15.09 -30.79 39.48
C GLN B 375 -14.10 -31.06 38.37
N PHE B 376 -12.95 -30.41 38.42
CA PHE B 376 -12.00 -30.44 37.34
C PHE B 376 -11.00 -31.52 37.56
N VAL B 377 -10.75 -31.90 38.81
CA VAL B 377 -9.95 -33.07 39.10
C VAL B 377 -10.63 -34.28 38.51
N ILE B 378 -11.95 -34.38 38.67
CA ILE B 378 -12.68 -35.47 38.12
C ILE B 378 -12.73 -35.39 36.61
N ASP B 379 -12.99 -34.22 36.04
CA ASP B 379 -12.92 -34.17 34.58
C ASP B 379 -11.53 -34.41 34.03
N ALA B 380 -10.45 -33.98 34.67
CA ALA B 380 -9.11 -34.28 34.18
C ALA B 380 -8.88 -35.79 34.15
N VAL B 381 -9.22 -36.50 35.23
CA VAL B 381 -9.13 -37.95 35.28
C VAL B 381 -9.95 -38.60 34.20
N TYR B 382 -11.16 -38.13 33.95
CA TYR B 382 -11.98 -38.71 32.92
C TYR B 382 -11.44 -38.37 31.56
N ALA B 383 -10.97 -37.16 31.33
CA ALA B 383 -10.43 -36.87 30.02
C ALA B 383 -9.27 -37.81 29.71
N MET B 384 -8.39 -38.09 30.66
CA MET B 384 -7.36 -39.08 30.40
C MET B 384 -8.03 -40.43 30.12
N GLY B 385 -8.98 -40.84 30.95
CA GLY B 385 -9.68 -42.11 30.79
C GLY B 385 -10.29 -42.26 29.40
N HIS B 386 -10.90 -41.20 28.88
CA HIS B 386 -11.49 -41.20 27.56
C HIS B 386 -10.43 -41.29 26.48
N ALA B 387 -9.32 -40.58 26.64
CA ALA B 387 -8.28 -40.64 25.63
C ALA B 387 -7.62 -42.03 25.59
N LEU B 388 -7.42 -42.65 26.73
CA LEU B 388 -6.95 -44.01 26.79
C LEU B 388 -7.95 -44.94 26.12
N HIS B 389 -9.25 -44.66 26.27
CA HIS B 389 -10.30 -45.43 25.63
C HIS B 389 -10.37 -45.21 24.13
N ALA B 390 -9.71 -44.18 23.62
CA ALA B 390 -9.51 -44.00 22.18
C ALA B 390 -8.31 -44.80 21.66
N MET B 391 -7.15 -44.77 22.33
CA MET B 391 -6.06 -45.69 21.98
C MET B 391 -6.52 -47.15 22.06
N HIS B 392 -7.39 -47.51 23.00
CA HIS B 392 -7.89 -48.88 23.10
C HIS B 392 -8.67 -49.31 21.86
N ARG B 393 -9.67 -48.54 21.41
CA ARG B 393 -10.49 -48.95 20.27
C ARG B 393 -9.75 -48.90 18.92
N ASP B 394 -8.70 -48.09 18.79
CA ASP B 394 -7.88 -48.02 17.57
C ASP B 394 -6.72 -49.03 17.55
N LEU B 395 -5.93 -49.12 18.62
CA LEU B 395 -4.65 -49.87 18.66
C LEU B 395 -4.75 -51.24 19.33
N CYS B 396 -5.85 -51.53 20.02
CA CYS B 396 -6.11 -52.83 20.62
C CYS B 396 -7.61 -53.22 20.52
N PRO B 397 -8.22 -53.15 19.32
CA PRO B 397 -9.67 -53.04 19.17
C PRO B 397 -10.47 -54.17 19.83
N GLY B 398 -11.31 -53.84 20.82
CA GLY B 398 -12.20 -54.79 21.50
C GLY B 398 -11.52 -55.86 22.39
N ARG B 399 -10.21 -55.78 22.64
CA ARG B 399 -9.46 -56.71 23.52
C ARG B 399 -9.75 -56.44 25.01
N VAL B 400 -9.17 -57.27 25.86
CA VAL B 400 -8.97 -57.01 27.29
C VAL B 400 -7.46 -57.05 27.58
N GLY B 401 -6.96 -56.18 28.46
CA GLY B 401 -5.52 -55.94 28.59
C GLY B 401 -4.87 -55.21 27.41
N LEU B 402 -3.54 -55.13 27.40
CA LEU B 402 -2.76 -54.28 26.50
C LEU B 402 -2.13 -55.07 25.35
N CYS B 403 -2.37 -54.62 24.12
CA CYS B 403 -1.71 -55.14 22.93
C CYS B 403 -0.24 -54.70 22.84
N PRO B 404 0.59 -55.30 21.98
CA PRO B 404 2.00 -54.94 21.83
C PRO B 404 2.24 -53.45 21.57
N ARG B 405 1.40 -52.80 20.77
CA ARG B 405 1.41 -51.34 20.53
C ARG B 405 1.19 -50.52 21.81
N MET B 406 0.53 -51.12 22.78
CA MET B 406 0.20 -50.54 24.06
C MET B 406 1.24 -50.85 25.13
N ASP B 407 2.29 -51.61 24.81
CA ASP B 407 3.46 -51.71 25.68
C ASP B 407 4.25 -50.40 25.73
N PRO B 408 4.53 -49.71 24.61
CA PRO B 408 4.95 -48.33 24.66
C PRO B 408 3.76 -47.39 24.87
N VAL B 409 2.57 -47.74 24.36
CA VAL B 409 1.34 -46.92 24.39
C VAL B 409 1.66 -45.45 24.11
N ASP B 410 2.25 -45.21 22.94
CA ASP B 410 2.99 -44.00 22.65
C ASP B 410 2.22 -42.72 23.03
N GLY B 411 2.78 -41.98 24.00
CA GLY B 411 2.17 -40.77 24.53
C GLY B 411 2.01 -39.68 23.49
N THR B 412 2.78 -39.72 22.40
CA THR B 412 2.59 -38.86 21.23
C THR B 412 1.23 -39.10 20.58
N GLN B 413 0.68 -40.31 20.72
CA GLN B 413 -0.67 -40.64 20.29
C GLN B 413 -1.68 -40.32 21.36
N LEU B 414 -1.40 -40.64 22.62
CA LEU B 414 -2.29 -40.26 23.70
C LEU B 414 -2.57 -38.74 23.68
N LEU B 415 -1.57 -37.91 23.36
CA LEU B 415 -1.69 -36.46 23.31
C LEU B 415 -2.79 -36.00 22.33
N LYS B 416 -2.82 -36.51 21.11
CA LYS B 416 -3.91 -36.16 20.18
C LYS B 416 -5.24 -36.65 20.71
N TYR B 417 -5.27 -37.81 21.34
CA TYR B 417 -6.51 -38.40 21.80
C TYR B 417 -7.11 -37.60 22.96
N ILE B 418 -6.30 -36.91 23.75
CA ILE B 418 -6.73 -36.03 24.82
C ILE B 418 -7.30 -34.79 24.21
N ARG B 419 -6.57 -34.19 23.29
CA ARG B 419 -7.05 -32.94 22.73
C ARG B 419 -8.39 -33.12 22.02
N ASN B 420 -8.61 -34.29 21.46
CA ASN B 420 -9.82 -34.59 20.73
C ASN B 420 -10.97 -35.15 21.57
N VAL B 421 -10.87 -35.17 22.88
CA VAL B 421 -11.99 -35.68 23.66
C VAL B 421 -13.14 -34.68 23.63
N ASN B 422 -14.36 -35.21 23.60
CA ASN B 422 -15.54 -34.37 23.69
C ASN B 422 -16.60 -35.17 24.43
N PHE B 423 -16.78 -34.86 25.69
CA PHE B 423 -17.74 -35.63 26.48
C PHE B 423 -18.39 -34.78 27.53
N SER B 424 -19.54 -35.19 28.04
CA SER B 424 -20.14 -34.40 29.12
C SER B 424 -19.32 -34.66 30.35
N GLY B 425 -18.89 -33.63 31.06
CA GLY B 425 -18.08 -33.85 32.24
C GLY B 425 -18.93 -34.15 33.44
N ILE B 426 -18.32 -34.14 34.60
CA ILE B 426 -19.01 -34.51 35.82
C ILE B 426 -20.18 -33.56 36.12
N ALA B 427 -20.05 -32.31 35.72
CA ALA B 427 -21.08 -31.30 35.92
C ALA B 427 -22.14 -31.32 34.82
N GLY B 428 -21.93 -32.16 33.79
CA GLY B 428 -22.81 -32.26 32.63
C GLY B 428 -22.31 -31.34 31.52
N ASN B 429 -21.40 -30.46 31.91
CA ASN B 429 -20.73 -29.46 31.12
C ASN B 429 -19.71 -30.13 30.21
N PRO B 430 -19.79 -30.02 28.87
CA PRO B 430 -18.87 -30.64 27.93
C PRO B 430 -17.42 -30.34 28.22
N VAL B 431 -16.59 -31.36 28.07
CA VAL B 431 -15.17 -31.26 28.26
C VAL B 431 -14.50 -31.41 26.93
N THR B 432 -13.87 -30.33 26.50
CA THR B 432 -13.13 -30.28 25.25
C THR B 432 -11.85 -29.52 25.49
N PHE B 433 -10.92 -29.60 24.56
CA PHE B 433 -9.74 -28.75 24.63
C PHE B 433 -9.58 -28.06 23.29
N ASN B 434 -9.09 -26.83 23.29
CA ASN B 434 -8.76 -26.21 22.01
C ASN B 434 -7.37 -26.67 21.62
N GLU B 435 -6.84 -26.12 20.55
CA GLU B 435 -5.54 -26.54 20.03
C GLU B 435 -4.35 -26.26 20.95
N ASN B 436 -4.55 -25.45 21.99
CA ASN B 436 -3.50 -25.14 22.95
C ASN B 436 -3.77 -25.88 24.26
N GLY B 437 -4.79 -26.71 24.26
CA GLY B 437 -5.12 -27.44 25.46
C GLY B 437 -6.01 -26.68 26.41
N ASP B 438 -6.65 -25.58 25.97
CA ASP B 438 -7.50 -24.82 26.87
C ASP B 438 -8.96 -25.25 26.83
N ALA B 439 -9.60 -25.24 28.00
CA ALA B 439 -11.00 -25.62 28.02
C ALA B 439 -11.83 -24.38 27.70
N PRO B 440 -13.04 -24.50 27.15
CA PRO B 440 -13.96 -23.41 26.85
C PRO B 440 -14.28 -22.63 28.11
N GLY B 441 -14.64 -21.36 27.95
CA GLY B 441 -14.87 -20.45 29.08
C GLY B 441 -16.26 -20.55 29.69
N ARG B 442 -16.31 -20.76 31.01
CA ARG B 442 -17.56 -20.84 31.75
C ARG B 442 -17.52 -19.99 33.00
N TYR B 443 -18.33 -18.95 32.95
CA TYR B 443 -18.40 -17.90 33.95
C TYR B 443 -19.83 -17.46 34.25
N ASP B 444 -20.06 -16.97 35.45
CA ASP B 444 -21.34 -16.38 35.82
C ASP B 444 -21.19 -14.87 35.79
N ILE B 445 -22.26 -14.16 35.50
CA ILE B 445 -22.16 -12.71 35.49
C ILE B 445 -23.04 -12.10 36.56
N TYR B 446 -22.41 -11.36 37.47
CA TYR B 446 -23.10 -10.72 38.57
C TYR B 446 -23.00 -9.24 38.60
N GLN B 447 -24.01 -8.60 39.17
CA GLN B 447 -23.94 -7.19 39.41
C GLN B 447 -24.10 -6.88 40.88
N TYR B 448 -23.28 -5.98 41.37
CA TYR B 448 -23.36 -5.58 42.75
C TYR B 448 -24.49 -4.60 42.89
N GLN B 449 -25.44 -4.90 43.74
CA GLN B 449 -26.62 -4.08 43.86
C GLN B 449 -26.91 -3.82 45.30
N LEU B 450 -27.50 -2.67 45.61
CA LEU B 450 -27.90 -2.51 46.98
C LEU B 450 -29.39 -2.66 47.11
N ARG B 451 -29.79 -3.73 47.77
CA ARG B 451 -31.20 -4.01 47.92
C ARG B 451 -31.60 -3.60 49.30
N ASN B 452 -32.31 -2.49 49.42
CA ASN B 452 -32.64 -1.91 50.70
C ASN B 452 -31.35 -1.66 51.48
N ASP B 453 -30.31 -1.30 50.73
CA ASP B 453 -28.98 -1.05 51.25
C ASP B 453 -28.10 -2.30 51.42
N SER B 454 -28.64 -3.50 51.26
CA SER B 454 -27.86 -4.71 51.48
C SER B 454 -26.77 -4.90 50.43
N ALA B 455 -25.58 -5.25 50.88
CA ALA B 455 -24.40 -5.39 50.03
C ALA B 455 -24.36 -6.72 49.30
N GLU B 456 -25.16 -6.86 48.24
CA GLU B 456 -25.28 -8.16 47.60
C GLU B 456 -24.87 -8.18 46.14
N TYR B 457 -24.41 -9.33 45.67
CA TYR B 457 -24.14 -9.50 44.25
C TYR B 457 -25.24 -10.35 43.65
N LYS B 458 -25.91 -9.83 42.62
CA LYS B 458 -27.01 -10.55 42.00
C LYS B 458 -26.62 -11.10 40.68
N VAL B 459 -27.17 -12.25 40.34
CA VAL B 459 -26.90 -12.78 39.03
C VAL B 459 -27.73 -12.09 38.00
N ILE B 460 -27.05 -11.60 36.99
CA ILE B 460 -27.67 -10.94 35.86
C ILE B 460 -27.80 -12.00 34.80
N GLY B 461 -26.78 -12.82 34.73
CA GLY B 461 -26.78 -13.86 33.75
C GLY B 461 -25.51 -14.65 33.78
N SER B 462 -25.17 -15.18 32.64
CA SER B 462 -24.02 -16.06 32.52
C SER B 462 -23.35 -15.92 31.18
N TRP B 463 -22.16 -16.49 31.11
CA TRP B 463 -21.43 -16.51 29.88
C TRP B 463 -20.84 -17.88 29.67
N THR B 464 -21.15 -18.44 28.51
CA THR B 464 -20.69 -19.76 28.12
C THR B 464 -20.15 -19.61 26.72
N ASP B 465 -19.06 -18.85 26.63
CA ASP B 465 -18.43 -18.39 25.38
C ASP B 465 -19.39 -17.47 24.59
N HIS B 466 -20.48 -17.09 25.24
CA HIS B 466 -21.57 -16.27 24.74
C HIS B 466 -22.40 -15.68 25.87
N LEU B 467 -22.87 -14.44 25.75
CA LEU B 467 -23.72 -13.89 26.81
C LEU B 467 -25.18 -14.24 26.79
N HIS B 468 -25.68 -14.38 28.01
CA HIS B 468 -27.08 -14.52 28.32
C HIS B 468 -27.41 -13.57 29.47
N LEU B 469 -27.66 -12.28 29.19
CA LEU B 469 -27.87 -11.34 30.29
C LEU B 469 -29.23 -10.72 30.41
N ARG B 470 -29.75 -10.70 31.62
CA ARG B 470 -30.98 -10.01 31.89
C ARG B 470 -30.64 -8.56 32.16
N ILE B 471 -30.34 -7.81 31.12
CA ILE B 471 -29.86 -6.44 31.33
C ILE B 471 -30.92 -5.61 32.02
N GLU B 472 -32.18 -5.86 31.74
CA GLU B 472 -33.26 -5.08 32.32
C GLU B 472 -33.33 -5.21 33.86
N ARG B 473 -32.62 -6.18 34.43
CA ARG B 473 -32.59 -6.42 35.85
C ARG B 473 -31.36 -5.77 36.51
N MET B 474 -30.58 -5.04 35.71
CA MET B 474 -29.41 -4.33 36.16
C MET B 474 -29.77 -2.95 36.68
N HIS B 475 -28.97 -2.47 37.61
CA HIS B 475 -29.16 -1.19 38.24
C HIS B 475 -27.89 -0.41 38.18
N TRP B 476 -28.04 0.88 38.08
CA TRP B 476 -26.91 1.76 38.08
C TRP B 476 -27.28 2.93 39.00
N PRO B 477 -26.43 3.31 39.98
CA PRO B 477 -26.68 4.43 40.88
C PRO B 477 -27.03 5.77 40.23
N GLY B 478 -26.49 6.06 39.06
CA GLY B 478 -26.78 7.34 38.42
C GLY B 478 -28.02 7.26 37.53
N SER B 479 -28.59 6.06 37.42
CA SER B 479 -29.76 5.86 36.55
C SER B 479 -30.85 4.91 37.05
N GLY B 480 -30.65 4.22 38.17
CA GLY B 480 -31.63 3.22 38.56
C GLY B 480 -31.65 2.16 37.50
N GLN B 481 -32.82 1.86 36.97
CA GLN B 481 -32.97 0.83 35.95
C GLN B 481 -32.53 1.27 34.54
N GLN B 482 -32.27 2.55 34.31
CA GLN B 482 -31.89 2.97 32.97
C GLN B 482 -30.41 2.75 32.69
N LEU B 483 -30.12 2.21 31.51
CA LEU B 483 -28.75 1.94 31.08
C LEU B 483 -27.92 3.18 30.72
N PRO B 484 -26.92 3.56 31.51
CA PRO B 484 -26.05 4.69 31.28
C PRO B 484 -25.16 4.22 30.19
N ARG B 485 -24.60 5.12 29.42
CA ARG B 485 -23.65 4.62 28.46
C ARG B 485 -22.35 5.38 28.42
N SER B 486 -21.26 4.59 28.40
CA SER B 486 -19.91 5.12 28.33
C SER B 486 -19.55 5.22 26.85
N ILE B 487 -19.75 6.41 26.31
CA ILE B 487 -19.63 6.63 24.87
C ILE B 487 -18.75 7.83 24.53
N CYS B 488 -18.27 7.87 23.27
CA CYS B 488 -17.35 8.89 22.76
C CYS B 488 -17.97 10.28 22.65
N SER B 489 -19.04 10.34 21.87
CA SER B 489 -19.63 11.62 21.51
C SER B 489 -21.09 11.50 21.15
N LEU B 490 -21.71 12.63 20.84
CA LEU B 490 -23.14 12.66 20.59
C LEU B 490 -23.45 12.79 19.11
N PRO B 491 -24.49 12.12 18.61
CA PRO B 491 -24.95 12.19 17.25
C PRO B 491 -25.21 13.61 16.75
N CYS B 492 -24.91 13.82 15.46
CA CYS B 492 -25.13 15.03 14.66
C CYS B 492 -26.56 15.09 14.13
N GLN B 493 -27.02 16.30 13.89
CA GLN B 493 -28.32 16.53 13.32
C GLN B 493 -28.19 16.44 11.80
N PRO B 494 -29.25 16.16 11.04
CA PRO B 494 -29.16 16.12 9.60
C PRO B 494 -28.61 17.46 9.18
N GLY B 495 -27.67 17.45 8.26
CA GLY B 495 -27.05 18.69 7.82
C GLY B 495 -25.75 18.95 8.61
N GLU B 496 -25.44 18.08 9.57
CA GLU B 496 -24.21 18.18 10.35
C GLU B 496 -23.39 16.89 10.13
N ARG B 497 -22.06 16.99 10.10
CA ARG B 497 -21.19 15.83 9.84
C ARG B 497 -20.52 15.17 11.04
N LYS B 498 -20.51 13.83 11.07
CA LYS B 498 -19.74 13.08 12.09
C LYS B 498 -18.36 12.72 11.58
N LYS B 499 -17.38 13.56 11.82
CA LYS B 499 -16.04 13.37 11.28
C LYS B 499 -15.26 12.44 12.18
N THR B 500 -14.71 11.37 11.64
CA THR B 500 -14.04 10.37 12.46
C THR B 500 -12.85 10.97 13.22
N VAL B 501 -12.72 10.63 14.50
CA VAL B 501 -11.54 11.06 15.25
C VAL B 501 -10.41 10.14 14.84
N LYS B 502 -9.29 10.71 14.40
CA LYS B 502 -8.23 9.84 13.95
C LYS B 502 -7.77 8.90 15.04
N GLY B 503 -7.74 7.61 14.71
CA GLY B 503 -7.31 6.56 15.62
C GLY B 503 -8.44 5.90 16.41
N MET B 504 -9.64 6.50 16.41
CA MET B 504 -10.74 5.92 17.17
C MET B 504 -12.02 5.96 16.37
N PRO B 505 -12.31 4.88 15.67
CA PRO B 505 -13.43 4.82 14.73
C PRO B 505 -14.81 5.12 15.38
N CYS B 506 -14.95 4.83 16.68
CA CYS B 506 -16.15 4.94 17.50
C CYS B 506 -16.47 6.41 17.78
N CYS B 507 -15.48 7.26 17.61
CA CYS B 507 -15.58 8.62 18.04
C CYS B 507 -15.64 9.57 16.85
N TRP B 508 -16.31 10.71 17.04
CA TRP B 508 -16.40 11.71 15.98
C TRP B 508 -16.42 13.14 16.52
N HIS B 509 -16.06 14.04 15.61
CA HIS B 509 -16.15 15.47 15.80
C HIS B 509 -17.41 15.86 15.04
N CYS B 510 -18.34 16.64 15.64
CA CYS B 510 -19.55 17.03 14.92
C CYS B 510 -19.29 18.40 14.26
N GLU B 511 -19.28 18.39 12.94
CA GLU B 511 -18.94 19.53 12.12
C GLU B 511 -20.11 19.92 11.21
N PRO B 512 -20.87 20.98 11.54
CA PRO B 512 -22.02 21.43 10.79
C PRO B 512 -21.62 21.73 9.35
N CYS B 513 -22.53 21.44 8.39
CA CYS B 513 -22.40 21.70 6.96
C CYS B 513 -22.81 23.14 6.63
N THR B 514 -22.14 23.76 5.64
CA THR B 514 -22.41 25.17 5.35
C THR B 514 -22.47 25.60 3.90
N GLY B 515 -22.51 26.91 3.71
CA GLY B 515 -22.48 27.47 2.37
C GLY B 515 -23.65 27.00 1.54
N TYR B 516 -23.33 26.44 0.38
CA TYR B 516 -24.34 25.96 -0.54
C TYR B 516 -24.32 24.43 -0.65
N GLN B 517 -23.84 23.81 0.43
CA GLN B 517 -23.75 22.36 0.55
C GLN B 517 -25.01 21.68 1.13
N TYR B 518 -25.15 20.38 0.81
CA TYR B 518 -26.23 19.54 1.32
C TYR B 518 -25.65 18.17 1.71
N GLN B 519 -26.26 17.50 2.67
CA GLN B 519 -25.77 16.22 3.16
C GLN B 519 -25.72 15.14 2.12
N VAL B 520 -24.61 14.42 2.16
CA VAL B 520 -24.34 13.30 1.28
C VAL B 520 -24.27 12.01 2.09
N ASP B 521 -23.54 12.07 3.20
CA ASP B 521 -23.28 10.92 4.04
C ASP B 521 -23.21 11.42 5.48
N ARG B 522 -23.04 10.53 6.42
CA ARG B 522 -23.05 10.93 7.83
C ARG B 522 -21.91 11.87 8.22
N TYR B 523 -20.82 11.84 7.46
CA TYR B 523 -19.61 12.65 7.65
C TYR B 523 -19.31 13.52 6.43
N THR B 524 -20.23 13.57 5.46
CA THR B 524 -20.03 14.30 4.19
C THR B 524 -21.26 15.14 3.79
N CYS B 525 -21.04 16.30 3.14
CA CYS B 525 -22.09 17.09 2.51
C CYS B 525 -21.33 17.72 1.32
N LYS B 526 -22.06 18.07 0.27
CA LYS B 526 -21.44 18.67 -0.92
C LYS B 526 -22.26 19.74 -1.56
N THR B 527 -21.63 20.55 -2.40
CA THR B 527 -22.33 21.62 -3.06
C THR B 527 -23.25 21.21 -4.20
N CYS B 528 -24.35 21.99 -4.38
CA CYS B 528 -25.22 21.95 -5.55
C CYS B 528 -24.77 23.10 -6.48
N PRO B 529 -24.41 22.62 -7.74
CA PRO B 529 -24.10 23.59 -8.80
C PRO B 529 -25.32 24.26 -8.76
N TYR B 530 -25.21 25.54 -8.97
CA TYR B 530 -26.49 26.04 -8.82
C TYR B 530 -27.32 27.08 -9.33
N ASP B 531 -28.56 26.64 -9.31
CA ASP B 531 -29.54 27.56 -9.58
C ASP B 531 -30.38 26.82 -8.54
N MET B 532 -29.80 25.87 -7.76
CA MET B 532 -30.60 25.34 -6.67
C MET B 532 -30.01 25.66 -5.27
N ARG B 533 -30.88 26.00 -4.33
CA ARG B 533 -30.52 26.40 -2.99
C ARG B 533 -30.78 25.27 -2.00
N PRO B 534 -29.89 24.99 -1.03
CA PRO B 534 -30.10 24.00 0.01
C PRO B 534 -31.38 24.25 0.75
N THR B 535 -31.99 23.17 1.16
CA THR B 535 -33.18 23.15 1.98
C THR B 535 -32.79 23.43 3.42
N GLU B 536 -33.75 23.68 4.28
CA GLU B 536 -33.46 24.04 5.66
C GLU B 536 -32.63 23.05 6.47
N ASN B 537 -32.75 21.75 6.20
CA ASN B 537 -31.94 20.79 6.92
C ASN B 537 -30.65 20.52 6.17
N ARG B 538 -30.46 21.18 5.03
CA ARG B 538 -29.28 20.95 4.23
C ARG B 538 -29.06 19.48 3.94
N THR B 539 -30.11 18.71 3.65
CA THR B 539 -29.97 17.30 3.23
C THR B 539 -30.28 17.11 1.75
N GLY B 540 -30.72 18.17 1.12
CA GLY B 540 -31.09 18.22 -0.29
C GLY B 540 -31.05 19.68 -0.73
N CYS B 541 -31.15 19.95 -2.06
CA CYS B 541 -31.30 21.30 -2.65
C CYS B 541 -32.65 21.45 -3.41
N ARG B 542 -33.12 22.70 -3.51
CA ARG B 542 -34.36 23.10 -4.20
C ARG B 542 -34.09 24.33 -5.10
N PRO B 543 -34.85 24.64 -6.15
CA PRO B 543 -34.73 25.84 -7.02
C PRO B 543 -34.81 27.28 -6.42
N ILE B 544 -33.97 28.17 -6.96
CA ILE B 544 -33.85 29.64 -6.71
C ILE B 544 -34.86 30.47 -7.53
N PRO B 545 -35.71 31.31 -6.88
CA PRO B 545 -36.72 32.19 -7.50
C PRO B 545 -36.14 33.05 -8.61
N ILE B 546 -36.92 33.22 -9.68
CA ILE B 546 -36.49 33.91 -10.90
C ILE B 546 -37.34 35.14 -11.11
N ILE B 547 -36.71 36.25 -11.48
CA ILE B 547 -37.43 37.48 -11.76
C ILE B 547 -37.38 37.92 -13.23
N LYS B 548 -38.47 38.53 -13.65
CA LYS B 548 -38.66 39.05 -14.99
C LYS B 548 -38.84 40.54 -14.80
N LEU B 549 -38.99 41.32 -15.86
CA LEU B 549 -39.21 42.75 -15.62
C LEU B 549 -40.69 43.09 -15.75
N GLU B 550 -41.35 43.16 -14.59
CA GLU B 550 -42.76 43.47 -14.47
C GLU B 550 -43.08 44.96 -14.53
N TRP B 551 -44.20 45.26 -15.19
CA TRP B 551 -44.58 46.62 -15.57
C TRP B 551 -44.95 47.54 -14.40
N GLY B 552 -44.92 47.04 -13.16
CA GLY B 552 -45.10 47.88 -12.00
C GLY B 552 -43.79 48.47 -11.48
N SER B 553 -42.65 47.85 -11.82
CA SER B 553 -41.38 48.29 -11.28
C SER B 553 -40.80 49.52 -11.97
N PRO B 554 -39.93 50.29 -11.30
CA PRO B 554 -39.28 51.50 -11.78
C PRO B 554 -38.55 51.26 -13.10
N TRP B 555 -38.00 50.05 -13.28
CA TRP B 555 -37.20 49.73 -14.43
C TRP B 555 -38.05 49.25 -15.59
N ALA B 556 -39.35 49.06 -15.34
CA ALA B 556 -40.26 48.64 -16.39
C ALA B 556 -41.19 49.80 -16.72
N VAL B 557 -41.58 50.56 -15.70
CA VAL B 557 -42.46 51.67 -15.93
C VAL B 557 -41.83 52.79 -16.73
N LEU B 558 -40.60 53.18 -16.40
CA LEU B 558 -40.03 54.26 -17.19
C LEU B 558 -40.05 53.98 -18.68
N PRO B 559 -39.45 52.92 -19.24
CA PRO B 559 -39.52 52.69 -20.67
C PRO B 559 -40.91 52.29 -21.16
N LEU B 560 -41.78 51.76 -20.28
CA LEU B 560 -43.10 51.44 -20.78
C LEU B 560 -43.77 52.74 -21.16
N PHE B 561 -43.65 53.73 -20.29
CA PHE B 561 -44.24 55.03 -20.49
C PHE B 561 -43.62 55.71 -21.66
N LEU B 562 -42.31 55.63 -21.75
CA LEU B 562 -41.64 56.31 -22.82
C LEU B 562 -42.04 55.73 -24.17
N ALA B 563 -42.16 54.40 -24.26
CA ALA B 563 -42.57 53.82 -25.52
C ALA B 563 -43.96 54.29 -25.95
N VAL B 564 -44.89 54.37 -25.00
CA VAL B 564 -46.24 54.86 -25.27
C VAL B 564 -46.26 56.34 -25.62
N VAL B 565 -45.53 57.17 -24.89
CA VAL B 565 -45.49 58.57 -25.26
C VAL B 565 -44.85 58.70 -26.62
N GLY B 566 -43.81 57.89 -26.86
CA GLY B 566 -43.08 57.87 -28.10
C GLY B 566 -44.06 57.84 -29.27
N ILE B 567 -44.92 56.82 -29.29
CA ILE B 567 -45.89 56.66 -30.36
C ILE B 567 -46.87 57.80 -30.42
N ALA B 568 -47.38 58.24 -29.28
CA ALA B 568 -48.32 59.35 -29.36
C ALA B 568 -47.67 60.61 -29.93
N ALA B 569 -46.43 60.90 -29.52
CA ALA B 569 -45.72 62.06 -30.02
C ALA B 569 -45.35 61.92 -31.47
N THR B 570 -44.97 60.69 -31.83
CA THR B 570 -44.57 60.38 -33.17
C THR B 570 -45.71 60.52 -34.11
N LEU B 571 -46.87 60.00 -33.75
CA LEU B 571 -47.99 60.18 -34.64
C LEU B 571 -48.40 61.63 -34.72
N PHE B 572 -48.36 62.41 -33.66
CA PHE B 572 -48.64 63.80 -33.91
C PHE B 572 -47.79 64.33 -35.05
N VAL B 573 -46.50 64.01 -35.00
CA VAL B 573 -45.61 64.44 -36.08
C VAL B 573 -45.94 63.76 -37.41
N VAL B 574 -46.09 62.45 -37.44
CA VAL B 574 -46.22 61.77 -38.71
C VAL B 574 -47.48 62.24 -39.40
N ILE B 575 -48.54 62.35 -38.64
CA ILE B 575 -49.83 62.68 -39.15
C ILE B 575 -49.81 63.99 -39.89
N THR B 576 -49.11 65.02 -39.41
CA THR B 576 -49.08 66.22 -40.23
C THR B 576 -48.30 65.96 -41.52
N PHE B 577 -47.27 65.12 -41.50
CA PHE B 577 -46.52 64.95 -42.74
C PHE B 577 -47.30 64.11 -43.76
N VAL B 578 -48.11 63.19 -43.29
CA VAL B 578 -48.91 62.34 -44.17
C VAL B 578 -50.10 63.12 -44.76
N ARG B 579 -50.86 63.85 -43.94
CA ARG B 579 -52.06 64.52 -44.43
C ARG B 579 -51.71 65.66 -45.35
N TYR B 580 -50.51 66.18 -45.21
CA TYR B 580 -50.00 67.26 -46.04
C TYR B 580 -48.81 66.77 -46.90
N ASN B 581 -48.83 65.48 -47.28
CA ASN B 581 -47.79 64.83 -48.07
C ASN B 581 -47.38 65.55 -49.32
N ASP B 582 -48.29 66.23 -49.99
CA ASP B 582 -48.00 66.95 -51.20
C ASP B 582 -47.91 68.47 -51.07
N THR B 583 -47.82 69.01 -49.86
CA THR B 583 -47.82 70.45 -49.75
C THR B 583 -46.35 70.94 -49.77
N PRO B 584 -46.08 72.23 -50.10
CA PRO B 584 -44.74 72.83 -50.20
C PRO B 584 -43.84 72.65 -48.99
N ILE B 585 -44.38 72.70 -47.79
CA ILE B 585 -43.54 72.58 -46.61
C ILE B 585 -43.03 71.15 -46.37
N VAL B 586 -43.84 70.14 -46.69
CA VAL B 586 -43.37 68.78 -46.52
C VAL B 586 -42.35 68.49 -47.63
N LYS B 587 -42.69 68.86 -48.86
CA LYS B 587 -41.78 68.57 -49.98
C LYS B 587 -40.38 69.18 -49.79
N ALA B 588 -40.35 70.41 -49.25
CA ALA B 588 -39.13 71.17 -49.00
C ALA B 588 -38.17 70.49 -48.04
N SER B 589 -38.69 69.61 -47.20
CA SER B 589 -37.91 68.98 -46.17
C SER B 589 -37.10 67.82 -46.74
N GLY B 590 -37.41 67.44 -47.98
CA GLY B 590 -36.81 66.25 -48.53
C GLY B 590 -37.71 65.13 -48.13
N ARG B 591 -38.99 65.29 -48.47
CA ARG B 591 -40.06 64.37 -48.10
C ARG B 591 -39.71 62.90 -48.14
N GLU B 592 -39.00 62.46 -49.14
CA GLU B 592 -38.66 61.06 -49.26
C GLU B 592 -37.77 60.58 -48.12
N LEU B 593 -36.86 61.42 -47.66
CA LEU B 593 -35.94 61.03 -46.61
C LEU B 593 -36.68 61.16 -45.29
N SER B 594 -37.54 62.17 -45.22
CA SER B 594 -38.34 62.41 -44.04
C SER B 594 -39.23 61.21 -43.81
N TYR B 595 -39.79 60.66 -44.88
CA TYR B 595 -40.59 59.46 -44.71
C TYR B 595 -39.77 58.33 -44.09
N VAL B 596 -38.58 58.03 -44.63
CA VAL B 596 -37.84 56.87 -44.09
C VAL B 596 -37.51 57.15 -42.62
N LEU B 597 -37.09 58.37 -42.32
CA LEU B 597 -36.72 58.73 -40.97
C LEU B 597 -37.87 58.60 -39.98
N LEU B 598 -39.00 59.16 -40.35
CA LEU B 598 -40.17 59.11 -39.51
C LEU B 598 -40.69 57.71 -39.34
N ALA B 599 -40.64 56.92 -40.41
CA ALA B 599 -41.10 55.57 -40.31
C ALA B 599 -40.19 54.80 -39.37
N GLY B 600 -38.87 54.96 -39.50
CA GLY B 600 -37.97 54.25 -38.60
C GLY B 600 -38.16 54.69 -37.16
N ILE B 601 -38.46 55.98 -36.94
CA ILE B 601 -38.69 56.46 -35.58
C ILE B 601 -39.92 55.76 -34.98
N PHE B 602 -40.99 55.73 -35.76
CA PHE B 602 -42.24 55.11 -35.34
C PHE B 602 -42.08 53.65 -35.04
N LEU B 603 -41.45 52.95 -35.98
CA LEU B 603 -41.35 51.51 -35.93
C LEU B 603 -40.53 51.09 -34.74
N CYS B 604 -39.46 51.80 -34.42
CA CYS B 604 -38.66 51.38 -33.30
C CYS B 604 -39.45 51.60 -32.01
N TYR B 605 -40.29 52.61 -31.98
CA TYR B 605 -41.05 52.82 -30.75
C TYR B 605 -42.06 51.71 -30.51
N ALA B 606 -42.68 51.27 -31.62
CA ALA B 606 -43.78 50.34 -31.62
C ALA B 606 -43.43 49.07 -30.88
N THR B 607 -42.16 48.66 -30.95
CA THR B 607 -41.74 47.45 -30.29
C THR B 607 -40.75 47.71 -29.15
N THR B 608 -40.50 48.96 -28.78
CA THR B 608 -39.45 49.24 -27.78
C THR B 608 -39.75 48.56 -26.46
N PHE B 609 -41.00 48.58 -26.04
CA PHE B 609 -41.36 48.02 -24.73
C PHE B 609 -41.26 46.48 -24.70
N LEU B 610 -41.23 45.84 -25.86
CA LEU B 610 -41.18 44.40 -25.95
C LEU B 610 -39.82 43.83 -25.62
N MET B 611 -38.76 44.58 -25.82
CA MET B 611 -37.42 44.05 -25.60
C MET B 611 -37.18 43.66 -24.13
N ILE B 612 -37.96 44.23 -23.20
CA ILE B 612 -37.89 43.90 -21.77
C ILE B 612 -39.11 43.07 -21.29
N ALA B 613 -39.93 42.60 -22.22
CA ALA B 613 -41.12 41.81 -21.92
C ALA B 613 -40.70 40.40 -21.57
N GLU B 614 -41.56 39.63 -20.91
CA GLU B 614 -41.20 38.26 -20.61
C GLU B 614 -40.68 37.59 -21.89
N PRO B 615 -39.43 37.08 -21.92
CA PRO B 615 -38.77 36.45 -23.06
C PRO B 615 -39.46 35.28 -23.73
N ASP B 616 -39.59 35.41 -25.04
CA ASP B 616 -40.13 34.41 -25.95
C ASP B 616 -39.69 34.77 -27.36
N LEU B 617 -40.03 33.95 -28.34
CA LEU B 617 -39.62 34.20 -29.71
C LEU B 617 -40.16 35.50 -30.27
N GLY B 618 -41.37 35.91 -29.86
CA GLY B 618 -41.94 37.17 -30.37
C GLY B 618 -41.08 38.40 -29.97
N THR B 619 -40.15 38.21 -29.02
CA THR B 619 -39.19 39.23 -28.57
C THR B 619 -37.72 38.86 -28.96
N CYS B 620 -37.37 37.54 -28.91
CA CYS B 620 -36.04 37.06 -29.23
C CYS B 620 -35.79 37.06 -30.74
N SER B 621 -36.85 37.31 -31.52
CA SER B 621 -36.75 37.56 -32.95
C SER B 621 -36.40 39.04 -33.20
N LEU B 622 -36.53 39.88 -32.17
CA LEU B 622 -36.32 41.30 -32.30
C LEU B 622 -35.00 41.70 -31.61
N ARG B 623 -34.78 41.15 -30.41
CA ARG B 623 -33.53 41.35 -29.67
C ARG B 623 -33.17 42.85 -29.68
N ARG B 624 -31.92 43.21 -30.03
CA ARG B 624 -31.53 44.61 -30.19
C ARG B 624 -31.49 44.88 -31.69
N ILE B 625 -31.95 43.89 -32.45
CA ILE B 625 -31.83 43.87 -33.90
C ILE B 625 -32.75 44.86 -34.47
N PHE B 626 -34.01 44.63 -34.27
CA PHE B 626 -35.07 45.44 -34.80
C PHE B 626 -35.03 46.88 -34.29
N LEU B 627 -34.83 47.09 -32.98
CA LEU B 627 -34.84 48.43 -32.45
C LEU B 627 -33.54 49.08 -32.85
N GLY B 628 -32.48 48.27 -32.86
CA GLY B 628 -31.16 48.78 -33.18
C GLY B 628 -31.19 49.24 -34.62
N LEU B 629 -31.86 48.45 -35.45
CA LEU B 629 -32.05 48.68 -36.86
C LEU B 629 -32.79 49.97 -37.16
N GLY B 630 -33.91 50.26 -36.53
CA GLY B 630 -34.55 51.55 -36.76
C GLY B 630 -33.65 52.69 -36.34
N MET B 631 -32.91 52.51 -35.24
CA MET B 631 -32.03 53.56 -34.78
C MET B 631 -30.95 53.78 -35.83
N SER B 632 -30.33 52.68 -36.30
CA SER B 632 -29.28 52.72 -37.29
C SER B 632 -29.81 53.32 -38.59
N ILE B 633 -31.03 52.97 -38.99
CA ILE B 633 -31.65 53.56 -40.17
C ILE B 633 -31.86 55.05 -39.99
N SER B 634 -32.34 55.46 -38.82
CA SER B 634 -32.52 56.88 -38.57
C SER B 634 -31.20 57.61 -38.78
N TYR B 635 -30.12 57.09 -38.20
CA TYR B 635 -28.81 57.73 -38.33
C TYR B 635 -28.39 57.77 -39.79
N ALA B 636 -28.59 56.67 -40.52
CA ALA B 636 -28.20 56.60 -41.92
C ALA B 636 -29.00 57.57 -42.74
N ALA B 637 -30.29 57.69 -42.44
CA ALA B 637 -31.09 58.61 -43.20
C ALA B 637 -30.72 60.05 -42.81
N LEU B 638 -30.33 60.27 -41.56
CA LEU B 638 -29.88 61.61 -41.19
C LEU B 638 -28.60 61.89 -41.90
N LEU B 639 -27.76 60.87 -42.02
CA LEU B 639 -26.53 61.00 -42.75
C LEU B 639 -26.82 61.23 -44.20
N THR B 640 -27.79 60.55 -44.78
CA THR B 640 -28.07 60.80 -46.18
C THR B 640 -28.48 62.24 -46.39
N LYS B 641 -29.36 62.75 -45.52
CA LYS B 641 -29.77 64.14 -45.66
C LYS B 641 -28.55 65.06 -45.45
N THR B 642 -27.71 64.72 -44.48
CA THR B 642 -26.47 65.44 -44.21
C THR B 642 -25.55 65.42 -45.42
N ASN B 643 -25.39 64.29 -46.07
CA ASN B 643 -24.61 64.29 -47.27
C ASN B 643 -25.27 65.10 -48.35
N ARG B 644 -26.58 65.04 -48.48
CA ARG B 644 -27.16 65.89 -49.51
C ARG B 644 -26.78 67.36 -49.32
N ILE B 645 -26.64 67.78 -48.05
CA ILE B 645 -26.28 69.17 -47.77
C ILE B 645 -24.78 69.40 -47.88
N TYR B 646 -24.00 68.55 -47.23
CA TYR B 646 -22.60 68.84 -47.10
C TYR B 646 -21.79 68.19 -48.18
N ARG B 647 -22.38 67.31 -48.99
CA ARG B 647 -21.60 66.73 -50.04
C ARG B 647 -21.14 67.79 -51.01
N ILE B 648 -21.87 68.89 -51.21
CA ILE B 648 -21.32 69.80 -52.20
C ILE B 648 -19.97 70.33 -51.75
N PHE B 649 -19.71 70.36 -50.44
CA PHE B 649 -18.43 70.90 -50.06
C PHE B 649 -17.36 69.83 -49.93
N GLU B 650 -17.72 68.65 -49.43
CA GLU B 650 -16.75 67.59 -49.26
C GLU B 650 -16.41 66.97 -50.60
N GLN B 651 -17.37 66.95 -51.53
CA GLN B 651 -17.16 66.27 -52.78
C GLN B 651 -15.97 66.91 -53.46
N GLY B 652 -15.69 68.17 -53.14
CA GLY B 652 -14.63 68.96 -53.73
C GLY B 652 -13.24 68.35 -53.58
N LYS B 653 -13.07 67.39 -52.68
CA LYS B 653 -11.78 66.74 -52.51
C LYS B 653 -11.55 65.71 -53.62
N ARG B 654 -12.64 65.18 -54.20
CA ARG B 654 -12.58 64.14 -55.22
C ARG B 654 -13.09 64.59 -56.60
N SER B 655 -14.01 65.55 -56.64
CA SER B 655 -14.63 66.05 -57.86
C SER B 655 -15.14 67.47 -57.76
N VAL B 656 -15.23 68.11 -58.91
CA VAL B 656 -15.75 69.47 -58.99
C VAL B 656 -17.15 69.53 -59.60
N SER B 657 -17.74 68.36 -59.85
CA SER B 657 -19.09 68.29 -60.38
C SER B 657 -20.18 68.50 -59.32
N ALA B 658 -21.40 68.58 -59.83
CA ALA B 658 -22.63 68.69 -59.05
C ALA B 658 -22.73 67.52 -58.07
N PRO B 659 -23.25 67.71 -56.86
CA PRO B 659 -23.29 66.71 -55.83
C PRO B 659 -23.87 65.49 -56.50
N ARG B 660 -23.31 64.33 -56.27
CA ARG B 660 -23.87 63.14 -56.88
C ARG B 660 -25.09 62.78 -56.05
N PHE B 661 -25.97 61.95 -56.59
CA PHE B 661 -27.15 61.43 -55.89
C PHE B 661 -28.15 62.51 -55.44
N ILE B 662 -28.41 63.48 -56.34
CA ILE B 662 -29.42 64.51 -56.09
C ILE B 662 -30.88 64.09 -56.33
N SER B 663 -31.19 63.39 -57.41
CA SER B 663 -32.58 63.04 -57.63
C SER B 663 -33.04 62.32 -56.36
N PRO B 664 -34.25 62.58 -55.81
CA PRO B 664 -34.78 61.92 -54.61
C PRO B 664 -34.68 60.39 -54.67
N ALA B 665 -34.82 59.81 -55.87
CA ALA B 665 -34.69 58.37 -56.00
C ALA B 665 -33.28 57.91 -55.66
N SER B 666 -32.30 58.76 -55.97
CA SER B 666 -30.91 58.43 -55.76
C SER B 666 -30.55 58.71 -54.33
N GLN B 667 -31.24 59.69 -53.72
CA GLN B 667 -31.04 59.96 -52.30
C GLN B 667 -31.58 58.79 -51.50
N LEU B 668 -32.69 58.22 -51.96
CA LEU B 668 -33.23 57.04 -51.32
C LEU B 668 -32.27 55.87 -51.53
N ALA B 669 -31.67 55.76 -52.73
CA ALA B 669 -30.72 54.68 -52.94
C ALA B 669 -29.59 54.71 -51.93
N ILE B 670 -29.10 55.92 -51.60
CA ILE B 670 -28.10 56.03 -50.56
C ILE B 670 -28.68 55.65 -49.22
N THR B 671 -29.88 56.13 -48.94
CA THR B 671 -30.50 55.82 -47.66
C THR B 671 -30.52 54.32 -47.48
N PHE B 672 -30.90 53.63 -48.54
CA PHE B 672 -30.98 52.19 -48.57
C PHE B 672 -29.59 51.50 -48.51
N SER B 673 -28.57 51.97 -49.26
CA SER B 673 -27.24 51.31 -49.22
C SER B 673 -26.67 51.35 -47.81
N LEU B 674 -26.85 52.48 -47.13
CA LEU B 674 -26.22 52.70 -45.84
C LEU B 674 -26.73 51.72 -44.80
N ILE B 675 -27.93 51.20 -44.99
CA ILE B 675 -28.65 50.38 -44.04
C ILE B 675 -28.75 48.91 -44.47
N SER B 676 -28.72 48.63 -45.77
CA SER B 676 -28.83 47.22 -46.17
C SER B 676 -27.66 46.39 -45.63
N LEU B 677 -26.53 47.03 -45.37
CA LEU B 677 -25.40 46.34 -44.78
C LEU B 677 -25.65 45.99 -43.31
N GLN B 678 -26.49 46.78 -42.62
CA GLN B 678 -26.86 46.49 -41.24
C GLN B 678 -27.68 45.21 -41.22
N LEU B 679 -28.53 45.06 -42.24
CA LEU B 679 -29.39 43.88 -42.34
C LEU B 679 -28.54 42.66 -42.57
N LEU B 680 -27.48 42.80 -43.34
CA LEU B 680 -26.60 41.67 -43.53
C LEU B 680 -25.82 41.32 -42.24
N GLY B 681 -25.35 42.34 -41.50
CA GLY B 681 -24.65 42.10 -40.24
C GLY B 681 -25.60 41.39 -39.28
N ILE B 682 -26.85 41.82 -39.33
CA ILE B 682 -27.93 41.25 -38.55
C ILE B 682 -28.19 39.82 -38.90
N CYS B 683 -28.27 39.52 -40.19
CA CYS B 683 -28.53 38.19 -40.64
C CYS B 683 -27.44 37.26 -40.13
N VAL B 684 -26.18 37.70 -40.21
CA VAL B 684 -25.08 36.87 -39.71
C VAL B 684 -25.19 36.70 -38.20
N TRP B 685 -25.37 37.81 -37.47
CA TRP B 685 -25.46 37.75 -36.03
C TRP B 685 -26.63 36.87 -35.58
N PHE B 686 -27.79 36.97 -36.26
CA PHE B 686 -28.94 36.10 -35.94
C PHE B 686 -28.54 34.64 -35.88
N VAL B 687 -27.79 34.17 -36.88
CA VAL B 687 -27.36 32.79 -36.89
C VAL B 687 -26.40 32.51 -35.74
N VAL B 688 -25.47 33.43 -35.52
CA VAL B 688 -24.43 33.28 -34.50
C VAL B 688 -25.00 33.19 -33.08
N ASP B 689 -25.97 34.04 -32.76
CA ASP B 689 -26.60 34.10 -31.45
C ASP B 689 -28.13 33.84 -31.59
N PRO B 690 -28.60 32.58 -31.43
CA PRO B 690 -29.96 32.10 -31.66
C PRO B 690 -31.03 32.80 -30.83
N SER B 691 -32.25 32.82 -31.37
CA SER B 691 -33.42 33.45 -30.76
C SER B 691 -34.10 32.60 -29.70
N HIS B 692 -33.52 32.52 -28.49
CA HIS B 692 -34.14 31.80 -27.39
C HIS B 692 -34.08 32.53 -26.02
N SER B 693 -34.99 32.13 -25.11
CA SER B 693 -35.13 32.65 -23.73
C SER B 693 -34.17 31.92 -22.79
N VAL B 694 -33.58 32.64 -21.81
CA VAL B 694 -32.72 31.99 -20.80
C VAL B 694 -32.91 32.46 -19.36
N VAL B 695 -32.69 31.52 -18.43
CA VAL B 695 -32.62 31.87 -17.02
C VAL B 695 -31.19 31.81 -16.55
N ASP B 696 -30.65 32.93 -16.10
CA ASP B 696 -29.26 32.99 -15.69
C ASP B 696 -29.18 33.24 -14.19
N PHE B 697 -28.78 32.24 -13.41
CA PHE B 697 -28.87 32.45 -11.96
C PHE B 697 -27.83 33.48 -11.54
N GLN B 698 -26.80 33.65 -12.36
CA GLN B 698 -25.60 34.42 -12.05
C GLN B 698 -25.90 35.88 -11.75
N ASP B 699 -26.92 36.44 -12.39
CA ASP B 699 -27.20 37.85 -12.29
C ASP B 699 -27.68 38.30 -10.91
N GLN B 700 -28.19 37.37 -10.09
CA GLN B 700 -28.63 37.66 -8.73
C GLN B 700 -28.04 36.62 -7.77
N ARG B 701 -26.84 36.15 -8.14
CA ARG B 701 -26.17 35.07 -7.42
C ARG B 701 -25.73 35.51 -6.04
N THR B 702 -25.85 34.60 -5.10
CA THR B 702 -25.25 34.82 -3.81
C THR B 702 -24.38 33.66 -3.37
N LEU B 703 -23.59 33.92 -2.34
CA LEU B 703 -22.79 32.91 -1.65
C LEU B 703 -23.64 31.99 -0.80
N ASP B 704 -24.72 32.53 -0.28
CA ASP B 704 -25.70 31.79 0.48
C ASP B 704 -26.98 31.80 -0.34
N PRO B 705 -27.32 30.70 -1.05
CA PRO B 705 -28.40 30.56 -1.99
C PRO B 705 -29.75 30.86 -1.39
N ARG B 706 -29.89 30.84 -0.07
CA ARG B 706 -31.19 31.13 0.52
C ARG B 706 -31.57 32.58 0.34
N PHE B 707 -30.59 33.39 -0.02
CA PHE B 707 -30.81 34.79 -0.30
C PHE B 707 -30.69 35.10 -1.80
N ALA B 708 -30.48 34.04 -2.62
CA ALA B 708 -30.27 34.21 -4.06
C ALA B 708 -31.58 34.30 -4.83
N ARG B 709 -31.48 34.93 -5.99
CA ARG B 709 -32.55 34.99 -6.99
C ARG B 709 -31.89 34.68 -8.33
N GLY B 710 -32.67 34.32 -9.35
CA GLY B 710 -32.06 34.24 -10.69
C GLY B 710 -32.80 35.17 -11.64
N VAL B 711 -32.36 35.28 -12.90
CA VAL B 711 -33.04 36.21 -13.84
C VAL B 711 -33.48 35.60 -15.17
N LEU B 712 -34.73 35.88 -15.52
CA LEU B 712 -35.31 35.47 -16.80
C LEU B 712 -35.21 36.62 -17.82
N LYS B 713 -34.41 36.39 -18.87
CA LYS B 713 -34.11 37.37 -19.94
C LYS B 713 -33.96 36.63 -21.27
N CYS B 714 -34.06 37.33 -22.44
CA CYS B 714 -33.75 36.70 -23.74
C CYS B 714 -32.22 36.48 -23.76
N ASP B 715 -31.79 35.33 -24.29
CA ASP B 715 -30.37 35.00 -24.23
C ASP B 715 -29.55 35.84 -25.21
N ILE B 716 -29.28 37.08 -24.84
CA ILE B 716 -28.59 37.97 -25.78
C ILE B 716 -27.19 38.37 -25.27
N SER B 717 -26.16 38.04 -26.06
CA SER B 717 -24.77 38.46 -25.82
C SER B 717 -24.44 39.94 -26.02
N ASP B 718 -23.42 40.40 -25.25
CA ASP B 718 -22.84 41.75 -25.30
C ASP B 718 -22.29 42.09 -26.66
N LEU B 719 -21.95 41.06 -27.43
CA LEU B 719 -21.41 41.26 -28.77
C LEU B 719 -22.45 41.88 -29.66
N SER B 720 -23.73 41.72 -29.32
CA SER B 720 -24.77 42.32 -30.12
C SER B 720 -24.64 43.83 -30.14
N LEU B 721 -23.97 44.45 -29.17
CA LEU B 721 -23.81 45.89 -29.15
C LEU B 721 -22.72 46.36 -30.08
N ILE B 722 -21.87 45.46 -30.52
CA ILE B 722 -20.80 45.85 -31.40
C ILE B 722 -21.41 45.74 -32.76
N CYS B 723 -22.13 44.65 -32.97
CA CYS B 723 -22.83 44.42 -34.20
C CYS B 723 -23.70 45.63 -34.56
N LEU B 724 -24.31 46.27 -33.57
CA LEU B 724 -25.07 47.50 -33.78
C LEU B 724 -24.24 48.74 -33.71
N LEU B 725 -23.60 49.01 -32.57
CA LEU B 725 -23.06 50.34 -32.40
C LEU B 725 -21.78 50.50 -33.17
N GLY B 726 -21.13 49.39 -33.52
CA GLY B 726 -19.92 49.44 -34.30
C GLY B 726 -20.12 50.18 -35.63
N TYR B 727 -21.35 50.21 -36.14
CA TYR B 727 -21.62 50.96 -37.36
C TYR B 727 -22.48 52.21 -37.11
N SER B 728 -23.52 52.14 -36.27
CA SER B 728 -24.40 53.30 -36.10
C SER B 728 -23.64 54.48 -35.49
N MET B 729 -22.60 54.18 -34.71
CA MET B 729 -21.81 55.25 -34.12
C MET B 729 -20.89 55.86 -35.17
N LEU B 730 -20.70 55.20 -36.31
CA LEU B 730 -19.87 55.75 -37.34
C LEU B 730 -20.70 56.62 -38.25
N LEU B 731 -22.00 56.34 -38.32
CA LEU B 731 -22.91 57.16 -39.06
C LEU B 731 -22.88 58.47 -38.31
N MET B 732 -22.89 58.34 -36.98
CA MET B 732 -22.88 59.48 -36.10
C MET B 732 -21.62 60.31 -36.31
N VAL B 733 -20.45 59.65 -36.21
CA VAL B 733 -19.21 60.39 -36.35
C VAL B 733 -19.22 61.09 -37.68
N THR B 734 -19.69 60.42 -38.73
CA THR B 734 -19.68 61.05 -40.04
C THR B 734 -20.59 62.27 -40.00
N CYS B 735 -21.73 62.15 -39.33
CA CYS B 735 -22.69 63.24 -39.34
C CYS B 735 -22.08 64.44 -38.65
N THR B 736 -21.40 64.21 -37.52
CA THR B 736 -20.80 65.26 -36.70
C THR B 736 -19.60 65.88 -37.39
N VAL B 737 -18.90 65.13 -38.25
CA VAL B 737 -17.85 65.73 -39.08
C VAL B 737 -18.46 66.75 -39.97
N TYR B 738 -19.64 66.47 -40.49
CA TYR B 738 -20.28 67.47 -41.31
C TYR B 738 -20.93 68.57 -40.47
N ALA B 739 -21.64 68.24 -39.39
CA ALA B 739 -22.42 69.24 -38.66
C ALA B 739 -21.56 70.40 -38.15
N ILE B 740 -20.34 70.13 -37.75
CA ILE B 740 -19.44 71.14 -37.20
C ILE B 740 -19.10 72.20 -38.24
N LYS B 741 -19.30 71.88 -39.52
CA LYS B 741 -18.96 72.73 -40.65
C LYS B 741 -20.05 73.75 -40.98
N THR B 742 -21.18 73.67 -40.25
CA THR B 742 -22.37 74.51 -40.45
C THR B 742 -21.97 75.94 -40.56
N ARG B 743 -21.01 76.36 -39.79
CA ARG B 743 -20.53 77.73 -39.77
C ARG B 743 -20.32 78.30 -41.19
N GLY B 744 -19.82 77.49 -42.13
CA GLY B 744 -19.61 77.96 -43.50
C GLY B 744 -20.72 77.61 -44.52
N VAL B 745 -21.86 77.07 -44.08
CA VAL B 745 -22.91 76.58 -44.99
C VAL B 745 -24.09 77.60 -45.10
N PRO B 746 -24.57 77.93 -46.32
CA PRO B 746 -25.68 78.82 -46.63
C PRO B 746 -26.95 78.49 -45.85
N GLU B 747 -27.72 79.53 -45.52
CA GLU B 747 -28.93 79.50 -44.71
C GLU B 747 -30.09 78.61 -45.18
N THR B 748 -30.15 78.25 -46.45
CA THR B 748 -31.24 77.39 -46.91
C THR B 748 -31.05 75.98 -46.37
N PHE B 749 -29.89 75.73 -45.75
CA PHE B 749 -29.54 74.47 -45.15
C PHE B 749 -29.57 74.50 -43.64
N ASN B 750 -30.31 75.44 -43.05
CA ASN B 750 -30.37 75.55 -41.58
C ASN B 750 -31.02 74.32 -40.98
N GLU B 751 -31.58 73.47 -41.82
CA GLU B 751 -32.20 72.20 -41.44
C GLU B 751 -31.14 71.29 -40.86
N ALA B 752 -29.88 71.60 -41.15
CA ALA B 752 -28.77 70.87 -40.63
C ALA B 752 -28.61 71.12 -39.14
N LYS B 753 -28.97 72.31 -38.66
CA LYS B 753 -28.68 72.68 -37.29
C LYS B 753 -29.20 71.62 -36.32
N PRO B 754 -30.48 71.22 -36.35
CA PRO B 754 -31.04 70.18 -35.55
C PRO B 754 -30.60 68.77 -35.91
N ILE B 755 -29.96 68.55 -37.08
CA ILE B 755 -29.53 67.19 -37.36
C ILE B 755 -28.31 67.10 -36.52
N GLY B 756 -27.52 68.14 -36.61
CA GLY B 756 -26.27 68.24 -35.89
C GLY B 756 -26.55 68.10 -34.41
N PHE B 757 -27.41 68.91 -33.86
CA PHE B 757 -27.66 68.81 -32.44
C PHE B 757 -28.18 67.42 -32.10
N THR B 758 -29.06 66.88 -32.94
CA THR B 758 -29.58 65.54 -32.68
C THR B 758 -28.47 64.55 -32.55
N MET B 759 -27.52 64.58 -33.47
CA MET B 759 -26.52 63.54 -33.46
C MET B 759 -25.53 63.73 -32.33
N TYR B 760 -25.30 64.97 -31.94
CA TYR B 760 -24.43 65.33 -30.84
C TYR B 760 -25.11 64.84 -29.59
N THR B 761 -26.42 65.05 -29.55
CA THR B 761 -27.25 64.71 -28.43
C THR B 761 -27.27 63.22 -28.20
N THR B 762 -27.49 62.47 -29.27
CA THR B 762 -27.60 61.03 -29.19
C THR B 762 -26.19 60.44 -29.02
N CYS B 763 -25.16 61.13 -29.50
CA CYS B 763 -23.78 60.73 -29.19
C CYS B 763 -23.61 60.77 -27.67
N ILE B 764 -24.05 61.86 -27.03
CA ILE B 764 -23.96 62.01 -25.60
C ILE B 764 -24.72 60.88 -24.92
N VAL B 765 -25.89 60.52 -25.43
CA VAL B 765 -26.63 59.39 -24.89
C VAL B 765 -25.81 58.12 -24.98
N TRP B 766 -25.19 57.86 -26.12
CA TRP B 766 -24.40 56.65 -26.23
C TRP B 766 -23.07 56.75 -25.47
N LEU B 767 -22.55 57.96 -25.28
CA LEU B 767 -21.38 58.11 -24.42
C LEU B 767 -21.80 57.85 -22.98
N ALA B 768 -23.00 58.31 -22.61
CA ALA B 768 -23.56 58.05 -21.28
C ALA B 768 -23.83 56.57 -21.07
N PHE B 769 -24.22 55.88 -22.15
CA PHE B 769 -24.49 54.44 -22.15
C PHE B 769 -23.34 53.56 -21.74
N ILE B 770 -22.15 53.72 -22.34
CA ILE B 770 -21.12 52.73 -22.01
C ILE B 770 -20.76 52.66 -20.51
N PRO B 771 -20.58 53.78 -19.76
CA PRO B 771 -20.43 53.83 -18.31
C PRO B 771 -21.60 53.24 -17.51
N ILE B 772 -22.75 53.05 -18.14
CA ILE B 772 -23.92 52.53 -17.45
C ILE B 772 -24.03 51.04 -17.70
N PHE B 773 -23.87 50.64 -18.95
CA PHE B 773 -23.95 49.25 -19.31
C PHE B 773 -22.71 48.49 -18.88
N PHE B 774 -21.54 49.04 -19.18
CA PHE B 774 -20.33 48.29 -18.90
C PHE B 774 -19.70 48.76 -17.60
N GLY B 775 -19.91 50.03 -17.26
CA GLY B 775 -19.27 50.67 -16.12
C GLY B 775 -19.89 50.23 -14.81
N THR B 776 -20.96 49.45 -14.93
CA THR B 776 -21.77 48.89 -13.86
C THR B 776 -21.64 47.38 -13.85
N SER B 777 -20.79 46.80 -14.69
CA SER B 777 -20.75 45.35 -14.88
C SER B 777 -20.33 44.59 -13.62
N GLN B 778 -19.66 45.28 -12.70
CA GLN B 778 -19.26 44.73 -11.42
C GLN B 778 -20.44 44.52 -10.46
N SER B 779 -21.60 45.09 -10.77
CA SER B 779 -22.77 45.00 -9.88
C SER B 779 -23.89 44.11 -10.37
N ALA B 780 -24.52 43.40 -9.43
CA ALA B 780 -25.65 42.51 -9.73
C ALA B 780 -26.81 43.26 -10.37
N ASP B 781 -26.89 44.55 -10.04
CA ASP B 781 -27.94 45.44 -10.51
C ASP B 781 -27.99 45.58 -12.02
N LYS B 782 -26.96 45.08 -12.71
CA LYS B 782 -26.92 45.16 -14.16
C LYS B 782 -28.11 44.50 -14.80
N LEU B 783 -28.76 43.58 -14.09
CA LEU B 783 -29.90 42.88 -14.63
C LEU B 783 -31.03 43.83 -15.02
N TYR B 784 -31.15 45.01 -14.38
CA TYR B 784 -32.19 45.92 -14.81
C TYR B 784 -31.55 47.12 -15.45
N ILE B 785 -30.34 47.46 -15.03
CA ILE B 785 -29.72 48.67 -15.54
C ILE B 785 -29.45 48.50 -17.02
N GLN B 786 -28.89 47.35 -17.41
CA GLN B 786 -28.49 47.16 -18.78
C GLN B 786 -29.73 47.09 -19.67
N THR B 787 -30.74 46.34 -19.22
CA THR B 787 -31.92 46.18 -20.04
C THR B 787 -32.68 47.49 -20.10
N THR B 788 -32.67 48.26 -19.00
CA THR B 788 -33.41 49.51 -19.04
C THR B 788 -32.68 50.53 -19.89
N THR B 789 -31.37 50.65 -19.75
CA THR B 789 -30.72 51.78 -20.40
C THR B 789 -30.88 51.57 -21.92
N LEU B 790 -30.89 50.31 -22.36
CA LEU B 790 -31.00 49.99 -23.78
C LEU B 790 -32.35 50.34 -24.38
N THR B 791 -33.44 49.93 -23.71
CA THR B 791 -34.78 50.18 -24.22
C THR B 791 -35.07 51.65 -24.19
N VAL B 792 -34.52 52.33 -23.18
CA VAL B 792 -34.64 53.76 -23.08
C VAL B 792 -33.81 54.42 -24.14
N SER B 793 -32.57 53.95 -24.41
CA SER B 793 -31.78 54.61 -25.42
C SER B 793 -32.52 54.57 -26.76
N VAL B 794 -33.26 53.50 -27.02
CA VAL B 794 -34.02 53.42 -28.28
C VAL B 794 -35.02 54.55 -28.37
N SER B 795 -35.75 54.78 -27.29
CA SER B 795 -36.71 55.86 -27.23
C SER B 795 -36.06 57.22 -27.30
N LEU B 796 -34.87 57.35 -26.74
CA LEU B 796 -34.18 58.61 -26.79
C LEU B 796 -33.70 58.95 -28.18
N SER B 797 -33.10 58.00 -28.89
CA SER B 797 -32.64 58.41 -30.21
C SER B 797 -33.84 58.80 -31.04
N ALA B 798 -34.89 58.00 -30.91
CA ALA B 798 -36.13 58.30 -31.55
C ALA B 798 -36.76 59.60 -31.10
N SER B 799 -36.68 59.94 -29.81
CA SER B 799 -37.40 61.12 -29.36
C SER B 799 -36.63 62.36 -29.70
N VAL B 800 -35.32 62.28 -29.62
CA VAL B 800 -34.55 63.44 -29.91
C VAL B 800 -34.70 63.80 -31.36
N SER B 801 -34.69 62.83 -32.28
CA SER B 801 -34.85 63.27 -33.64
C SER B 801 -36.18 64.02 -33.81
N LEU B 802 -37.27 63.53 -33.20
CA LEU B 802 -38.51 64.27 -33.38
C LEU B 802 -38.38 65.63 -32.74
N GLY B 803 -37.86 65.72 -31.51
CA GLY B 803 -37.86 66.99 -30.80
C GLY B 803 -37.05 68.10 -31.49
N MET B 804 -35.91 67.75 -32.09
CA MET B 804 -35.08 68.74 -32.77
C MET B 804 -35.38 68.96 -34.25
N LEU B 805 -35.65 67.90 -35.01
CA LEU B 805 -35.76 68.01 -36.45
C LEU B 805 -37.16 68.14 -37.00
N TYR B 806 -38.16 67.63 -36.31
CA TYR B 806 -39.47 67.63 -36.92
C TYR B 806 -40.45 68.51 -36.17
N MET B 807 -40.58 68.36 -34.86
CA MET B 807 -41.60 69.10 -34.15
C MET B 807 -41.57 70.62 -34.32
N PRO B 808 -40.41 71.31 -34.40
CA PRO B 808 -40.34 72.74 -34.60
C PRO B 808 -40.99 73.16 -35.92
N LYS B 809 -41.14 72.21 -36.85
CA LYS B 809 -41.72 72.53 -38.12
C LYS B 809 -43.14 71.99 -38.15
N VAL B 810 -43.48 70.97 -37.36
CA VAL B 810 -44.84 70.39 -37.36
C VAL B 810 -45.86 71.41 -36.93
N TYR B 811 -45.55 72.25 -35.94
CA TYR B 811 -46.53 73.25 -35.54
C TYR B 811 -46.96 74.03 -36.80
N ILE B 812 -45.95 74.49 -37.51
CA ILE B 812 -46.06 75.26 -38.73
C ILE B 812 -46.69 74.42 -39.86
N ILE B 813 -46.31 73.15 -40.03
CA ILE B 813 -46.90 72.34 -41.09
C ILE B 813 -48.37 72.17 -40.86
N LEU B 814 -48.75 71.89 -39.62
CA LEU B 814 -50.14 71.70 -39.26
C LEU B 814 -51.02 72.92 -39.48
N PHE B 815 -50.53 74.10 -39.08
CA PHE B 815 -51.34 75.29 -39.30
C PHE B 815 -51.00 76.10 -40.55
N HIS B 816 -49.82 75.92 -41.13
CA HIS B 816 -49.40 76.64 -42.32
C HIS B 816 -48.68 75.70 -43.32
N PRO B 817 -49.39 74.78 -44.02
CA PRO B 817 -48.88 73.80 -44.98
C PRO B 817 -48.08 74.40 -46.14
N GLU B 818 -48.32 75.68 -46.43
CA GLU B 818 -47.65 76.38 -47.52
C GLU B 818 -46.23 76.92 -47.19
N GLN B 819 -45.83 76.96 -45.89
CA GLN B 819 -44.58 77.56 -45.41
C GLN B 819 -43.45 76.52 -45.52
C10 W92 C . 21.81 -37.04 13.04
C13 W92 C . 23.35 -36.75 13.39
O01 W92 C . 19.96 -38.09 13.83
O02 W92 C . 19.63 -39.00 10.47
O03 W92 C . 18.06 -37.78 11.37
O04 W92 C . 24.26 -37.47 12.90
O05 W92 C . 23.69 -35.78 14.12
N06 W92 C . 21.39 -35.86 12.28
C07 W92 C . 21.76 -38.25 12.39
C08 W92 C . 20.72 -39.09 13.28
C09 W92 C . 20.22 -37.79 12.50
C11 W92 C . 21.05 -37.15 14.40
C12 W92 C . 19.25 -38.21 11.37
#